data_9C1Y
#
_entry.id   9C1Y
#
_cell.length_a   51.973
_cell.length_b   164.131
_cell.length_c   118.630
_cell.angle_alpha   90.00
_cell.angle_beta   90.00
_cell.angle_gamma   90.00
#
_symmetry.space_group_name_H-M   'P 1 21 1'
#
loop_
_entity.id
_entity.type
_entity.pdbx_description
1 polymer 'Nitric oxide synthase, brain'
2 non-polymer 'PROTOPORPHYRIN IX CONTAINING FE'
3 non-polymer 7-{[3-({[4-(6-aminopyridin-2-yl)butyl]amino}methyl)phenoxy]methyl}quinolin-2-amine
4 non-polymer GLYCEROL
5 non-polymer 'ZINC ION'
6 water water
#
_entity_poly.entity_id   1
_entity_poly.type   'polypeptide(L)'
_entity_poly.pdbx_seq_one_letter_code
;CPRFLKVKNWETEVVLTDTLHLKSTLETGCTEYICMGSIMHPSQHARRPEDVATKDQLFPLAKEFIDQYYSSIKRFGSKA
HMERLEEVNKEIDTTSTYQLKDTELIYGAKHAWRNASRCVGRIQWSKLQVFDARDCTTAHGMFNYICNHVKYATNKGNLR
SAITIFPQRTDGKHDFRVWNSQLIRYAGYKQPDGSTLGDPANVQFTEICIQQGWKPPRGRFDVLPLLLQANGNDPELFQI
PPELVLEVPIRHPKFEWFKDLGLKWYGLPAVSNMLLEIGGLEFSACPFSGWYMGTEIGVRDYCDNSRYNILEEVAKKMNL
DMRKTSSLWKDQALVEINIAVLYSFQSDKVTIVDHHSATESFIKHMENEYRCRGGCPADWVWIVPPMSGSITPVFHQEML
NYRLTPSFEYQPDPWNTHVWKLV
;
_entity_poly.pdbx_strand_id   A,B,C,D
#
loop_
_chem_comp.id
_chem_comp.type
_chem_comp.name
_chem_comp.formula
GOL non-polymer GLYCEROL 'C3 H8 O3'
HEM non-polymer 'PROTOPORPHYRIN IX CONTAINING FE' 'C34 H32 Fe N4 O4'
V5D non-polymer 7-{[3-({[4-(6-aminopyridin-2-yl)butyl]amino}methyl)phenoxy]methyl}quinolin-2-amine 'C26 H29 N5 O'
ZN non-polymer 'ZINC ION' 'Zn 2'
#
# COMPACT_ATOMS: atom_id res chain seq x y z
N PRO A 2 -4.71 -8.39 18.98
CA PRO A 2 -5.82 -7.67 19.60
C PRO A 2 -6.08 -6.31 18.97
N ARG A 3 -5.02 -5.53 18.75
CA ARG A 3 -5.11 -4.16 18.25
C ARG A 3 -3.72 -3.63 17.96
N PHE A 4 -2.77 -4.04 18.80
CA PHE A 4 -1.36 -3.66 18.76
C PHE A 4 -0.69 -4.45 19.86
N LEU A 5 0.45 -5.05 19.58
CA LEU A 5 1.11 -5.92 20.55
C LEU A 5 2.49 -5.36 20.86
N LYS A 6 2.70 -5.03 22.13
CA LYS A 6 3.98 -4.51 22.58
C LYS A 6 4.97 -5.64 22.82
N VAL A 7 6.23 -5.37 22.54
CA VAL A 7 7.34 -6.25 22.88
C VAL A 7 8.30 -5.44 23.72
N LYS A 8 8.96 -6.10 24.65
CA LYS A 8 9.80 -5.42 25.64
C LYS A 8 11.17 -6.05 25.67
N ASN A 9 12.21 -5.21 25.72
CA ASN A 9 13.55 -5.65 26.03
C ASN A 9 13.78 -5.47 27.53
N TRP A 10 13.96 -6.57 28.26
CA TRP A 10 14.04 -6.48 29.72
C TRP A 10 15.40 -6.02 30.23
N GLU A 11 16.41 -5.87 29.37
CA GLU A 11 17.62 -5.18 29.79
C GLU A 11 17.49 -3.66 29.64
N THR A 12 17.03 -3.20 28.48
CA THR A 12 16.97 -1.78 28.18
C THR A 12 15.63 -1.13 28.50
N GLU A 13 14.59 -1.94 28.71
CA GLU A 13 13.20 -1.52 28.88
C GLU A 13 12.62 -0.89 27.61
N VAL A 14 13.34 -0.91 26.49
CA VAL A 14 12.75 -0.47 25.23
C VAL A 14 11.52 -1.31 24.92
N VAL A 15 10.43 -0.63 24.58
CA VAL A 15 9.19 -1.27 24.16
C VAL A 15 8.92 -0.88 22.72
N LEU A 16 8.76 -1.88 21.86
CA LEU A 16 8.32 -1.65 20.50
C LEU A 16 6.85 -2.09 20.40
N THR A 17 6.11 -1.44 19.51
CA THR A 17 4.68 -1.72 19.33
C THR A 17 4.44 -2.24 17.93
N ASP A 18 3.85 -3.43 17.83
CA ASP A 18 3.78 -4.21 16.61
C ASP A 18 2.38 -4.11 16.00
N THR A 19 2.29 -3.59 14.78
CA THR A 19 1.06 -3.67 14.00
C THR A 19 1.20 -4.47 12.73
N LEU A 20 2.43 -4.82 12.33
CA LEU A 20 2.64 -5.54 11.08
C LEU A 20 2.04 -6.93 11.13
N HIS A 21 2.03 -7.55 12.31
CA HIS A 21 1.41 -8.85 12.48
C HIS A 21 -0.03 -8.89 11.99
N LEU A 22 -0.69 -7.73 11.91
CA LEU A 22 -2.08 -7.72 11.44
C LEU A 22 -2.18 -8.12 9.98
N LYS A 23 -1.06 -8.14 9.25
CA LYS A 23 -1.02 -8.64 7.87
C LYS A 23 -0.54 -10.08 7.79
N SER A 24 -0.73 -10.88 8.84
CA SER A 24 -0.28 -12.26 8.83
C SER A 24 -1.30 -13.14 8.13
N THR A 25 -0.81 -14.05 7.29
CA THR A 25 -1.71 -14.80 6.41
C THR A 25 -1.97 -16.23 6.90
N LEU A 26 -0.94 -16.96 7.28
CA LEU A 26 -1.08 -18.39 7.54
C LEU A 26 -0.71 -18.75 8.98
N GLU A 27 -1.23 -19.89 9.41
CA GLU A 27 -1.20 -20.28 10.82
C GLU A 27 0.21 -20.59 11.30
N THR A 28 0.49 -20.21 12.56
CA THR A 28 1.74 -20.56 13.21
C THR A 28 1.76 -21.98 13.75
N GLY A 29 0.59 -22.55 14.05
CA GLY A 29 0.48 -23.81 14.74
C GLY A 29 0.00 -23.65 16.17
N CYS A 30 0.16 -22.46 16.73
CA CYS A 30 -0.29 -22.20 18.08
C CYS A 30 -1.80 -22.01 18.13
N THR A 31 -2.34 -22.17 19.32
CA THR A 31 -3.71 -21.81 19.62
C THR A 31 -3.70 -20.97 20.89
N GLU A 32 -4.89 -20.50 21.28
CA GLU A 32 -5.08 -19.94 22.61
C GLU A 32 -4.55 -20.90 23.68
N TYR A 33 -4.61 -22.21 23.43
CA TYR A 33 -4.38 -23.22 24.45
C TYR A 33 -3.04 -23.93 24.34
N ILE A 34 -2.44 -24.01 23.16
CA ILE A 34 -1.15 -24.65 23.02
C ILE A 34 -0.20 -23.75 22.24
N CYS A 35 1.08 -23.80 22.59
CA CYS A 35 2.13 -23.10 21.88
C CYS A 35 3.08 -24.11 21.28
N MET A 36 3.36 -23.96 19.99
CA MET A 36 4.26 -24.82 19.24
C MET A 36 5.56 -24.10 18.88
N GLY A 37 5.94 -23.10 19.66
CA GLY A 37 7.12 -22.30 19.37
C GLY A 37 8.41 -23.08 19.24
N SER A 38 8.44 -24.34 19.66
CA SER A 38 9.66 -25.13 19.61
C SER A 38 9.48 -26.38 18.75
N ILE A 39 8.38 -26.48 18.03
CA ILE A 39 8.22 -27.48 16.98
C ILE A 39 8.94 -27.00 15.73
N MET A 40 9.66 -27.92 15.08
CA MET A 40 10.43 -27.53 13.91
C MET A 40 9.52 -27.12 12.75
N HIS A 41 8.56 -27.98 12.40
CA HIS A 41 7.52 -27.67 11.42
C HIS A 41 6.16 -27.77 12.11
N PRO A 42 5.67 -26.68 12.70
CA PRO A 42 4.40 -26.77 13.47
C PRO A 42 3.14 -26.85 12.61
N SER A 43 3.14 -26.26 11.41
CA SER A 43 1.93 -26.18 10.60
C SER A 43 2.20 -26.67 9.17
N GLN A 44 1.12 -27.12 8.53
CA GLN A 44 1.11 -27.44 7.10
C GLN A 44 0.12 -26.54 6.35
N HIS A 45 -0.21 -25.39 6.91
CA HIS A 45 -1.13 -24.45 6.29
C HIS A 45 -0.50 -23.85 5.05
N ALA A 46 -0.66 -24.52 3.92
CA ALA A 46 -0.26 -23.98 2.63
C ALA A 46 -1.27 -22.94 2.16
N ARG A 47 -0.89 -22.19 1.14
CA ARG A 47 -1.79 -21.22 0.53
C ARG A 47 -2.51 -21.76 -0.69
N ARG A 48 -2.15 -22.95 -1.18
CA ARG A 48 -2.74 -23.51 -2.38
C ARG A 48 -2.71 -25.03 -2.28
N PRO A 49 -3.62 -25.74 -2.97
CA PRO A 49 -3.62 -27.21 -2.92
C PRO A 49 -2.32 -27.88 -3.38
N GLU A 50 -2.31 -29.22 -3.37
CA GLU A 50 -1.05 -29.96 -3.48
C GLU A 50 -0.34 -29.71 -4.81
N ASP A 51 -1.10 -29.55 -5.90
CA ASP A 51 -0.48 -29.07 -7.13
C ASP A 51 -1.41 -28.16 -7.91
N VAL A 52 -1.45 -28.32 -9.25
CA VAL A 52 -2.01 -27.33 -10.17
C VAL A 52 -3.41 -26.90 -9.75
N ALA A 53 -3.52 -25.63 -9.36
CA ALA A 53 -4.72 -25.07 -8.75
C ALA A 53 -5.61 -24.40 -9.78
N THR A 54 -6.89 -24.32 -9.46
CA THR A 54 -7.84 -23.59 -10.30
C THR A 54 -7.55 -22.09 -10.22
N LYS A 55 -8.26 -21.31 -11.04
CA LYS A 55 -8.01 -19.87 -11.08
C LYS A 55 -8.37 -19.22 -9.75
N ASP A 56 -9.54 -19.58 -9.18
CA ASP A 56 -9.99 -18.99 -7.93
C ASP A 56 -9.08 -19.33 -6.75
N GLN A 57 -8.18 -20.30 -6.91
CA GLN A 57 -7.17 -20.62 -5.91
C GLN A 57 -5.88 -19.83 -6.12
N LEU A 58 -5.43 -19.69 -7.37
CA LEU A 58 -4.17 -19.01 -7.61
C LEU A 58 -4.31 -17.48 -7.72
N PHE A 59 -5.35 -16.98 -8.37
CA PHE A 59 -5.42 -15.54 -8.63
C PHE A 59 -5.49 -14.69 -7.37
N PRO A 60 -6.30 -15.02 -6.34
CA PRO A 60 -6.28 -14.19 -5.12
C PRO A 60 -4.91 -14.05 -4.51
N LEU A 61 -4.11 -15.12 -4.55
CA LEU A 61 -2.72 -15.06 -4.09
C LEU A 61 -1.91 -14.14 -4.98
N ALA A 62 -2.07 -14.29 -6.30
CA ALA A 62 -1.36 -13.43 -7.23
C ALA A 62 -1.73 -11.97 -7.02
N LYS A 63 -3.03 -11.69 -6.90
CA LYS A 63 -3.47 -10.32 -6.71
C LYS A 63 -2.83 -9.71 -5.47
N GLU A 64 -2.86 -10.44 -4.35
CA GLU A 64 -2.35 -9.88 -3.10
C GLU A 64 -0.88 -9.48 -3.23
N PHE A 65 -0.07 -10.33 -3.84
CA PHE A 65 1.35 -10.00 -3.99
C PHE A 65 1.56 -8.79 -4.90
N ILE A 66 0.90 -8.78 -6.07
CA ILE A 66 1.05 -7.67 -7.01
C ILE A 66 0.56 -6.37 -6.38
N ASP A 67 -0.55 -6.46 -5.63
CA ASP A 67 -1.03 -5.33 -4.83
C ASP A 67 0.06 -4.82 -3.91
N GLN A 68 0.66 -5.72 -3.13
CA GLN A 68 1.71 -5.34 -2.20
C GLN A 68 2.93 -4.78 -2.92
N TYR A 69 3.26 -5.31 -4.09
CA TYR A 69 4.40 -4.79 -4.84
C TYR A 69 4.15 -3.37 -5.35
N TYR A 70 2.97 -3.14 -5.94
CA TYR A 70 2.67 -1.80 -6.42
C TYR A 70 2.41 -0.83 -5.28
N SER A 71 1.98 -1.33 -4.12
CA SER A 71 1.93 -0.47 -2.94
C SER A 71 3.34 -0.11 -2.50
N SER A 72 4.26 -1.08 -2.55
CA SER A 72 5.64 -0.84 -2.13
C SER A 72 6.25 0.36 -2.85
N ILE A 73 5.94 0.53 -4.14
CA ILE A 73 6.53 1.61 -4.94
C ILE A 73 5.55 2.77 -5.13
N LYS A 74 4.54 2.89 -4.26
CA LYS A 74 3.63 4.03 -4.24
C LYS A 74 2.96 4.22 -5.60
N ARG A 75 2.53 3.11 -6.19
CA ARG A 75 1.54 3.19 -7.26
C ARG A 75 0.19 2.77 -6.68
N PHE A 76 -0.26 1.57 -7.03
CA PHE A 76 -1.55 1.03 -6.59
C PHE A 76 -2.69 1.77 -7.27
N GLY A 77 -3.53 1.04 -8.00
CA GLY A 77 -4.54 1.64 -8.83
C GLY A 77 -4.02 2.32 -10.09
N SER A 78 -2.70 2.35 -10.29
CA SER A 78 -2.11 2.97 -11.45
C SER A 78 -2.37 2.15 -12.70
N LYS A 79 -2.08 2.76 -13.85
CA LYS A 79 -2.20 2.06 -15.13
C LYS A 79 -1.42 0.76 -15.13
N ALA A 80 -0.14 0.82 -14.71
CA ALA A 80 0.69 -0.38 -14.69
C ALA A 80 0.09 -1.45 -13.77
N HIS A 81 -0.44 -1.04 -12.60
CA HIS A 81 -0.99 -1.99 -11.63
C HIS A 81 -2.25 -2.66 -12.16
N MET A 82 -3.22 -1.86 -12.62
CA MET A 82 -4.43 -2.46 -13.17
C MET A 82 -4.12 -3.28 -14.42
N GLU A 83 -3.18 -2.82 -15.25
CA GLU A 83 -2.79 -3.59 -16.42
C GLU A 83 -2.14 -4.90 -16.00
N ARG A 84 -1.36 -4.88 -14.92
CA ARG A 84 -0.67 -6.09 -14.50
C ARG A 84 -1.64 -7.14 -13.99
N LEU A 85 -2.64 -6.73 -13.20
CA LEU A 85 -3.67 -7.67 -12.76
C LEU A 85 -4.35 -8.36 -13.93
N GLU A 86 -4.69 -7.58 -14.97
CA GLU A 86 -5.31 -8.15 -16.15
C GLU A 86 -4.36 -9.10 -16.87
N GLU A 87 -3.07 -8.77 -16.87
CA GLU A 87 -2.06 -9.63 -17.46
C GLU A 87 -1.93 -10.95 -16.70
N VAL A 88 -1.91 -10.89 -15.37
CA VAL A 88 -1.87 -12.12 -14.58
C VAL A 88 -3.13 -12.94 -14.82
N ASN A 89 -4.28 -12.27 -14.91
CA ASN A 89 -5.55 -12.95 -15.16
C ASN A 89 -5.50 -13.75 -16.47
N LYS A 90 -5.24 -13.07 -17.59
CA LYS A 90 -5.19 -13.76 -18.89
C LYS A 90 -4.17 -14.88 -18.87
N GLU A 91 -3.05 -14.66 -18.18
CA GLU A 91 -1.97 -15.63 -18.17
C GLU A 91 -2.37 -16.90 -17.44
N ILE A 92 -3.10 -16.78 -16.33
CA ILE A 92 -3.61 -17.96 -15.64
C ILE A 92 -4.70 -18.63 -16.46
N ASP A 93 -5.58 -17.83 -17.07
CA ASP A 93 -6.62 -18.37 -17.96
C ASP A 93 -6.06 -19.29 -19.03
N THR A 94 -4.86 -19.01 -19.51
CA THR A 94 -4.34 -19.70 -20.68
C THR A 94 -3.20 -20.66 -20.38
N THR A 95 -2.51 -20.53 -19.24
CA THR A 95 -1.45 -21.46 -18.86
C THR A 95 -1.59 -22.03 -17.44
N SER A 96 -2.67 -21.72 -16.72
CA SER A 96 -2.91 -22.12 -15.33
C SER A 96 -1.88 -21.57 -14.35
N THR A 97 -0.95 -20.71 -14.79
CA THR A 97 0.00 -20.08 -13.89
C THR A 97 0.25 -18.66 -14.40
N TYR A 98 1.21 -17.96 -13.80
CA TYR A 98 1.66 -16.69 -14.33
C TYR A 98 3.16 -16.54 -14.06
N GLN A 99 3.76 -15.57 -14.72
CA GLN A 99 5.21 -15.36 -14.66
C GLN A 99 5.49 -13.99 -14.06
N LEU A 100 6.34 -13.96 -13.05
CA LEU A 100 6.72 -12.70 -12.42
C LEU A 100 7.61 -11.90 -13.36
N LYS A 101 7.38 -10.58 -13.35
CA LYS A 101 8.34 -9.63 -13.89
C LYS A 101 9.65 -9.70 -13.10
N ASP A 102 10.72 -9.17 -13.72
CA ASP A 102 12.02 -9.15 -13.06
C ASP A 102 12.00 -8.27 -11.82
N THR A 103 11.33 -7.12 -11.90
CA THR A 103 11.14 -6.29 -10.71
C THR A 103 10.39 -7.07 -9.62
N GLU A 104 9.30 -7.74 -10.01
CA GLU A 104 8.50 -8.52 -9.09
C GLU A 104 9.31 -9.65 -8.48
N LEU A 105 10.13 -10.33 -9.29
CA LEU A 105 10.95 -11.44 -8.78
C LEU A 105 11.98 -10.95 -7.76
N ILE A 106 12.58 -9.80 -8.02
CA ILE A 106 13.59 -9.28 -7.10
C ILE A 106 12.95 -8.82 -5.79
N TYR A 107 11.82 -8.14 -5.88
CA TYR A 107 11.13 -7.67 -4.69
C TYR A 107 10.74 -8.85 -3.79
N GLY A 108 10.16 -9.88 -4.39
CA GLY A 108 9.72 -11.04 -3.63
C GLY A 108 10.86 -11.81 -3.00
N ALA A 109 11.96 -12.01 -3.75
CA ALA A 109 13.13 -12.64 -3.14
C ALA A 109 13.57 -11.88 -1.89
N LYS A 110 13.72 -10.57 -2.00
CA LYS A 110 14.27 -9.82 -0.89
C LYS A 110 13.32 -9.81 0.31
N HIS A 111 12.02 -9.82 0.06
CA HIS A 111 11.04 -9.80 1.12
C HIS A 111 10.82 -11.18 1.73
N ALA A 112 11.07 -12.25 0.97
CA ALA A 112 11.13 -13.56 1.61
C ALA A 112 12.30 -13.62 2.58
N TRP A 113 13.43 -12.97 2.26
CA TRP A 113 14.52 -12.88 3.23
C TRP A 113 14.12 -11.99 4.41
N ARG A 114 13.63 -10.80 4.12
CA ARG A 114 13.16 -9.89 5.15
C ARG A 114 12.19 -10.57 6.10
N ASN A 115 11.38 -11.51 5.60
CA ASN A 115 10.33 -12.12 6.38
C ASN A 115 10.78 -13.38 7.10
N ALA A 116 12.04 -13.80 6.90
CA ALA A 116 12.50 -15.06 7.47
C ALA A 116 12.66 -14.90 8.99
N SER A 117 11.60 -15.23 9.72
CA SER A 117 11.55 -14.93 11.14
CA SER A 117 11.52 -14.98 11.16
C SER A 117 12.66 -15.62 11.93
N ARG A 118 13.31 -16.62 11.36
CA ARG A 118 14.37 -17.36 12.02
C ARG A 118 15.76 -16.81 11.76
N CYS A 119 15.90 -15.82 10.88
CA CYS A 119 17.20 -15.40 10.40
C CYS A 119 17.70 -14.19 11.18
N VAL A 120 18.83 -14.36 11.88
CA VAL A 120 19.43 -13.23 12.59
C VAL A 120 20.17 -12.28 11.66
N GLY A 121 20.43 -12.67 10.41
CA GLY A 121 21.22 -11.88 9.49
C GLY A 121 20.46 -10.86 8.67
N ARG A 122 19.18 -10.60 8.98
CA ARG A 122 18.29 -9.83 8.11
C ARG A 122 18.54 -8.32 8.12
N ILE A 123 19.54 -7.81 8.84
CA ILE A 123 19.88 -6.39 8.74
C ILE A 123 20.21 -6.03 7.29
N GLN A 124 20.75 -7.01 6.54
CA GLN A 124 21.26 -6.88 5.19
C GLN A 124 20.25 -7.28 4.11
N TRP A 125 18.96 -7.29 4.42
CA TRP A 125 18.01 -8.01 3.56
C TRP A 125 17.88 -7.38 2.18
N SER A 126 17.92 -6.05 2.11
CA SER A 126 17.74 -5.37 0.83
C SER A 126 18.99 -5.38 -0.04
N LYS A 127 20.10 -5.87 0.49
CA LYS A 127 21.35 -5.97 -0.25
C LYS A 127 21.52 -7.46 -0.60
N LEU A 128 20.76 -7.91 -1.60
CA LEU A 128 20.74 -9.30 -2.02
C LEU A 128 20.82 -9.36 -3.54
N GLN A 129 21.79 -10.09 -4.08
CA GLN A 129 21.96 -10.23 -5.52
C GLN A 129 21.07 -11.37 -6.02
N VAL A 130 20.13 -11.05 -6.91
CA VAL A 130 19.19 -12.05 -7.44
C VAL A 130 19.68 -12.45 -8.82
N PHE A 131 19.87 -13.77 -9.03
CA PHE A 131 20.24 -14.34 -10.33
C PHE A 131 19.05 -15.10 -10.88
N ASP A 132 18.43 -14.53 -11.90
CA ASP A 132 17.28 -15.15 -12.55
C ASP A 132 17.75 -16.32 -13.41
N ALA A 133 17.31 -17.52 -13.06
CA ALA A 133 17.66 -18.72 -13.80
C ALA A 133 16.41 -19.43 -14.31
N ARG A 134 15.32 -18.68 -14.52
CA ARG A 134 14.09 -19.29 -14.97
C ARG A 134 14.13 -19.73 -16.44
N ASP A 135 15.22 -19.43 -17.16
CA ASP A 135 15.34 -19.94 -18.52
C ASP A 135 16.00 -21.31 -18.55
N CYS A 136 16.42 -21.82 -17.38
CA CYS A 136 17.13 -23.08 -17.29
C CYS A 136 16.22 -24.24 -17.68
N THR A 137 16.81 -25.26 -18.33
CA THR A 137 16.04 -26.44 -18.71
C THR A 137 16.71 -27.77 -18.37
N THR A 138 18.00 -27.82 -18.07
CA THR A 138 18.59 -29.11 -17.73
C THR A 138 19.43 -29.02 -16.46
N ALA A 139 19.92 -30.19 -16.02
CA ALA A 139 20.79 -30.25 -14.86
C ALA A 139 22.14 -29.60 -15.13
N HIS A 140 22.69 -29.82 -16.34
CA HIS A 140 23.91 -29.11 -16.74
C HIS A 140 23.73 -27.61 -16.66
N GLY A 141 22.58 -27.10 -17.12
CA GLY A 141 22.31 -25.69 -16.99
C GLY A 141 22.24 -25.25 -15.52
N MET A 142 21.55 -26.04 -14.69
CA MET A 142 21.55 -25.76 -13.25
C MET A 142 22.98 -25.76 -12.71
N PHE A 143 23.80 -26.70 -13.17
CA PHE A 143 25.16 -26.79 -12.66
C PHE A 143 25.96 -25.56 -13.03
N ASN A 144 25.71 -25.02 -14.21
CA ASN A 144 26.38 -23.81 -14.65
C ASN A 144 25.90 -22.61 -13.82
N TYR A 145 24.58 -22.48 -13.68
CA TYR A 145 24.03 -21.39 -12.90
C TYR A 145 24.56 -21.40 -11.47
N ILE A 146 24.58 -22.58 -10.84
CA ILE A 146 25.02 -22.71 -9.46
C ILE A 146 26.50 -22.38 -9.34
N CYS A 147 27.30 -22.84 -10.30
CA CYS A 147 28.72 -22.53 -10.33
C CYS A 147 28.97 -21.03 -10.32
N ASN A 148 28.20 -20.28 -11.12
CA ASN A 148 28.38 -18.84 -11.19
C ASN A 148 27.93 -18.16 -9.90
N HIS A 149 26.81 -18.60 -9.34
CA HIS A 149 26.42 -18.21 -7.98
C HIS A 149 27.59 -18.34 -7.01
N VAL A 150 28.22 -19.52 -6.97
CA VAL A 150 29.27 -19.78 -5.98
C VAL A 150 30.43 -18.82 -6.17
N LYS A 151 30.83 -18.59 -7.42
CA LYS A 151 31.93 -17.68 -7.71
C LYS A 151 31.59 -16.26 -7.31
N TYR A 152 30.42 -15.76 -7.76
CA TYR A 152 30.00 -14.42 -7.38
C TYR A 152 29.92 -14.26 -5.85
N ALA A 153 29.24 -15.18 -5.17
CA ALA A 153 29.00 -15.03 -3.73
C ALA A 153 30.28 -15.13 -2.93
N THR A 154 31.19 -16.07 -3.30
CA THR A 154 32.43 -16.23 -2.55
C THR A 154 33.30 -14.99 -2.67
N ASN A 155 33.35 -14.39 -3.87
CA ASN A 155 34.08 -13.15 -4.17
C ASN A 155 35.46 -13.11 -3.51
N LYS A 156 36.22 -14.20 -3.65
CA LYS A 156 37.59 -14.28 -3.14
C LYS A 156 37.66 -14.04 -1.64
N GLY A 157 36.55 -14.28 -0.91
CA GLY A 157 36.49 -14.11 0.52
C GLY A 157 35.63 -12.96 0.99
N ASN A 158 35.44 -11.94 0.16
CA ASN A 158 34.56 -10.81 0.49
C ASN A 158 33.12 -11.21 0.14
N LEU A 159 32.54 -12.08 0.99
CA LEU A 159 31.31 -12.75 0.61
C LEU A 159 30.17 -11.78 0.36
N ARG A 160 29.33 -12.13 -0.60
CA ARG A 160 28.20 -11.32 -1.03
C ARG A 160 26.95 -12.21 -1.02
N SER A 161 25.85 -11.68 -0.50
CA SER A 161 24.62 -12.47 -0.44
CA SER A 161 24.62 -12.46 -0.45
C SER A 161 24.02 -12.62 -1.84
N ALA A 162 23.49 -13.82 -2.12
CA ALA A 162 22.97 -14.07 -3.45
C ALA A 162 21.92 -15.16 -3.41
N ILE A 163 21.06 -15.16 -4.44
CA ILE A 163 20.06 -16.20 -4.64
C ILE A 163 19.94 -16.45 -6.14
N THR A 164 19.92 -17.72 -6.52
CA THR A 164 19.67 -18.15 -7.88
C THR A 164 18.31 -18.84 -7.91
N ILE A 165 17.43 -18.38 -8.81
CA ILE A 165 16.05 -18.81 -8.81
C ILE A 165 15.73 -19.55 -10.12
N PHE A 166 15.50 -20.85 -9.99
CA PHE A 166 15.22 -21.76 -11.09
C PHE A 166 13.73 -21.78 -11.39
N PRO A 167 13.30 -22.41 -12.49
CA PRO A 167 11.89 -22.30 -12.89
C PRO A 167 10.93 -22.76 -11.78
N GLN A 168 9.83 -22.01 -11.66
CA GLN A 168 8.79 -22.34 -10.71
C GLN A 168 8.17 -23.71 -10.99
N ARG A 169 7.54 -24.24 -9.95
CA ARG A 169 6.84 -25.51 -10.03
C ARG A 169 5.60 -25.36 -10.88
N THR A 170 5.38 -26.33 -11.78
CA THR A 170 4.18 -26.28 -12.61
C THR A 170 3.12 -27.21 -12.02
N ASP A 171 3.26 -28.51 -12.27
CA ASP A 171 2.28 -29.50 -11.84
C ASP A 171 2.79 -30.35 -10.69
N GLY A 172 4.01 -30.12 -10.24
CA GLY A 172 4.59 -30.90 -9.16
C GLY A 172 5.33 -32.14 -9.62
N LYS A 173 5.18 -32.53 -10.88
CA LYS A 173 5.90 -33.67 -11.43
C LYS A 173 7.17 -33.25 -12.14
N HIS A 174 7.23 -32.00 -12.62
CA HIS A 174 8.37 -31.47 -13.34
C HIS A 174 9.24 -30.55 -12.48
N ASP A 175 9.34 -30.83 -11.19
CA ASP A 175 10.05 -29.94 -10.28
C ASP A 175 11.52 -29.76 -10.65
N PHE A 176 12.01 -28.55 -10.46
CA PHE A 176 13.45 -28.34 -10.32
C PHE A 176 13.83 -28.46 -8.84
N ARG A 177 14.89 -29.24 -8.57
CA ARG A 177 15.35 -29.46 -7.21
C ARG A 177 16.86 -29.54 -7.18
N VAL A 178 17.45 -28.86 -6.20
CA VAL A 178 18.80 -29.14 -5.72
C VAL A 178 18.68 -30.18 -4.61
N TRP A 179 19.22 -31.38 -4.82
CA TRP A 179 19.00 -32.43 -3.83
C TRP A 179 19.88 -32.24 -2.61
N ASN A 180 21.02 -31.55 -2.74
CA ASN A 180 21.80 -31.15 -1.57
C ASN A 180 20.98 -30.21 -0.70
N SER A 181 21.23 -30.27 0.62
CA SER A 181 20.65 -29.29 1.52
C SER A 181 21.41 -27.97 1.45
N GLN A 182 22.73 -28.05 1.31
CA GLN A 182 23.57 -26.88 1.03
C GLN A 182 24.48 -27.19 -0.15
N LEU A 183 24.84 -26.14 -0.90
CA LEU A 183 25.69 -26.31 -2.08
C LEU A 183 27.01 -26.95 -1.72
N ILE A 184 27.70 -26.43 -0.69
CA ILE A 184 28.94 -27.02 -0.21
C ILE A 184 28.67 -27.67 1.15
N ARG A 185 28.93 -28.97 1.26
CA ARG A 185 28.87 -29.73 2.51
C ARG A 185 29.84 -30.90 2.43
N TYR A 186 30.29 -31.35 3.59
CA TYR A 186 31.23 -32.46 3.69
C TYR A 186 30.49 -33.79 3.83
N ALA A 187 31.09 -34.85 3.29
CA ALA A 187 30.46 -36.17 3.25
C ALA A 187 30.48 -36.85 4.61
N GLY A 188 29.53 -37.75 4.82
CA GLY A 188 29.54 -38.57 6.01
C GLY A 188 29.49 -40.04 5.69
N TYR A 189 30.53 -40.77 6.05
CA TYR A 189 30.63 -42.20 5.74
C TYR A 189 30.34 -43.03 6.97
N LYS A 190 29.47 -44.02 6.82
CA LYS A 190 29.16 -44.95 7.91
C LYS A 190 30.17 -46.09 7.86
N GLN A 191 30.99 -46.19 8.90
CA GLN A 191 32.02 -47.20 9.00
C GLN A 191 31.43 -48.54 9.43
N PRO A 192 32.00 -49.65 8.96
CA PRO A 192 31.39 -50.96 9.24
C PRO A 192 31.33 -51.31 10.72
N ASP A 193 32.06 -50.59 11.58
CA ASP A 193 32.03 -50.84 13.02
C ASP A 193 31.00 -49.98 13.74
N GLY A 194 30.33 -49.05 13.06
CA GLY A 194 29.25 -48.27 13.61
C GLY A 194 29.59 -46.81 13.82
N SER A 195 30.87 -46.48 13.96
CA SER A 195 31.29 -45.08 14.07
C SER A 195 31.22 -44.41 12.71
N THR A 196 31.27 -43.08 12.71
CA THR A 196 31.12 -42.32 11.47
C THR A 196 32.43 -41.60 11.15
N LEU A 197 32.71 -41.52 9.84
CA LEU A 197 33.88 -40.83 9.30
C LEU A 197 33.40 -39.65 8.47
N GLY A 198 33.91 -38.46 8.78
CA GLY A 198 33.48 -37.24 8.11
C GLY A 198 32.45 -36.48 8.93
N ASP A 199 31.39 -36.04 8.27
CA ASP A 199 30.37 -35.22 8.92
C ASP A 199 29.12 -36.06 9.13
N PRO A 200 28.78 -36.40 10.37
CA PRO A 200 27.65 -37.33 10.59
C PRO A 200 26.31 -36.76 10.20
N ALA A 201 26.22 -35.43 10.06
CA ALA A 201 24.97 -34.81 9.64
C ALA A 201 24.62 -35.14 8.19
N ASN A 202 25.57 -35.61 7.40
CA ASN A 202 25.37 -35.78 5.98
C ASN A 202 25.50 -37.24 5.54
N VAL A 203 25.33 -38.17 6.47
CA VAL A 203 25.52 -39.59 6.15
C VAL A 203 24.51 -40.06 5.12
N GLN A 204 23.22 -39.73 5.31
CA GLN A 204 22.22 -40.24 4.39
C GLN A 204 22.49 -39.76 2.97
N PHE A 205 22.57 -38.44 2.79
CA PHE A 205 22.79 -37.87 1.46
C PHE A 205 24.07 -38.42 0.81
N THR A 206 25.15 -38.51 1.59
CA THR A 206 26.38 -39.12 1.10
C THR A 206 26.13 -40.52 0.57
N GLU A 207 25.31 -41.30 1.27
CA GLU A 207 24.97 -42.63 0.77
C GLU A 207 24.12 -42.55 -0.49
N ILE A 208 23.27 -41.53 -0.59
CA ILE A 208 22.45 -41.37 -1.79
C ILE A 208 23.33 -41.05 -2.99
N CYS A 209 24.36 -40.23 -2.80
CA CYS A 209 25.30 -39.93 -3.88
C CYS A 209 26.07 -41.18 -4.30
N ILE A 210 26.62 -41.90 -3.33
CA ILE A 210 27.35 -43.13 -3.62
C ILE A 210 26.47 -44.09 -4.41
N GLN A 211 25.20 -44.16 -4.02
CA GLN A 211 24.24 -45.02 -4.71
C GLN A 211 23.99 -44.55 -6.14
N GLN A 212 24.17 -43.25 -6.40
CA GLN A 212 23.92 -42.69 -7.72
C GLN A 212 25.14 -42.78 -8.64
N GLY A 213 26.24 -43.37 -8.19
CA GLY A 213 27.44 -43.52 -8.98
C GLY A 213 28.60 -42.67 -8.51
N TRP A 214 28.40 -41.77 -7.56
CA TRP A 214 29.51 -41.00 -7.03
C TRP A 214 30.55 -41.95 -6.44
N LYS A 215 31.82 -41.66 -6.68
CA LYS A 215 32.89 -42.43 -6.08
C LYS A 215 33.41 -41.65 -4.89
N PRO A 216 33.19 -42.10 -3.66
CA PRO A 216 33.72 -41.37 -2.53
C PRO A 216 35.23 -41.47 -2.50
N PRO A 217 35.92 -40.33 -2.45
CA PRO A 217 37.34 -40.36 -2.09
C PRO A 217 37.58 -40.92 -0.70
N ARG A 218 36.56 -40.90 0.16
CA ARG A 218 36.65 -41.36 1.55
C ARG A 218 37.87 -40.77 2.25
N GLY A 219 38.23 -39.56 1.86
CA GLY A 219 39.15 -38.75 2.62
C GLY A 219 38.42 -38.11 3.78
N ARG A 220 39.02 -37.03 4.32
CA ARG A 220 38.49 -36.39 5.51
C ARG A 220 37.38 -35.38 5.20
N PHE A 221 37.72 -34.33 4.45
CA PHE A 221 36.77 -33.26 4.17
C PHE A 221 36.32 -33.31 2.72
N ASP A 222 35.64 -34.39 2.33
CA ASP A 222 35.24 -34.60 0.95
C ASP A 222 34.05 -33.72 0.64
N VAL A 223 34.24 -32.74 -0.25
CA VAL A 223 33.09 -31.97 -0.70
C VAL A 223 32.16 -32.89 -1.45
N LEU A 224 30.89 -32.86 -1.08
CA LEU A 224 29.87 -33.65 -1.73
C LEU A 224 29.62 -33.12 -3.15
N PRO A 225 29.35 -33.99 -4.10
CA PRO A 225 28.95 -33.53 -5.43
C PRO A 225 27.57 -32.89 -5.39
N LEU A 226 27.25 -32.16 -6.45
CA LEU A 226 25.91 -31.62 -6.63
C LEU A 226 25.00 -32.69 -7.24
N LEU A 227 23.79 -32.82 -6.69
CA LEU A 227 22.77 -33.73 -7.21
C LEU A 227 21.61 -32.86 -7.67
N LEU A 228 21.53 -32.62 -8.98
CA LEU A 228 20.69 -31.59 -9.55
C LEU A 228 19.56 -32.22 -10.35
N GLN A 229 18.34 -31.76 -10.09
CA GLN A 229 17.14 -32.28 -10.73
C GLN A 229 16.46 -31.16 -11.52
N ALA A 230 16.26 -31.40 -12.82
CA ALA A 230 15.67 -30.45 -13.74
C ALA A 230 14.40 -31.01 -14.35
N ASN A 231 13.34 -30.19 -14.34
CA ASN A 231 12.12 -30.49 -15.08
C ASN A 231 11.52 -31.85 -14.69
N GLY A 232 11.78 -32.30 -13.47
CA GLY A 232 11.25 -33.55 -12.97
C GLY A 232 11.98 -34.79 -13.42
N ASN A 233 13.13 -34.65 -14.07
CA ASN A 233 13.84 -35.84 -14.50
C ASN A 233 14.66 -36.41 -13.35
N ASP A 234 15.21 -37.59 -13.59
CA ASP A 234 16.19 -38.16 -12.68
C ASP A 234 17.32 -37.16 -12.43
N PRO A 235 17.79 -37.02 -11.21
CA PRO A 235 18.86 -36.07 -10.92
C PRO A 235 20.22 -36.55 -11.41
N GLU A 236 21.15 -35.61 -11.48
CA GLU A 236 22.45 -35.85 -12.08
C GLU A 236 23.56 -35.35 -11.16
N LEU A 237 24.68 -36.07 -11.14
CA LEU A 237 25.81 -35.71 -10.29
C LEU A 237 26.76 -34.77 -11.02
N PHE A 238 27.33 -33.81 -10.28
CA PHE A 238 28.25 -32.82 -10.80
C PHE A 238 29.28 -32.51 -9.73
N GLN A 239 30.55 -32.35 -10.11
CA GLN A 239 31.58 -32.00 -9.15
C GLN A 239 31.87 -30.52 -9.27
N ILE A 240 31.57 -29.76 -8.22
CA ILE A 240 31.94 -28.34 -8.18
C ILE A 240 33.44 -28.23 -8.34
N PRO A 241 33.96 -27.36 -9.20
CA PRO A 241 35.42 -27.22 -9.34
C PRO A 241 36.03 -26.75 -8.02
N PRO A 242 37.06 -27.45 -7.54
CA PRO A 242 37.64 -27.13 -6.22
C PRO A 242 38.08 -25.68 -6.07
N GLU A 243 38.57 -25.08 -7.16
CA GLU A 243 39.01 -23.68 -7.10
C GLU A 243 37.86 -22.73 -6.77
N LEU A 244 36.62 -23.18 -6.90
CA LEU A 244 35.46 -22.37 -6.54
C LEU A 244 34.98 -22.61 -5.11
N VAL A 245 35.57 -23.56 -4.38
CA VAL A 245 35.15 -23.88 -3.01
C VAL A 245 36.21 -23.32 -2.08
N LEU A 246 35.97 -22.13 -1.58
CA LEU A 246 36.92 -21.49 -0.68
C LEU A 246 36.80 -22.12 0.71
N GLU A 247 37.93 -22.58 1.26
CA GLU A 247 38.00 -23.25 2.56
C GLU A 247 39.00 -22.54 3.47
N VAL A 248 38.69 -22.50 4.76
CA VAL A 248 39.49 -21.83 5.79
C VAL A 248 40.08 -22.90 6.70
N PRO A 249 41.40 -23.08 6.73
CA PRO A 249 42.02 -23.93 7.74
C PRO A 249 41.83 -23.34 9.13
N ILE A 250 41.32 -24.14 10.07
CA ILE A 250 41.07 -23.70 11.44
C ILE A 250 42.35 -23.89 12.25
N ARG A 251 42.94 -22.78 12.68
CA ARG A 251 43.96 -22.76 13.71
C ARG A 251 43.43 -21.94 14.88
N HIS A 252 44.15 -22.02 16.03
CA HIS A 252 43.80 -21.32 17.25
C HIS A 252 44.85 -20.27 17.59
N PRO A 253 44.42 -19.08 18.01
CA PRO A 253 45.39 -17.98 18.23
C PRO A 253 46.40 -18.24 19.34
N LYS A 254 46.10 -19.10 20.29
CA LYS A 254 47.05 -19.39 21.36
C LYS A 254 47.48 -20.84 21.39
N PHE A 255 46.55 -21.76 21.21
CA PHE A 255 46.87 -23.18 21.14
C PHE A 255 47.52 -23.46 19.80
N GLU A 256 48.81 -23.80 19.81
CA GLU A 256 49.48 -24.14 18.56
C GLU A 256 49.22 -25.59 18.16
N TRP A 257 48.81 -26.44 19.10
CA TRP A 257 48.44 -27.80 18.75
C TRP A 257 47.16 -27.88 17.95
N PHE A 258 46.40 -26.79 17.86
CA PHE A 258 45.06 -26.88 17.33
C PHE A 258 45.08 -27.16 15.84
N LYS A 259 45.93 -26.43 15.10
CA LYS A 259 46.02 -26.66 13.66
C LYS A 259 46.44 -28.11 13.36
N ASP A 260 47.18 -28.74 14.26
CA ASP A 260 47.57 -30.13 14.06
C ASP A 260 46.38 -31.08 14.13
N LEU A 261 45.18 -30.57 14.42
CA LEU A 261 43.94 -31.34 14.23
C LEU A 261 43.55 -31.45 12.77
N GLY A 262 44.25 -30.75 11.87
CA GLY A 262 43.97 -30.85 10.43
C GLY A 262 42.56 -30.48 10.06
N LEU A 263 41.94 -29.57 10.79
CA LEU A 263 40.55 -29.20 10.57
C LEU A 263 40.45 -28.01 9.61
N LYS A 264 39.34 -27.97 8.88
CA LYS A 264 39.03 -26.86 8.00
C LYS A 264 37.53 -26.86 7.79
N TRP A 265 37.01 -25.69 7.46
CA TRP A 265 35.61 -25.58 7.08
C TRP A 265 35.53 -24.78 5.80
N TYR A 266 34.38 -24.88 5.13
CA TYR A 266 34.18 -24.13 3.90
C TYR A 266 33.60 -22.77 4.25
N GLY A 267 33.85 -21.80 3.37
CA GLY A 267 33.51 -20.42 3.66
C GLY A 267 32.09 -20.01 3.34
N LEU A 268 31.43 -20.73 2.45
CA LEU A 268 30.17 -20.22 1.91
C LEU A 268 28.97 -21.06 2.33
N PRO A 269 28.12 -20.58 3.24
CA PRO A 269 26.90 -21.32 3.59
C PRO A 269 25.82 -20.99 2.57
N ALA A 270 25.23 -22.02 1.97
CA ALA A 270 24.30 -21.78 0.87
C ALA A 270 23.18 -22.81 0.94
N VAL A 271 22.08 -22.41 1.57
CA VAL A 271 20.92 -23.29 1.73
C VAL A 271 20.30 -23.54 0.37
N SER A 272 20.08 -24.81 0.04
CA SER A 272 19.63 -25.15 -1.30
C SER A 272 18.41 -26.06 -1.36
N ASN A 273 17.82 -26.42 -0.22
CA ASN A 273 16.69 -27.34 -0.19
C ASN A 273 15.39 -26.66 0.21
N MET A 274 15.37 -25.35 0.35
CA MET A 274 14.14 -24.66 0.74
C MET A 274 13.31 -24.27 -0.49
N LEU A 275 12.08 -23.86 -0.24
CA LEU A 275 11.15 -23.43 -1.27
C LEU A 275 10.80 -21.97 -1.05
N LEU A 276 10.92 -21.17 -2.10
CA LEU A 276 10.59 -19.76 -2.09
C LEU A 276 9.20 -19.59 -2.67
N GLU A 277 8.35 -18.82 -1.99
CA GLU A 277 6.94 -18.70 -2.33
C GLU A 277 6.62 -17.23 -2.55
N ILE A 278 6.19 -16.89 -3.78
CA ILE A 278 5.81 -15.53 -4.15
C ILE A 278 4.49 -15.57 -4.91
N GLY A 279 3.54 -14.78 -4.43
CA GLY A 279 2.22 -14.64 -5.04
C GLY A 279 1.59 -15.93 -5.49
N GLY A 280 1.76 -16.99 -4.69
CA GLY A 280 1.26 -18.29 -5.07
C GLY A 280 2.21 -19.15 -5.88
N LEU A 281 3.26 -18.58 -6.45
CA LEU A 281 4.22 -19.39 -7.19
C LEU A 281 5.22 -20.03 -6.23
N GLU A 282 5.69 -21.22 -6.61
CA GLU A 282 6.54 -22.04 -5.76
C GLU A 282 7.84 -22.34 -6.49
N PHE A 283 8.93 -21.70 -6.06
CA PHE A 283 10.25 -21.93 -6.64
C PHE A 283 11.00 -22.95 -5.78
N SER A 284 10.85 -24.22 -6.15
CA SER A 284 11.38 -25.35 -5.38
C SER A 284 12.89 -25.48 -5.46
N ALA A 285 13.55 -24.75 -6.37
CA ALA A 285 15.00 -24.71 -6.45
C ALA A 285 15.38 -23.23 -6.41
N CYS A 286 15.91 -22.80 -5.25
CA CYS A 286 16.24 -21.40 -4.99
C CYS A 286 17.43 -21.26 -4.05
N PRO A 287 18.59 -21.84 -4.37
CA PRO A 287 19.75 -21.74 -3.47
C PRO A 287 20.10 -20.29 -3.16
N PHE A 288 20.31 -20.02 -1.86
CA PHE A 288 20.72 -18.69 -1.37
C PHE A 288 21.87 -18.85 -0.39
N SER A 289 22.69 -17.80 -0.33
CA SER A 289 23.93 -17.85 0.42
C SER A 289 24.20 -16.49 1.01
N GLY A 290 24.93 -16.48 2.11
CA GLY A 290 25.41 -15.25 2.72
C GLY A 290 26.78 -15.49 3.27
N TRP A 291 26.96 -15.26 4.57
CA TRP A 291 28.19 -15.58 5.27
C TRP A 291 27.83 -16.15 6.65
N TYR A 292 28.76 -16.90 7.21
CA TYR A 292 28.53 -17.65 8.45
C TYR A 292 28.55 -16.73 9.67
N MET A 293 27.65 -17.02 10.61
CA MET A 293 27.88 -16.70 12.01
C MET A 293 28.79 -17.79 12.59
N GLY A 294 29.83 -17.38 13.31
CA GLY A 294 30.85 -18.33 13.72
C GLY A 294 30.30 -19.57 14.42
N THR A 295 29.23 -19.39 15.19
CA THR A 295 28.63 -20.51 15.93
C THR A 295 28.00 -21.55 15.02
N GLU A 296 27.63 -21.17 13.79
CA GLU A 296 26.98 -22.11 12.89
C GLU A 296 27.93 -23.19 12.39
N ILE A 297 29.24 -22.92 12.38
CA ILE A 297 30.16 -23.88 11.82
C ILE A 297 30.27 -25.10 12.74
N GLY A 298 29.66 -26.21 12.32
CA GLY A 298 29.44 -27.39 13.14
C GLY A 298 30.63 -28.32 13.18
N VAL A 299 31.82 -27.74 12.98
CA VAL A 299 33.09 -28.48 12.99
C VAL A 299 33.25 -29.28 14.27
N ARG A 300 32.49 -28.93 15.33
CA ARG A 300 32.60 -29.64 16.59
C ARG A 300 32.09 -31.07 16.49
N ASP A 301 30.96 -31.29 15.82
CA ASP A 301 30.46 -32.65 15.64
C ASP A 301 31.31 -33.47 14.67
N TYR A 302 32.23 -32.83 13.97
CA TYR A 302 33.00 -33.51 12.93
C TYR A 302 33.89 -34.60 13.53
N CYS A 303 33.93 -35.74 12.85
CA CYS A 303 34.69 -36.91 13.30
C CYS A 303 35.79 -37.19 12.29
N ASP A 304 37.02 -36.78 12.63
CA ASP A 304 38.19 -37.21 11.89
C ASP A 304 38.58 -38.64 12.29
N ASN A 305 38.62 -38.91 13.59
CA ASN A 305 38.84 -40.26 14.10
C ASN A 305 37.58 -41.10 13.95
N SER A 306 37.49 -42.20 14.69
CA SER A 306 36.28 -43.00 14.81
C SER A 306 35.97 -43.29 16.28
N ARG A 307 36.46 -42.43 17.16
CA ARG A 307 36.26 -42.56 18.60
C ARG A 307 35.70 -41.28 19.21
N TYR A 308 36.12 -40.13 18.66
CA TYR A 308 35.93 -38.86 19.37
C TYR A 308 35.51 -37.74 18.43
N ASN A 309 34.52 -36.96 18.89
CA ASN A 309 34.22 -35.65 18.35
C ASN A 309 35.45 -34.76 18.38
N ILE A 310 35.48 -33.78 17.46
CA ILE A 310 36.42 -32.67 17.60
C ILE A 310 36.23 -31.98 18.96
N LEU A 311 35.00 -31.99 19.51
CA LEU A 311 34.77 -31.40 20.82
C LEU A 311 35.58 -32.14 21.89
N GLU A 312 35.34 -33.44 22.05
CA GLU A 312 36.09 -34.20 23.04
C GLU A 312 37.57 -34.29 22.68
N GLU A 313 37.91 -34.24 21.39
CA GLU A 313 39.32 -34.20 21.02
C GLU A 313 39.99 -32.94 21.54
N VAL A 314 39.39 -31.78 21.27
CA VAL A 314 39.92 -30.51 21.77
C VAL A 314 40.06 -30.54 23.29
N ALA A 315 39.12 -31.19 23.97
CA ALA A 315 39.18 -31.24 25.44
C ALA A 315 40.39 -32.04 25.91
N LYS A 316 40.72 -33.14 25.22
CA LYS A 316 41.93 -33.90 25.53
C LYS A 316 43.18 -33.02 25.40
N LYS A 317 43.30 -32.31 24.28
CA LYS A 317 44.48 -31.48 24.08
C LYS A 317 44.53 -30.34 25.11
N MET A 318 43.37 -29.95 25.66
CA MET A 318 43.32 -28.93 26.70
C MET A 318 43.56 -29.47 28.09
N ASN A 319 43.69 -30.80 28.24
CA ASN A 319 43.94 -31.43 29.54
C ASN A 319 42.80 -31.14 30.51
N LEU A 320 41.57 -31.24 30.02
CA LEU A 320 40.38 -30.96 30.81
C LEU A 320 39.95 -32.22 31.54
N ASP A 321 39.66 -32.06 32.83
CA ASP A 321 38.94 -33.05 33.62
C ASP A 321 37.64 -33.43 32.91
N MET A 322 37.62 -34.57 32.23
CA MET A 322 36.39 -35.04 31.60
C MET A 322 35.68 -36.10 32.43
N ARG A 323 36.03 -36.20 33.72
CA ARG A 323 35.45 -37.23 34.59
C ARG A 323 33.93 -37.10 34.67
N LYS A 324 33.44 -35.91 35.05
CA LYS A 324 32.02 -35.64 35.15
C LYS A 324 31.69 -34.34 34.42
N THR A 325 30.39 -34.03 34.34
CA THR A 325 29.94 -32.86 33.58
C THR A 325 30.25 -31.55 34.30
N SER A 326 30.18 -31.53 35.64
CA SER A 326 30.28 -30.29 36.39
C SER A 326 31.63 -29.61 36.26
N SER A 327 32.59 -30.17 35.53
CA SER A 327 33.80 -29.44 35.18
C SER A 327 33.55 -28.49 34.04
N LEU A 328 32.50 -28.72 33.27
CA LEU A 328 32.09 -27.88 32.15
C LEU A 328 33.08 -27.97 30.99
N TRP A 329 33.66 -29.16 30.80
CA TRP A 329 34.70 -29.30 29.79
C TRP A 329 34.13 -29.11 28.38
N LYS A 330 32.90 -29.57 28.12
CA LYS A 330 32.27 -29.24 26.85
C LYS A 330 32.13 -27.74 26.69
N ASP A 331 31.70 -27.05 27.74
CA ASP A 331 31.57 -25.59 27.65
C ASP A 331 32.90 -24.94 27.31
N GLN A 332 33.98 -25.37 27.97
CA GLN A 332 35.28 -24.73 27.80
C GLN A 332 35.85 -25.00 26.41
N ALA A 333 35.81 -26.26 25.97
CA ALA A 333 36.29 -26.59 24.63
C ALA A 333 35.44 -25.92 23.57
N LEU A 334 34.13 -25.81 23.81
CA LEU A 334 33.25 -25.18 22.82
C LEU A 334 33.65 -23.73 22.58
N VAL A 335 34.02 -22.99 23.65
CA VAL A 335 34.45 -21.60 23.49
C VAL A 335 35.74 -21.54 22.69
N GLU A 336 36.69 -22.43 22.99
CA GLU A 336 37.98 -22.40 22.31
C GLU A 336 37.81 -22.70 20.82
N ILE A 337 36.99 -23.71 20.49
CA ILE A 337 36.73 -24.03 19.09
C ILE A 337 36.10 -22.83 18.38
N ASN A 338 35.16 -22.16 19.03
CA ASN A 338 34.56 -20.99 18.43
C ASN A 338 35.54 -19.81 18.34
N ILE A 339 36.49 -19.70 19.29
CA ILE A 339 37.56 -18.72 19.16
C ILE A 339 38.43 -19.04 17.96
N ALA A 340 38.71 -20.34 17.76
CA ALA A 340 39.60 -20.74 16.67
C ALA A 340 38.98 -20.46 15.30
N VAL A 341 37.67 -20.69 15.17
CA VAL A 341 36.99 -20.54 13.89
C VAL A 341 36.98 -19.08 13.45
N LEU A 342 36.53 -18.18 14.32
CA LEU A 342 36.56 -16.76 14.01
C LEU A 342 37.97 -16.30 13.65
N TYR A 343 38.96 -16.71 14.45
CA TYR A 343 40.34 -16.28 14.23
C TYR A 343 40.84 -16.66 12.84
N SER A 344 40.45 -17.84 12.36
CA SER A 344 40.96 -18.33 11.08
C SER A 344 40.27 -17.65 9.90
N PHE A 345 38.93 -17.53 9.97
CA PHE A 345 38.19 -16.79 8.96
C PHE A 345 38.69 -15.35 8.85
N GLN A 346 38.95 -14.69 9.98
CA GLN A 346 39.45 -13.34 9.92
C GLN A 346 40.89 -13.31 9.39
N SER A 347 41.72 -14.28 9.82
CA SER A 347 43.11 -14.28 9.39
C SER A 347 43.22 -14.48 7.89
N ASP A 348 42.32 -15.29 7.31
CA ASP A 348 42.27 -15.53 5.88
C ASP A 348 41.34 -14.58 5.16
N LYS A 349 40.88 -13.51 5.82
CA LYS A 349 40.11 -12.43 5.19
C LYS A 349 38.78 -12.92 4.63
N VAL A 350 38.27 -14.03 5.16
CA VAL A 350 36.99 -14.58 4.74
C VAL A 350 35.90 -14.05 5.67
N THR A 351 34.88 -13.43 5.08
CA THR A 351 33.82 -12.79 5.85
C THR A 351 33.21 -13.75 6.87
N ILE A 352 33.00 -13.25 8.08
CA ILE A 352 32.36 -14.00 9.16
C ILE A 352 31.96 -12.99 10.23
N VAL A 353 30.97 -13.37 11.05
CA VAL A 353 30.47 -12.52 12.13
C VAL A 353 30.36 -13.35 13.39
N ASP A 354 30.82 -12.79 14.52
CA ASP A 354 30.63 -13.49 15.79
C ASP A 354 29.18 -13.32 16.26
N HIS A 355 28.82 -14.08 17.27
CA HIS A 355 27.42 -14.06 17.68
C HIS A 355 27.05 -12.80 18.45
N HIS A 356 28.02 -12.08 19.00
CA HIS A 356 27.72 -10.83 19.69
C HIS A 356 27.37 -9.73 18.69
N SER A 357 28.23 -9.51 17.70
CA SER A 357 27.97 -8.51 16.67
CA SER A 357 27.97 -8.51 16.67
C SER A 357 26.67 -8.84 15.94
N ALA A 358 26.48 -10.11 15.58
CA ALA A 358 25.29 -10.50 14.83
C ALA A 358 24.02 -10.24 15.62
N THR A 359 24.02 -10.57 16.93
CA THR A 359 22.81 -10.33 17.71
C THR A 359 22.61 -8.85 17.96
N GLU A 360 23.70 -8.11 18.25
CA GLU A 360 23.59 -6.66 18.35
C GLU A 360 22.99 -6.07 17.07
N SER A 361 23.46 -6.53 15.91
CA SER A 361 22.93 -6.04 14.65
C SER A 361 21.45 -6.31 14.55
N PHE A 362 21.02 -7.50 14.94
CA PHE A 362 19.61 -7.84 14.82
C PHE A 362 18.73 -6.92 15.66
N ILE A 363 19.21 -6.50 16.84
CA ILE A 363 18.43 -5.57 17.64
C ILE A 363 18.29 -4.23 16.91
N LYS A 364 19.40 -3.74 16.33
CA LYS A 364 19.31 -2.56 15.48
C LYS A 364 18.28 -2.76 14.37
N HIS A 365 18.33 -3.93 13.71
CA HIS A 365 17.39 -4.21 12.63
C HIS A 365 15.95 -4.19 13.13
N MET A 366 15.69 -4.86 14.27
CA MET A 366 14.36 -4.87 14.87
C MET A 366 13.84 -3.46 15.09
N GLU A 367 14.68 -2.56 15.64
CA GLU A 367 14.24 -1.18 15.85
C GLU A 367 13.85 -0.52 14.54
N ASN A 368 14.73 -0.60 13.53
CA ASN A 368 14.39 -0.03 12.22
C ASN A 368 13.06 -0.57 11.73
N GLU A 369 12.88 -1.89 11.79
CA GLU A 369 11.68 -2.53 11.26
C GLU A 369 10.42 -2.08 11.97
N TYR A 370 10.50 -1.87 13.30
CA TYR A 370 9.36 -1.31 14.01
C TYR A 370 9.16 0.16 13.65
N ARG A 371 10.25 0.89 13.44
CA ARG A 371 10.14 2.31 13.12
C ARG A 371 9.47 2.53 11.76
N CYS A 372 9.85 1.76 10.74
CA CYS A 372 9.34 1.97 9.40
CA CYS A 372 9.34 1.96 9.40
C CYS A 372 8.18 1.04 9.04
N ARG A 373 8.30 -0.26 9.33
CA ARG A 373 7.34 -1.24 8.84
C ARG A 373 6.23 -1.55 9.83
N GLY A 374 6.37 -1.17 11.10
CA GLY A 374 5.39 -1.48 12.12
C GLY A 374 5.60 -2.80 12.83
N GLY A 375 6.77 -3.41 12.71
CA GLY A 375 7.03 -4.68 13.34
C GLY A 375 8.04 -5.49 12.57
N CYS A 376 8.45 -6.60 13.19
CA CYS A 376 9.42 -7.52 12.59
C CYS A 376 9.21 -8.92 13.14
N PRO A 377 8.86 -9.89 12.29
CA PRO A 377 8.64 -11.25 12.78
C PRO A 377 9.96 -11.90 13.16
N ALA A 378 9.96 -12.60 14.30
CA ALA A 378 11.22 -13.14 14.81
C ALA A 378 10.95 -14.35 15.71
N ASP A 379 11.74 -15.39 15.51
CA ASP A 379 11.61 -16.65 16.22
C ASP A 379 12.73 -16.70 17.26
N TRP A 380 12.37 -16.46 18.53
CA TRP A 380 13.36 -16.38 19.60
C TRP A 380 14.16 -17.66 19.70
N VAL A 381 13.50 -18.80 19.50
CA VAL A 381 14.14 -20.11 19.65
C VAL A 381 15.28 -20.27 18.66
N TRP A 382 15.24 -19.54 17.54
CA TRP A 382 16.27 -19.62 16.52
C TRP A 382 17.17 -18.40 16.44
N ILE A 383 16.72 -17.23 16.91
CA ILE A 383 17.56 -16.03 16.89
C ILE A 383 18.61 -16.09 18.00
N VAL A 384 18.25 -16.64 19.16
CA VAL A 384 19.23 -16.75 20.25
C VAL A 384 20.31 -17.74 19.87
N PRO A 385 21.58 -17.34 19.90
CA PRO A 385 22.67 -18.22 19.46
C PRO A 385 22.80 -19.46 20.33
N PRO A 386 23.36 -20.53 19.77
CA PRO A 386 23.41 -21.82 20.48
C PRO A 386 24.46 -21.92 21.56
N MET A 387 25.20 -20.84 21.86
CA MET A 387 26.05 -20.76 23.03
C MET A 387 25.98 -19.35 23.59
N SER A 388 26.27 -19.22 24.89
CA SER A 388 26.34 -17.93 25.57
C SER A 388 25.08 -17.09 25.39
N GLY A 389 23.91 -17.73 25.34
CA GLY A 389 22.68 -17.00 25.02
C GLY A 389 22.44 -15.77 25.88
N SER A 390 22.57 -15.90 27.19
CA SER A 390 22.10 -14.82 28.03
C SER A 390 22.99 -13.58 28.01
N ILE A 391 24.21 -13.68 27.48
CA ILE A 391 25.07 -12.51 27.36
C ILE A 391 24.99 -11.88 25.97
N THR A 392 24.01 -12.33 25.11
CA THR A 392 23.79 -11.58 23.87
C THR A 392 22.52 -10.75 24.00
N PRO A 393 22.41 -9.63 23.26
CA PRO A 393 21.24 -8.74 23.44
C PRO A 393 19.89 -9.35 23.07
N VAL A 394 19.84 -10.51 22.41
CA VAL A 394 18.54 -10.97 21.92
C VAL A 394 17.87 -11.84 22.98
N PHE A 395 18.65 -12.45 23.86
CA PHE A 395 18.10 -13.23 24.97
C PHE A 395 17.01 -12.49 25.74
N HIS A 396 17.25 -11.23 26.10
CA HIS A 396 16.30 -10.46 26.90
C HIS A 396 15.34 -9.61 26.08
N GLN A 397 15.35 -9.78 24.76
CA GLN A 397 14.40 -9.11 23.87
C GLN A 397 13.21 -10.02 23.63
N GLU A 398 12.01 -9.53 23.96
CA GLU A 398 10.80 -10.23 23.54
C GLU A 398 10.64 -10.12 22.03
N MET A 399 9.96 -11.13 21.45
CA MET A 399 9.71 -11.18 20.02
C MET A 399 8.31 -11.72 19.76
N LEU A 400 7.70 -11.24 18.68
CA LEU A 400 6.47 -11.79 18.14
C LEU A 400 6.79 -12.56 16.86
N ASN A 401 6.38 -13.82 16.81
CA ASN A 401 6.51 -14.61 15.60
C ASN A 401 5.19 -14.64 14.84
N TYR A 402 5.27 -14.41 13.52
CA TYR A 402 4.12 -14.48 12.62
C TYR A 402 4.63 -14.69 11.20
N ARG A 403 3.78 -15.29 10.37
CA ARG A 403 4.16 -15.76 9.03
C ARG A 403 3.70 -14.72 8.00
N LEU A 404 4.67 -14.04 7.38
CA LEU A 404 4.42 -13.11 6.29
C LEU A 404 4.85 -13.74 4.97
N THR A 405 4.18 -13.32 3.90
CA THR A 405 4.50 -13.74 2.53
CA THR A 405 4.52 -13.73 2.54
C THR A 405 4.97 -12.53 1.73
N PRO A 406 5.92 -12.72 0.77
CA PRO A 406 6.69 -13.91 0.36
C PRO A 406 7.53 -14.52 1.47
N SER A 407 7.79 -15.83 1.38
CA SER A 407 8.55 -16.50 2.41
C SER A 407 9.35 -17.66 1.83
N PHE A 408 10.32 -18.12 2.62
CA PHE A 408 10.99 -19.40 2.39
C PHE A 408 10.30 -20.46 3.23
N GLU A 409 9.90 -21.56 2.59
CA GLU A 409 9.21 -22.66 3.22
C GLU A 409 10.10 -23.89 3.19
N TYR A 410 9.78 -24.83 4.07
CA TYR A 410 10.42 -26.14 4.04
C TYR A 410 9.73 -27.03 3.02
N GLN A 411 10.43 -28.08 2.59
CA GLN A 411 9.82 -28.96 1.62
C GLN A 411 10.40 -30.35 1.77
N PRO A 412 9.62 -31.38 1.46
CA PRO A 412 10.12 -32.76 1.59
C PRO A 412 11.43 -32.93 0.82
N ASP A 413 12.29 -33.78 1.36
CA ASP A 413 13.46 -34.22 0.62
C ASP A 413 13.00 -34.90 -0.66
N PRO A 414 13.56 -34.53 -1.82
CA PRO A 414 12.98 -35.01 -3.08
C PRO A 414 12.93 -36.52 -3.18
N TRP A 415 13.88 -37.23 -2.57
CA TRP A 415 13.92 -38.67 -2.76
C TRP A 415 12.75 -39.38 -2.09
N ASN A 416 12.09 -38.76 -1.12
CA ASN A 416 10.89 -39.37 -0.55
C ASN A 416 9.77 -39.45 -1.60
N THR A 417 9.67 -38.44 -2.46
CA THR A 417 8.52 -38.24 -3.33
C THR A 417 8.87 -38.31 -4.83
N HIS A 418 9.98 -38.93 -5.21
CA HIS A 418 10.42 -38.94 -6.59
C HIS A 418 10.35 -40.34 -7.17
N VAL A 419 9.67 -40.49 -8.30
CA VAL A 419 9.62 -41.76 -9.04
C VAL A 419 10.62 -41.70 -10.19
N TRP A 420 11.46 -42.71 -10.28
CA TRP A 420 12.63 -42.66 -11.15
C TRP A 420 12.27 -43.05 -12.58
N LYS A 421 12.77 -42.27 -13.53
CA LYS A 421 12.57 -42.56 -14.95
C LYS A 421 13.34 -43.83 -15.35
N ARG B 3 -7.58 -36.67 19.20
CA ARG B 3 -6.45 -35.89 18.69
C ARG B 3 -5.16 -36.18 19.51
N PHE B 4 -4.03 -36.24 18.81
CA PHE B 4 -2.74 -36.63 19.42
C PHE B 4 -1.64 -35.82 18.75
N LEU B 5 -0.88 -35.06 19.55
CA LEU B 5 0.22 -34.27 19.02
C LEU B 5 1.56 -34.96 19.29
N LYS B 6 2.48 -34.80 18.34
CA LYS B 6 3.80 -35.41 18.43
C LYS B 6 4.87 -34.34 18.66
N VAL B 7 5.86 -34.66 19.48
CA VAL B 7 7.09 -33.89 19.62
C VAL B 7 8.24 -34.82 19.27
N LYS B 8 9.18 -34.31 18.47
CA LYS B 8 10.35 -35.07 18.05
C LYS B 8 11.58 -34.55 18.79
N ASN B 9 12.55 -35.44 18.99
CA ASN B 9 13.90 -35.04 19.40
C ASN B 9 14.79 -35.21 18.18
N TRP B 10 15.31 -34.10 17.67
CA TRP B 10 16.08 -34.11 16.43
C TRP B 10 17.49 -34.65 16.59
N GLU B 11 17.91 -34.97 17.82
CA GLU B 11 19.17 -35.62 18.10
C GLU B 11 19.02 -37.13 18.18
N THR B 12 18.05 -37.61 18.96
CA THR B 12 17.85 -39.04 19.20
C THR B 12 16.87 -39.70 18.23
N GLU B 13 15.99 -38.93 17.60
CA GLU B 13 14.87 -39.35 16.73
C GLU B 13 13.65 -39.81 17.54
N VAL B 14 13.69 -39.76 18.88
CA VAL B 14 12.55 -40.19 19.68
C VAL B 14 11.34 -39.32 19.40
N VAL B 15 10.17 -39.96 19.29
CA VAL B 15 8.89 -39.27 19.11
C VAL B 15 7.99 -39.65 20.27
N LEU B 16 7.49 -38.64 20.98
CA LEU B 16 6.54 -38.80 22.07
C LEU B 16 5.18 -38.27 21.62
N THR B 17 4.12 -38.92 22.10
CA THR B 17 2.76 -38.56 21.73
C THR B 17 2.07 -37.91 22.93
N ASP B 18 1.62 -36.67 22.73
CA ASP B 18 1.06 -35.85 23.80
C ASP B 18 -0.45 -35.86 23.69
N THR B 19 -1.12 -36.39 24.73
CA THR B 19 -2.55 -36.22 24.92
C THR B 19 -2.90 -35.26 26.04
N LEU B 20 -1.98 -35.02 26.99
CA LEU B 20 -2.32 -34.25 28.18
C LEU B 20 -2.81 -32.86 27.81
N HIS B 21 -2.34 -32.32 26.67
CA HIS B 21 -2.66 -30.98 26.24
C HIS B 21 -4.15 -30.77 26.05
N LEU B 22 -4.90 -31.83 25.76
CA LEU B 22 -6.36 -31.74 25.71
C LEU B 22 -6.97 -31.23 27.01
N LYS B 23 -6.27 -31.36 28.14
CA LYS B 23 -6.84 -30.99 29.42
C LYS B 23 -6.40 -29.61 29.89
N SER B 24 -5.73 -28.82 29.04
CA SER B 24 -5.39 -27.45 29.42
C SER B 24 -6.62 -26.55 29.26
N THR B 25 -6.58 -25.38 29.93
CA THR B 25 -7.77 -24.52 29.93
C THR B 25 -7.51 -23.03 29.76
N LEU B 26 -6.44 -22.46 30.29
CA LEU B 26 -6.26 -21.02 30.14
C LEU B 26 -5.20 -20.72 29.09
N GLU B 27 -5.19 -19.46 28.65
CA GLU B 27 -4.46 -19.03 27.48
C GLU B 27 -2.95 -19.24 27.63
N THR B 28 -2.31 -19.58 26.51
CA THR B 28 -0.87 -19.42 26.41
C THR B 28 -0.48 -17.98 26.15
N GLY B 29 -1.40 -17.17 25.61
CA GLY B 29 -1.10 -15.90 25.05
C GLY B 29 -1.02 -15.92 23.54
N CYS B 30 -0.65 -17.05 22.96
CA CYS B 30 -0.58 -17.17 21.50
C CYS B 30 -1.98 -17.25 20.90
N THR B 31 -2.08 -16.76 19.67
CA THR B 31 -3.29 -16.87 18.87
C THR B 31 -3.00 -17.79 17.70
N GLU B 32 -4.02 -18.05 16.89
CA GLU B 32 -3.84 -18.90 15.72
C GLU B 32 -2.80 -18.33 14.75
N TYR B 33 -2.54 -17.02 14.81
CA TYR B 33 -1.71 -16.37 13.81
C TYR B 33 -0.49 -15.66 14.40
N ILE B 34 -0.29 -15.69 15.71
CA ILE B 34 0.87 -15.07 16.34
C ILE B 34 1.33 -15.99 17.44
N CYS B 35 2.65 -16.20 17.53
CA CYS B 35 3.23 -16.91 18.66
C CYS B 35 3.84 -15.91 19.63
N MET B 36 3.53 -16.07 20.92
CA MET B 36 4.05 -15.23 21.98
C MET B 36 5.03 -15.99 22.87
N GLY B 37 5.58 -17.10 22.36
CA GLY B 37 6.47 -17.95 23.13
C GLY B 37 7.60 -17.25 23.88
N SER B 38 8.01 -16.07 23.43
CA SER B 38 9.12 -15.35 24.05
C SER B 38 8.66 -14.11 24.81
N ILE B 39 7.35 -13.95 25.03
CA ILE B 39 6.80 -12.90 25.87
C ILE B 39 6.79 -13.36 27.32
N MET B 40 7.29 -12.52 28.22
CA MET B 40 7.43 -12.91 29.62
C MET B 40 6.06 -13.10 30.29
N HIS B 41 5.29 -12.02 30.45
CA HIS B 41 3.91 -12.13 30.93
C HIS B 41 2.99 -11.79 29.76
N PRO B 42 2.40 -12.78 29.08
CA PRO B 42 1.38 -12.45 28.07
C PRO B 42 -0.04 -12.54 28.62
N SER B 43 -0.82 -11.48 28.43
CA SER B 43 -2.26 -11.46 28.71
C SER B 43 -2.81 -10.06 28.45
N VAL B 52 -11.02 -10.86 41.77
CA VAL B 52 -11.48 -11.81 42.79
C VAL B 52 -12.70 -12.58 42.28
N ALA B 53 -12.66 -13.91 42.42
CA ALA B 53 -13.65 -14.76 41.78
C ALA B 53 -15.00 -14.67 42.45
N THR B 54 -16.06 -14.70 41.64
CA THR B 54 -17.42 -14.79 42.14
C THR B 54 -17.81 -16.25 42.34
N LYS B 55 -18.98 -16.46 42.92
CA LYS B 55 -19.46 -17.83 43.18
C LYS B 55 -19.53 -18.64 41.88
N ASP B 56 -20.10 -18.03 40.82
CA ASP B 56 -20.36 -18.76 39.59
C ASP B 56 -19.07 -19.13 38.86
N GLN B 57 -18.02 -18.32 39.00
CA GLN B 57 -16.74 -18.72 38.44
C GLN B 57 -16.08 -19.79 39.30
N LEU B 58 -16.33 -19.77 40.62
CA LEU B 58 -15.51 -20.58 41.51
C LEU B 58 -15.90 -22.05 41.47
N PHE B 59 -17.20 -22.37 41.45
CA PHE B 59 -17.57 -23.78 41.55
C PHE B 59 -17.09 -24.63 40.38
N PRO B 60 -17.22 -24.22 39.11
CA PRO B 60 -16.65 -25.06 38.04
C PRO B 60 -15.18 -25.32 38.26
N LEU B 61 -14.45 -24.34 38.79
CA LEU B 61 -13.03 -24.55 39.03
C LEU B 61 -12.81 -25.52 40.17
N ALA B 62 -13.58 -25.38 41.25
CA ALA B 62 -13.50 -26.33 42.35
C ALA B 62 -13.87 -27.73 41.86
N LYS B 63 -14.97 -27.84 41.11
CA LYS B 63 -15.35 -29.14 40.57
C LYS B 63 -14.20 -29.74 39.77
N GLU B 64 -13.53 -28.91 38.96
CA GLU B 64 -12.41 -29.39 38.17
C GLU B 64 -11.33 -30.00 39.05
N PHE B 65 -10.87 -29.24 40.04
CA PHE B 65 -9.75 -29.70 40.85
C PHE B 65 -10.12 -30.95 41.65
N ILE B 66 -11.27 -30.92 42.32
CA ILE B 66 -11.70 -32.07 43.12
C ILE B 66 -11.82 -33.31 42.24
N ASP B 67 -12.43 -33.16 41.05
CA ASP B 67 -12.55 -34.29 40.13
C ASP B 67 -11.19 -34.90 39.83
N GLN B 68 -10.20 -34.05 39.59
CA GLN B 68 -8.88 -34.55 39.21
C GLN B 68 -8.14 -35.15 40.39
N TYR B 69 -8.34 -34.59 41.58
CA TYR B 69 -7.73 -35.17 42.77
C TYR B 69 -8.30 -36.56 43.03
N TYR B 70 -9.61 -36.72 42.90
CA TYR B 70 -10.19 -38.03 43.17
C TYR B 70 -9.88 -39.01 42.05
N SER B 71 -9.74 -38.50 40.83
CA SER B 71 -9.17 -39.30 39.74
C SER B 71 -7.79 -39.81 40.11
N SER B 72 -6.91 -38.91 40.59
CA SER B 72 -5.54 -39.27 40.90
C SER B 72 -5.42 -40.34 41.98
N ILE B 73 -6.40 -40.45 42.87
CA ILE B 73 -6.38 -41.46 43.90
C ILE B 73 -7.34 -42.60 43.59
N LYS B 74 -7.71 -42.76 42.32
CA LYS B 74 -8.52 -43.88 41.85
C LYS B 74 -9.81 -44.00 42.63
N ARG B 75 -10.47 -42.85 42.84
CA ARG B 75 -11.71 -42.75 43.61
C ARG B 75 -12.74 -41.88 42.91
N PHE B 76 -12.62 -41.71 41.60
CA PHE B 76 -13.54 -40.85 40.87
C PHE B 76 -14.94 -41.48 40.91
N GLY B 77 -15.94 -40.64 41.16
CA GLY B 77 -17.30 -41.11 41.29
C GLY B 77 -17.62 -41.79 42.60
N SER B 78 -16.64 -41.99 43.48
CA SER B 78 -16.88 -42.69 44.73
C SER B 78 -17.77 -41.86 45.66
N LYS B 79 -18.31 -42.54 46.68
CA LYS B 79 -19.13 -41.87 47.68
C LYS B 79 -18.37 -40.74 48.35
N ALA B 80 -17.06 -40.94 48.57
CA ALA B 80 -16.23 -39.89 49.13
C ALA B 80 -16.05 -38.73 48.16
N HIS B 81 -15.95 -39.04 46.87
CA HIS B 81 -15.83 -38.00 45.85
C HIS B 81 -17.09 -37.13 45.84
N MET B 82 -18.27 -37.76 45.78
CA MET B 82 -19.50 -36.99 45.63
C MET B 82 -19.81 -36.16 46.88
N GLU B 83 -19.46 -36.66 48.06
CA GLU B 83 -19.70 -35.89 49.27
C GLU B 83 -18.78 -34.69 49.33
N ARG B 84 -17.52 -34.87 48.93
CA ARG B 84 -16.60 -33.75 48.87
C ARG B 84 -17.14 -32.66 47.95
N LEU B 85 -17.56 -33.06 46.74
CA LEU B 85 -18.12 -32.10 45.79
C LEU B 85 -19.31 -31.36 46.37
N GLU B 86 -20.20 -32.09 47.05
CA GLU B 86 -21.33 -31.45 47.71
C GLU B 86 -20.88 -30.55 48.85
N GLU B 87 -19.91 -31.03 49.64
CA GLU B 87 -19.39 -30.22 50.75
C GLU B 87 -18.74 -28.94 50.24
N VAL B 88 -18.03 -29.01 49.10
CA VAL B 88 -17.42 -27.81 48.53
C VAL B 88 -18.51 -26.84 48.07
N ASN B 89 -19.51 -27.36 47.36
CA ASN B 89 -20.63 -26.55 46.88
C ASN B 89 -21.29 -25.79 48.02
N LYS B 90 -21.42 -26.42 49.19
CA LYS B 90 -22.07 -25.76 50.31
C LYS B 90 -21.23 -24.60 50.83
N GLU B 91 -19.92 -24.83 51.00
CA GLU B 91 -19.03 -23.75 51.44
C GLU B 91 -19.06 -22.58 50.47
N ILE B 92 -19.02 -22.85 49.16
CA ILE B 92 -19.01 -21.78 48.17
C ILE B 92 -20.35 -21.05 48.19
N ASP B 93 -21.44 -21.80 48.31
CA ASP B 93 -22.75 -21.18 48.39
C ASP B 93 -22.90 -20.33 49.65
N THR B 94 -22.27 -20.74 50.75
CA THR B 94 -22.43 -20.05 52.03
C THR B 94 -21.46 -18.89 52.19
N THR B 95 -20.19 -19.10 51.82
CA THR B 95 -19.12 -18.17 52.15
C THR B 95 -18.40 -17.59 50.94
N SER B 96 -18.85 -17.91 49.73
CA SER B 96 -18.22 -17.47 48.49
C SER B 96 -16.77 -17.93 48.36
N THR B 97 -16.44 -19.06 48.98
CA THR B 97 -15.10 -19.63 48.94
C THR B 97 -15.20 -21.00 49.60
N TYR B 98 -14.09 -21.75 49.58
CA TYR B 98 -14.06 -23.03 50.28
C TYR B 98 -12.64 -23.30 50.76
N GLN B 99 -12.50 -24.35 51.58
CA GLN B 99 -11.23 -24.69 52.21
C GLN B 99 -10.77 -26.06 51.76
N LEU B 100 -9.50 -26.15 51.36
CA LEU B 100 -8.90 -27.42 50.97
C LEU B 100 -8.60 -28.29 52.20
N LYS B 101 -8.90 -29.58 52.07
CA LYS B 101 -8.37 -30.58 52.97
C LYS B 101 -6.84 -30.58 52.88
N ASP B 102 -6.20 -31.15 53.90
CA ASP B 102 -4.75 -31.24 53.88
C ASP B 102 -4.25 -32.03 52.69
N THR B 103 -4.89 -33.17 52.40
CA THR B 103 -4.52 -33.99 51.24
C THR B 103 -4.62 -33.20 49.94
N GLU B 104 -5.65 -32.39 49.80
CA GLU B 104 -5.84 -31.63 48.57
C GLU B 104 -4.80 -30.52 48.45
N LEU B 105 -4.45 -29.90 49.59
CA LEU B 105 -3.43 -28.86 49.60
C LEU B 105 -2.07 -29.42 49.18
N ILE B 106 -1.72 -30.59 49.70
CA ILE B 106 -0.46 -31.24 49.31
C ILE B 106 -0.48 -31.63 47.84
N TYR B 107 -1.50 -32.38 47.43
CA TYR B 107 -1.65 -32.76 46.02
C TYR B 107 -1.53 -31.56 45.11
N GLY B 108 -2.18 -30.45 45.49
CA GLY B 108 -2.26 -29.30 44.62
C GLY B 108 -0.95 -28.56 44.49
N ALA B 109 -0.25 -28.37 45.61
CA ALA B 109 1.07 -27.75 45.58
C ALA B 109 2.06 -28.60 44.82
N LYS B 110 1.97 -29.91 44.96
CA LYS B 110 2.89 -30.78 44.25
C LYS B 110 2.67 -30.71 42.75
N HIS B 111 1.40 -30.64 42.33
CA HIS B 111 1.05 -30.63 40.92
C HIS B 111 1.21 -29.27 40.28
N ALA B 112 1.19 -28.19 41.08
CA ALA B 112 1.56 -26.90 40.52
C ALA B 112 3.02 -26.91 40.10
N TRP B 113 3.89 -27.53 40.90
CA TRP B 113 5.27 -27.67 40.48
C TRP B 113 5.38 -28.63 39.30
N ARG B 114 4.67 -29.75 39.34
CA ARG B 114 4.66 -30.69 38.23
C ARG B 114 4.25 -30.00 36.94
N ASN B 115 3.34 -29.02 37.02
CA ASN B 115 2.76 -28.33 35.88
C ASN B 115 3.56 -27.10 35.44
N ALA B 116 4.59 -26.71 36.19
CA ALA B 116 5.35 -25.50 35.90
C ALA B 116 6.20 -25.70 34.64
N SER B 117 5.70 -25.26 33.50
CA SER B 117 6.38 -25.58 32.25
CA SER B 117 6.36 -25.54 32.23
C SER B 117 7.75 -24.93 32.13
N ARG B 118 8.02 -23.84 32.85
CA ARG B 118 9.32 -23.17 32.77
C ARG B 118 10.38 -23.77 33.68
N CYS B 119 10.11 -24.88 34.35
CA CYS B 119 11.01 -25.42 35.37
C CYS B 119 11.65 -26.72 34.88
N VAL B 120 12.98 -26.73 34.80
CA VAL B 120 13.77 -27.89 34.36
C VAL B 120 13.98 -28.89 35.48
N GLY B 121 13.70 -28.52 36.72
CA GLY B 121 14.03 -29.38 37.83
C GLY B 121 12.88 -30.24 38.32
N ARG B 122 11.87 -30.41 37.48
CA ARG B 122 10.62 -31.07 37.88
C ARG B 122 10.75 -32.58 38.07
N ILE B 123 11.89 -33.20 37.76
CA ILE B 123 11.97 -34.63 38.00
C ILE B 123 11.76 -34.94 39.48
N GLN B 124 11.90 -33.93 40.34
CA GLN B 124 11.82 -34.06 41.79
C GLN B 124 10.44 -33.69 42.35
N TRP B 125 9.47 -33.41 41.49
CA TRP B 125 8.21 -32.78 41.93
C TRP B 125 7.48 -33.58 43.00
N SER B 126 7.51 -34.90 42.92
CA SER B 126 6.72 -35.68 43.87
C SER B 126 7.29 -35.64 45.28
N LYS B 127 8.54 -35.19 45.45
CA LYS B 127 9.16 -35.10 46.77
C LYS B 127 9.24 -33.65 47.22
N LEU B 128 8.08 -33.03 47.41
CA LEU B 128 7.97 -31.67 47.89
C LEU B 128 7.42 -31.71 49.31
N GLN B 129 8.10 -31.02 50.23
CA GLN B 129 7.63 -30.89 51.59
C GLN B 129 6.71 -29.68 51.69
N VAL B 130 5.45 -29.92 52.05
CA VAL B 130 4.43 -28.88 52.08
C VAL B 130 4.22 -28.44 53.52
N PHE B 131 4.42 -27.16 53.80
CA PHE B 131 4.18 -26.61 55.12
C PHE B 131 2.87 -25.83 55.07
N ASP B 132 1.85 -26.35 55.76
CA ASP B 132 0.54 -25.72 55.83
C ASP B 132 0.59 -24.59 56.84
N ALA B 133 0.47 -23.36 56.37
CA ALA B 133 0.52 -22.16 57.21
C ALA B 133 -0.79 -21.39 57.12
N ARG B 134 -1.87 -22.08 56.78
CA ARG B 134 -3.16 -21.40 56.68
C ARG B 134 -3.75 -20.99 58.06
N ASP B 135 -3.13 -21.32 59.20
CA ASP B 135 -3.58 -20.72 60.45
C ASP B 135 -2.81 -19.45 60.80
N CYS B 136 -1.83 -19.04 59.99
CA CYS B 136 -1.06 -17.86 60.32
C CYS B 136 -1.94 -16.63 60.22
N THR B 137 -1.78 -15.71 61.19
CA THR B 137 -2.56 -14.49 61.24
C THR B 137 -1.73 -13.22 61.27
N THR B 138 -0.44 -13.30 61.55
CA THR B 138 0.37 -12.10 61.72
C THR B 138 1.70 -12.26 61.00
N ALA B 139 2.33 -11.11 60.74
CA ALA B 139 3.65 -11.08 60.11
C ALA B 139 4.68 -11.83 60.93
N HIS B 140 4.63 -11.67 62.27
CA HIS B 140 5.49 -12.45 63.15
C HIS B 140 5.31 -13.93 62.93
N GLY B 141 4.06 -14.37 62.75
CA GLY B 141 3.83 -15.77 62.45
C GLY B 141 4.42 -16.15 61.10
N MET B 142 4.33 -15.23 60.14
CA MET B 142 4.96 -15.48 58.84
C MET B 142 6.48 -15.62 58.99
N PHE B 143 7.08 -14.73 59.80
CA PHE B 143 8.51 -14.83 60.09
C PHE B 143 8.85 -16.17 60.74
N ASN B 144 8.00 -16.63 61.67
CA ASN B 144 8.22 -17.94 62.30
C ASN B 144 8.14 -19.07 61.27
N TYR B 145 7.03 -19.14 60.54
CA TYR B 145 6.87 -20.14 59.47
C TYR B 145 8.03 -20.11 58.47
N ILE B 146 8.40 -18.91 57.99
CA ILE B 146 9.46 -18.81 56.98
C ILE B 146 10.80 -19.23 57.54
N CYS B 147 11.11 -18.86 58.80
CA CYS B 147 12.38 -19.30 59.40
C CYS B 147 12.47 -20.83 59.49
N ASN B 148 11.35 -21.48 59.86
CA ASN B 148 11.35 -22.94 59.93
C ASN B 148 11.53 -23.57 58.55
N HIS B 149 10.91 -22.96 57.53
CA HIS B 149 11.13 -23.36 56.14
C HIS B 149 12.60 -23.34 55.81
N VAL B 150 13.24 -22.19 56.03
CA VAL B 150 14.66 -22.02 55.69
C VAL B 150 15.51 -23.06 56.38
N LYS B 151 15.30 -23.24 57.69
CA LYS B 151 16.10 -24.19 58.45
C LYS B 151 15.91 -25.61 57.91
N TYR B 152 14.66 -25.99 57.63
CA TYR B 152 14.37 -27.31 57.08
C TYR B 152 14.96 -27.46 55.67
N ALA B 153 14.61 -26.55 54.76
CA ALA B 153 15.12 -26.65 53.38
C ALA B 153 16.64 -26.70 53.36
N THR B 154 17.30 -25.86 54.18
CA THR B 154 18.75 -25.77 54.10
C THR B 154 19.42 -27.06 54.53
N ASN B 155 18.91 -27.70 55.60
CA ASN B 155 19.36 -29.03 56.05
C ASN B 155 20.88 -29.14 56.10
N LYS B 156 21.54 -28.08 56.60
CA LYS B 156 22.99 -28.02 56.71
C LYS B 156 23.70 -28.24 55.36
N GLY B 157 23.06 -27.86 54.26
CA GLY B 157 23.67 -27.94 52.94
C GLY B 157 23.16 -29.08 52.09
N ASN B 158 22.48 -30.05 52.69
CA ASN B 158 21.87 -31.14 51.94
C ASN B 158 20.44 -30.70 51.66
N LEU B 159 20.26 -29.92 50.59
CA LEU B 159 19.03 -29.14 50.42
C LEU B 159 17.84 -30.02 50.11
N ARG B 160 16.66 -29.55 50.53
CA ARG B 160 15.39 -30.27 50.40
C ARG B 160 14.31 -29.32 49.92
N SER B 161 13.56 -29.73 48.92
CA SER B 161 12.47 -28.91 48.39
C SER B 161 11.35 -28.74 49.41
N ALA B 162 10.88 -27.51 49.55
CA ALA B 162 9.73 -27.29 50.40
C ALA B 162 8.97 -26.07 49.90
N ILE B 163 7.70 -26.01 50.30
CA ILE B 163 6.83 -24.87 50.11
C ILE B 163 6.12 -24.61 51.43
N THR B 164 5.81 -23.35 51.69
CA THR B 164 5.03 -22.96 52.86
C THR B 164 3.87 -22.11 52.35
N ILE B 165 2.65 -22.53 52.68
CA ILE B 165 1.46 -21.96 52.06
C ILE B 165 0.68 -21.19 53.12
N PHE B 166 0.62 -19.87 52.95
CA PHE B 166 -0.07 -18.98 53.87
C PHE B 166 -1.52 -18.86 53.46
N PRO B 167 -2.36 -18.19 54.26
CA PRO B 167 -3.81 -18.18 53.95
C PRO B 167 -4.13 -17.59 52.59
N GLN B 168 -5.11 -18.20 51.93
CA GLN B 168 -5.52 -17.85 50.57
C GLN B 168 -6.19 -16.49 50.52
N ARG B 169 -6.35 -16.00 49.30
CA ARG B 169 -7.04 -14.74 49.11
C ARG B 169 -8.50 -14.90 49.54
N THR B 170 -9.06 -13.82 50.08
CA THR B 170 -10.48 -13.77 50.40
C THR B 170 -11.11 -12.71 49.52
N ASP B 171 -11.12 -11.44 49.92
CA ASP B 171 -11.70 -10.38 49.12
C ASP B 171 -10.64 -9.57 48.38
N GLY B 172 -9.40 -10.00 48.39
CA GLY B 172 -8.34 -9.23 47.78
C GLY B 172 -7.80 -8.08 48.61
N LYS B 173 -8.48 -7.73 49.71
CA LYS B 173 -8.03 -6.66 50.59
C LYS B 173 -7.42 -7.16 51.89
N HIS B 174 -7.28 -8.47 52.05
CA HIS B 174 -6.66 -9.08 53.22
C HIS B 174 -5.63 -10.09 52.78
N ASP B 175 -4.81 -9.69 51.81
CA ASP B 175 -3.85 -10.61 51.22
C ASP B 175 -2.65 -10.80 52.12
N PHE B 176 -2.14 -12.03 52.13
CA PHE B 176 -0.82 -12.32 52.65
C PHE B 176 0.19 -12.24 51.51
N ARG B 177 1.29 -11.54 51.73
CA ARG B 177 2.35 -11.41 50.73
C ARG B 177 3.71 -11.40 51.40
N VAL B 178 4.63 -12.20 50.84
CA VAL B 178 6.06 -11.98 51.01
C VAL B 178 6.49 -10.97 49.96
N TRP B 179 6.94 -9.79 50.39
CA TRP B 179 7.32 -8.73 49.44
C TRP B 179 8.69 -8.96 48.82
N ASN B 180 9.55 -9.74 49.48
CA ASN B 180 10.79 -10.19 48.86
C ASN B 180 10.46 -11.03 47.63
N SER B 181 11.33 -10.97 46.62
CA SER B 181 11.15 -11.84 45.45
C SER B 181 11.69 -13.23 45.70
N GLN B 182 12.79 -13.32 46.44
CA GLN B 182 13.23 -14.57 47.04
C GLN B 182 13.41 -14.35 48.54
N LEU B 183 13.47 -15.47 49.30
CA LEU B 183 13.62 -15.38 50.74
C LEU B 183 14.98 -14.84 51.13
N ILE B 184 16.03 -15.30 50.44
CA ILE B 184 17.40 -14.82 50.67
C ILE B 184 17.86 -14.12 49.40
N ARG B 185 18.03 -12.79 49.47
CA ARG B 185 18.69 -12.04 48.41
C ARG B 185 19.61 -11.01 49.04
N TYR B 186 20.63 -10.58 48.28
CA TYR B 186 21.60 -9.58 48.72
C TYR B 186 21.19 -8.18 48.30
N ALA B 187 21.47 -7.22 49.16
CA ALA B 187 21.02 -5.85 48.93
C ALA B 187 21.75 -5.22 47.75
N GLY B 188 21.15 -4.18 47.21
CA GLY B 188 21.77 -3.37 46.17
C GLY B 188 21.62 -1.89 46.46
N TYR B 189 22.73 -1.15 46.40
CA TYR B 189 22.73 0.28 46.64
C TYR B 189 23.30 0.98 45.41
N LYS B 190 22.55 1.91 44.85
CA LYS B 190 23.11 2.79 43.84
C LYS B 190 23.85 3.94 44.51
N GLN B 191 25.02 4.23 44.02
CA GLN B 191 25.89 5.24 44.57
C GLN B 191 25.70 6.57 43.85
N PRO B 192 25.95 7.67 44.57
CA PRO B 192 25.89 9.00 43.94
C PRO B 192 26.60 9.11 42.60
N ASP B 193 27.76 8.46 42.46
CA ASP B 193 28.52 8.50 41.22
C ASP B 193 27.98 7.55 40.15
N GLY B 194 26.83 6.93 40.40
CA GLY B 194 26.23 6.02 39.46
C GLY B 194 26.65 4.57 39.61
N SER B 195 27.73 4.30 40.34
CA SER B 195 28.13 2.93 40.54
C SER B 195 27.13 2.22 41.45
N THR B 196 27.24 0.91 41.49
CA THR B 196 26.35 0.09 42.30
C THR B 196 27.18 -0.74 43.26
N LEU B 197 26.70 -0.81 44.49
CA LEU B 197 27.28 -1.68 45.51
C LEU B 197 26.31 -2.81 45.78
N GLY B 198 26.82 -4.03 45.83
CA GLY B 198 25.94 -5.15 46.09
C GLY B 198 25.29 -5.63 44.80
N ASP B 199 24.05 -6.09 44.93
CA ASP B 199 23.42 -6.74 43.81
C ASP B 199 22.58 -5.73 43.03
N PRO B 200 22.92 -5.44 41.78
CA PRO B 200 22.14 -4.45 41.02
C PRO B 200 20.69 -4.85 40.82
N ALA B 201 20.43 -6.16 40.79
CA ALA B 201 19.09 -6.72 40.60
C ALA B 201 18.12 -6.38 41.71
N ASN B 202 18.61 -5.85 42.83
CA ASN B 202 17.79 -5.71 44.02
C ASN B 202 17.75 -4.28 44.54
N VAL B 203 18.18 -3.33 43.71
CA VAL B 203 18.31 -1.94 44.16
C VAL B 203 16.97 -1.38 44.57
N GLN B 204 15.92 -1.66 43.79
CA GLN B 204 14.61 -1.10 44.09
C GLN B 204 14.05 -1.68 45.38
N PHE B 205 14.12 -2.99 45.55
CA PHE B 205 13.58 -3.58 46.79
C PHE B 205 14.37 -3.11 48.01
N THR B 206 15.67 -2.87 47.85
CA THR B 206 16.48 -2.35 48.95
C THR B 206 15.99 -0.98 49.40
N GLU B 207 15.68 -0.11 48.43
CA GLU B 207 15.19 1.23 48.78
C GLU B 207 13.86 1.13 49.54
N ILE B 208 12.99 0.21 49.13
CA ILE B 208 11.75 0.00 49.89
C ILE B 208 12.06 -0.34 51.34
N CYS B 209 13.02 -1.25 51.55
CA CYS B 209 13.35 -1.70 52.90
C CYS B 209 13.92 -0.57 53.74
N ILE B 210 14.90 0.15 53.20
CA ILE B 210 15.48 1.31 53.87
C ILE B 210 14.38 2.29 54.27
N GLN B 211 13.42 2.49 53.38
CA GLN B 211 12.33 3.42 53.64
C GLN B 211 11.41 2.91 54.73
N GLN B 212 11.18 1.60 54.77
CA GLN B 212 10.41 0.98 55.84
C GLN B 212 11.12 1.04 57.18
N GLY B 213 12.35 1.54 57.25
CA GLY B 213 13.09 1.66 58.50
C GLY B 213 14.30 0.75 58.61
N TRP B 214 14.43 -0.25 57.74
CA TRP B 214 15.62 -1.09 57.75
C TRP B 214 16.88 -0.24 57.69
N LYS B 215 17.83 -0.55 58.58
CA LYS B 215 19.10 0.15 58.65
C LYS B 215 20.13 -0.64 57.86
N PRO B 216 20.48 -0.23 56.64
CA PRO B 216 21.34 -1.06 55.79
C PRO B 216 22.79 -1.01 56.23
N PRO B 217 23.44 -2.16 56.39
CA PRO B 217 24.87 -2.16 56.71
C PRO B 217 25.73 -1.50 55.64
N ARG B 218 25.22 -1.41 54.40
CA ARG B 218 25.97 -0.88 53.27
C ARG B 218 27.28 -1.64 53.08
N GLY B 219 27.20 -2.96 53.20
CA GLY B 219 28.22 -3.86 52.69
C GLY B 219 27.86 -4.35 51.30
N ARG B 220 28.60 -5.36 50.86
CA ARG B 220 28.44 -5.92 49.53
C ARG B 220 27.53 -7.14 49.48
N PHE B 221 27.50 -7.94 50.55
CA PHE B 221 26.58 -9.07 50.60
C PHE B 221 25.68 -8.97 51.82
N ASP B 222 24.87 -7.92 51.86
CA ASP B 222 23.92 -7.74 52.95
C ASP B 222 22.66 -8.55 52.65
N VAL B 223 22.40 -9.58 53.46
CA VAL B 223 21.16 -10.31 53.30
C VAL B 223 19.99 -9.37 53.59
N LEU B 224 19.06 -9.29 52.65
CA LEU B 224 17.97 -8.34 52.83
C LEU B 224 17.04 -8.79 53.95
N PRO B 225 16.36 -7.86 54.61
CA PRO B 225 15.38 -8.26 55.62
C PRO B 225 14.12 -8.75 54.94
N LEU B 226 13.36 -9.57 55.66
CA LEU B 226 12.07 -10.01 55.16
C LEU B 226 11.05 -8.89 55.37
N LEU B 227 10.21 -8.70 54.36
CA LEU B 227 9.16 -7.70 54.34
C LEU B 227 7.84 -8.46 54.24
N LEU B 228 7.16 -8.66 55.36
CA LEU B 228 6.05 -9.61 55.37
C LEU B 228 4.74 -8.91 55.69
N GLN B 229 3.70 -9.36 55.00
CA GLN B 229 2.38 -8.77 55.08
C GLN B 229 1.38 -9.87 55.39
N ALA B 230 0.61 -9.69 56.45
CA ALA B 230 -0.46 -10.61 56.82
C ALA B 230 -1.80 -9.88 56.76
N ASN B 231 -2.81 -10.57 56.22
CA ASN B 231 -4.20 -10.12 56.33
C ASN B 231 -4.40 -8.69 55.81
N GLY B 232 -3.62 -8.32 54.79
CA GLY B 232 -3.78 -7.03 54.14
C GLY B 232 -3.27 -5.82 54.91
N ASN B 233 -2.51 -6.04 55.99
CA ASN B 233 -1.95 -4.95 56.77
C ASN B 233 -0.59 -4.53 56.20
N ASP B 234 -0.09 -3.38 56.67
CA ASP B 234 1.21 -2.91 56.22
C ASP B 234 2.27 -3.97 56.46
N PRO B 235 3.19 -4.17 55.53
CA PRO B 235 4.25 -5.17 55.77
C PRO B 235 5.17 -4.75 56.90
N GLU B 236 5.86 -5.74 57.47
CA GLU B 236 6.74 -5.52 58.62
C GLU B 236 8.13 -6.10 58.36
N LEU B 237 9.12 -5.48 58.95
CA LEU B 237 10.52 -5.86 58.77
C LEU B 237 10.95 -6.89 59.81
N PHE B 238 11.68 -7.90 59.37
CA PHE B 238 12.23 -8.94 60.22
C PHE B 238 13.59 -9.34 59.68
N GLN B 239 14.56 -9.52 60.56
CA GLN B 239 15.90 -9.91 60.16
C GLN B 239 16.02 -11.42 60.28
N ILE B 240 16.22 -12.10 59.16
CA ILE B 240 16.46 -13.55 59.27
C ILE B 240 17.69 -13.78 60.13
N PRO B 241 17.67 -14.73 61.07
CA PRO B 241 18.85 -14.97 61.88
C PRO B 241 19.99 -15.44 61.01
N PRO B 242 21.16 -14.79 61.11
CA PRO B 242 22.25 -15.12 60.20
C PRO B 242 22.64 -16.59 60.22
N GLU B 243 22.50 -17.26 61.37
CA GLU B 243 22.89 -18.66 61.45
C GLU B 243 22.03 -19.56 60.56
N LEU B 244 20.89 -19.07 60.10
CA LEU B 244 20.01 -19.79 59.17
C LEU B 244 20.30 -19.51 57.67
N VAL B 245 21.24 -18.62 57.33
CA VAL B 245 21.52 -18.28 55.93
C VAL B 245 22.83 -18.98 55.55
N LEU B 246 22.71 -20.14 54.91
CA LEU B 246 23.90 -20.87 54.48
C LEU B 246 24.48 -20.20 53.24
N GLU B 247 25.80 -20.00 53.26
CA GLU B 247 26.52 -19.25 52.24
C GLU B 247 27.79 -20.00 51.83
N VAL B 248 28.16 -19.84 50.56
CA VAL B 248 29.28 -20.52 49.92
C VAL B 248 30.27 -19.50 49.39
N PRO B 249 31.47 -19.38 49.97
CA PRO B 249 32.49 -18.52 49.35
C PRO B 249 32.93 -19.11 48.01
N ILE B 250 33.07 -18.25 47.02
CA ILE B 250 33.29 -18.65 45.64
C ILE B 250 34.80 -18.63 45.35
N ARG B 251 35.35 -19.80 45.08
CA ARG B 251 36.74 -19.94 44.67
C ARG B 251 36.80 -20.77 43.39
N HIS B 252 37.87 -20.61 42.64
CA HIS B 252 38.01 -21.35 41.39
C HIS B 252 39.03 -22.46 41.58
N PRO B 253 38.79 -23.64 41.03
CA PRO B 253 39.70 -24.77 41.29
C PRO B 253 41.08 -24.58 40.69
N LYS B 254 41.23 -23.70 39.70
CA LYS B 254 42.51 -23.48 39.05
C LYS B 254 43.08 -22.08 39.28
N PHE B 255 42.24 -21.07 39.39
CA PHE B 255 42.70 -19.68 39.50
C PHE B 255 42.73 -19.31 40.98
N GLU B 256 43.93 -19.33 41.57
CA GLU B 256 44.04 -19.03 43.00
C GLU B 256 43.63 -17.59 43.30
N TRP B 257 43.62 -16.74 42.29
CA TRP B 257 43.25 -15.34 42.46
C TRP B 257 41.76 -15.12 42.54
N PHE B 258 40.96 -16.14 42.24
CA PHE B 258 39.52 -15.94 42.10
C PHE B 258 38.89 -15.64 43.45
N LYS B 259 39.31 -16.35 44.49
CA LYS B 259 38.85 -16.07 45.85
C LYS B 259 39.06 -14.61 46.22
N ASP B 260 40.11 -13.97 45.68
CA ASP B 260 40.42 -12.59 46.06
C ASP B 260 39.40 -11.59 45.52
N LEU B 261 38.51 -12.01 44.63
CA LEU B 261 37.39 -11.16 44.23
C LEU B 261 36.37 -10.99 45.37
N GLY B 262 36.45 -11.82 46.41
CA GLY B 262 35.67 -11.61 47.61
C GLY B 262 34.25 -12.11 47.54
N LEU B 263 33.97 -13.08 46.68
CA LEU B 263 32.60 -13.40 46.31
C LEU B 263 32.06 -14.55 47.14
N LYS B 264 30.76 -14.48 47.42
CA LYS B 264 30.01 -15.57 48.02
C LYS B 264 28.61 -15.52 47.45
N TRP B 265 27.90 -16.64 47.60
CA TRP B 265 26.50 -16.68 47.26
C TRP B 265 25.75 -17.44 48.35
N TYR B 266 24.43 -17.25 48.38
CA TYR B 266 23.58 -17.97 49.33
C TYR B 266 23.22 -19.33 48.79
N GLY B 267 23.11 -20.30 49.68
CA GLY B 267 22.91 -21.67 49.27
C GLY B 267 21.51 -22.03 48.84
N LEU B 268 20.50 -21.28 49.28
CA LEU B 268 19.11 -21.71 49.16
C LEU B 268 18.30 -20.80 48.26
N PRO B 269 17.88 -21.24 47.07
CA PRO B 269 17.03 -20.39 46.23
C PRO B 269 15.57 -20.63 46.60
N ALA B 270 14.80 -19.56 46.77
CA ALA B 270 13.50 -19.66 47.41
C ALA B 270 12.60 -18.55 46.87
N VAL B 271 11.80 -18.87 45.86
CA VAL B 271 10.94 -17.89 45.23
C VAL B 271 9.75 -17.59 46.13
N SER B 272 9.50 -16.31 46.38
CA SER B 272 8.47 -15.93 47.34
C SER B 272 7.45 -14.92 46.80
N ASN B 273 7.55 -14.53 45.53
CA ASN B 273 6.66 -13.50 44.99
C ASN B 273 5.59 -14.04 44.04
N MET B 274 5.46 -15.34 43.88
CA MET B 274 4.48 -15.93 42.96
C MET B 274 3.21 -16.34 43.67
N LEU B 275 2.20 -16.69 42.87
CA LEU B 275 0.87 -17.01 43.35
C LEU B 275 0.55 -18.46 43.04
N LEU B 276 0.09 -19.21 44.07
CA LEU B 276 -0.28 -20.60 43.92
C LEU B 276 -1.79 -20.71 43.77
N GLU B 277 -2.23 -21.33 42.69
CA GLU B 277 -3.64 -21.41 42.32
C GLU B 277 -4.04 -22.88 42.33
N ILE B 278 -4.94 -23.24 43.24
CA ILE B 278 -5.43 -24.61 43.35
C ILE B 278 -6.95 -24.54 43.39
N GLY B 279 -7.58 -25.12 42.39
CA GLY B 279 -9.03 -25.22 42.35
C GLY B 279 -9.74 -23.89 42.37
N GLY B 280 -9.10 -22.84 41.85
CA GLY B 280 -9.70 -21.53 41.87
C GLY B 280 -9.38 -20.71 43.11
N LEU B 281 -8.71 -21.31 44.08
CA LEU B 281 -8.23 -20.58 45.24
C LEU B 281 -6.85 -20.02 44.96
N GLU B 282 -6.60 -18.79 45.40
CA GLU B 282 -5.34 -18.10 45.16
C GLU B 282 -4.56 -17.95 46.46
N PHE B 283 -3.36 -18.50 46.49
CA PHE B 283 -2.47 -18.41 47.64
C PHE B 283 -1.39 -17.38 47.33
N SER B 284 -1.66 -16.12 47.68
CA SER B 284 -0.82 -14.99 47.29
C SER B 284 0.55 -14.99 47.96
N ALA B 285 0.78 -15.86 48.93
CA ALA B 285 2.09 -16.00 49.57
C ALA B 285 2.34 -17.50 49.73
N CYS B 286 3.37 -17.99 49.05
CA CYS B 286 3.62 -19.42 48.98
C CYS B 286 5.08 -19.68 48.70
N PRO B 287 6.00 -19.13 49.50
CA PRO B 287 7.42 -19.25 49.17
C PRO B 287 7.82 -20.71 49.02
N PHE B 288 8.58 -21.01 47.96
CA PHE B 288 9.03 -22.36 47.70
C PHE B 288 10.50 -22.35 47.37
N SER B 289 11.17 -23.45 47.67
CA SER B 289 12.62 -23.49 47.55
C SER B 289 13.05 -24.87 47.06
N GLY B 290 14.16 -24.90 46.34
CA GLY B 290 14.75 -26.14 45.90
C GLY B 290 16.23 -26.07 46.13
N TRP B 291 17.01 -26.26 45.07
CA TRP B 291 18.42 -25.98 45.09
C TRP B 291 18.79 -25.37 43.74
N TYR B 292 20.00 -24.86 43.63
CA TYR B 292 20.39 -24.15 42.41
C TYR B 292 20.84 -25.09 41.30
N MET B 293 20.47 -24.73 40.08
CA MET B 293 21.28 -25.06 38.92
C MET B 293 22.38 -24.01 38.86
N GLY B 294 23.59 -24.45 38.53
CA GLY B 294 24.75 -23.57 38.64
C GLY B 294 24.59 -22.22 37.97
N THR B 295 24.01 -22.20 36.77
CA THR B 295 23.97 -20.99 35.94
C THR B 295 22.97 -19.96 36.44
N GLU B 296 22.08 -20.32 37.37
CA GLU B 296 21.15 -19.33 37.88
C GLU B 296 21.85 -18.26 38.72
N ILE B 297 23.02 -18.55 39.26
CA ILE B 297 23.62 -17.71 40.30
C ILE B 297 24.23 -16.48 39.62
N GLY B 298 23.64 -15.31 39.88
CA GLY B 298 23.93 -14.10 39.12
C GLY B 298 25.09 -13.27 39.62
N VAL B 299 26.02 -13.92 40.30
CA VAL B 299 27.22 -13.30 40.87
C VAL B 299 28.01 -12.60 39.76
N ARG B 300 27.74 -13.00 38.51
CA ARG B 300 28.35 -12.38 37.35
C ARG B 300 28.08 -10.88 37.30
N ASP B 301 26.91 -10.45 37.75
CA ASP B 301 26.46 -9.06 37.61
C ASP B 301 26.89 -8.16 38.75
N TYR B 302 27.67 -8.68 39.70
CA TYR B 302 28.27 -7.80 40.70
C TYR B 302 29.33 -6.90 40.06
N CYS B 303 29.71 -5.86 40.79
CA CYS B 303 30.75 -4.93 40.36
C CYS B 303 31.92 -5.04 41.31
N ASP B 304 33.11 -5.37 40.77
CA ASP B 304 34.29 -5.53 41.61
C ASP B 304 34.81 -4.17 42.06
N ASN B 305 35.03 -3.26 41.12
CA ASN B 305 35.50 -1.92 41.37
C ASN B 305 34.38 -0.93 41.04
N SER B 306 34.74 0.25 40.57
CA SER B 306 33.78 1.30 40.26
C SER B 306 33.35 1.33 38.80
N ARG B 307 33.74 0.33 38.00
CA ARG B 307 33.50 0.40 36.56
C ARG B 307 33.24 -0.98 35.94
N TYR B 308 33.83 -2.02 36.51
CA TYR B 308 33.87 -3.33 35.86
C TYR B 308 32.95 -4.33 36.53
N ASN B 309 32.33 -5.18 35.71
CA ASN B 309 31.55 -6.33 36.16
C ASN B 309 32.46 -7.41 36.71
N ILE B 310 31.86 -8.39 37.38
CA ILE B 310 32.63 -9.58 37.72
C ILE B 310 33.04 -10.31 36.45
N LEU B 311 32.20 -10.26 35.42
CA LEU B 311 32.61 -10.78 34.11
C LEU B 311 33.83 -10.03 33.60
N GLU B 312 33.76 -8.70 33.54
CA GLU B 312 34.88 -7.90 33.06
C GLU B 312 36.11 -8.08 33.93
N GLU B 313 35.92 -8.18 35.25
CA GLU B 313 37.04 -8.36 36.17
C GLU B 313 37.66 -9.74 36.02
N VAL B 314 36.83 -10.78 35.90
CA VAL B 314 37.36 -12.11 35.65
C VAL B 314 38.11 -12.15 34.33
N ALA B 315 37.56 -11.49 33.31
CA ALA B 315 38.23 -11.45 32.02
C ALA B 315 39.51 -10.65 32.09
N LYS B 316 39.52 -9.60 32.90
CA LYS B 316 40.73 -8.80 33.10
C LYS B 316 41.83 -9.65 33.73
N LYS B 317 41.52 -10.30 34.84
CA LYS B 317 42.52 -11.09 35.55
C LYS B 317 42.96 -12.30 34.74
N MET B 318 42.17 -12.74 33.76
CA MET B 318 42.61 -13.79 32.83
C MET B 318 43.49 -13.26 31.71
N ASN B 319 43.77 -11.95 31.69
CA ASN B 319 44.56 -11.32 30.61
C ASN B 319 43.89 -11.51 29.25
N LEU B 320 42.57 -11.38 29.21
CA LEU B 320 41.86 -11.59 27.96
C LEU B 320 41.84 -10.32 27.12
N ASP B 321 41.83 -10.49 25.80
CA ASP B 321 41.70 -9.36 24.90
C ASP B 321 40.26 -8.86 24.90
N MET B 322 39.97 -7.88 25.76
CA MET B 322 38.63 -7.36 25.90
C MET B 322 38.35 -6.19 24.96
N ARG B 323 39.10 -6.07 23.87
CA ARG B 323 38.82 -5.04 22.88
C ARG B 323 37.69 -5.47 21.94
N LYS B 324 37.99 -6.42 21.05
CA LYS B 324 36.97 -6.92 20.13
C LYS B 324 36.11 -7.99 20.79
N THR B 325 34.84 -8.04 20.38
CA THR B 325 33.95 -9.10 20.86
C THR B 325 34.40 -10.47 20.35
N SER B 326 34.92 -10.53 19.13
CA SER B 326 35.22 -11.80 18.47
C SER B 326 36.36 -12.55 19.13
N SER B 327 37.06 -11.97 20.11
CA SER B 327 37.94 -12.77 20.93
C SER B 327 37.18 -13.76 21.78
N LEU B 328 35.87 -13.54 21.98
CA LEU B 328 34.99 -14.33 22.85
C LEU B 328 35.46 -14.32 24.30
N TRP B 329 36.06 -13.20 24.72
CA TRP B 329 36.44 -13.06 26.13
C TRP B 329 35.24 -13.16 27.05
N LYS B 330 34.09 -12.60 26.64
CA LYS B 330 32.91 -12.67 27.48
C LYS B 330 32.44 -14.10 27.65
N ASP B 331 32.46 -14.88 26.57
CA ASP B 331 32.17 -16.30 26.66
C ASP B 331 33.18 -17.03 27.54
N GLN B 332 34.48 -16.73 27.37
CA GLN B 332 35.51 -17.45 28.10
C GLN B 332 35.35 -17.27 29.60
N ALA B 333 35.20 -16.01 30.04
CA ALA B 333 35.08 -15.71 31.46
C ALA B 333 33.80 -16.27 32.05
N LEU B 334 32.71 -16.26 31.27
CA LEU B 334 31.45 -16.83 31.72
C LEU B 334 31.59 -18.30 32.11
N VAL B 335 32.31 -19.10 31.30
CA VAL B 335 32.55 -20.50 31.67
C VAL B 335 33.27 -20.59 33.01
N GLU B 336 34.34 -19.81 33.16
CA GLU B 336 35.16 -19.94 34.35
C GLU B 336 34.36 -19.60 35.61
N ILE B 337 33.58 -18.52 35.57
CA ILE B 337 32.73 -18.16 36.70
C ILE B 337 31.79 -19.31 37.04
N ASN B 338 31.25 -19.97 36.03
CA ASN B 338 30.33 -21.07 36.29
C ASN B 338 31.06 -22.28 36.83
N ILE B 339 32.28 -22.54 36.33
CA ILE B 339 33.10 -23.58 36.93
C ILE B 339 33.30 -23.30 38.42
N ALA B 340 33.62 -22.05 38.75
CA ALA B 340 33.92 -21.68 40.13
C ALA B 340 32.72 -21.86 41.03
N VAL B 341 31.56 -21.41 40.57
CA VAL B 341 30.32 -21.56 41.32
C VAL B 341 30.07 -23.02 41.66
N LEU B 342 30.18 -23.90 40.65
CA LEU B 342 29.87 -25.32 40.85
C LEU B 342 30.89 -25.98 41.77
N TYR B 343 32.17 -25.75 41.52
CA TYR B 343 33.23 -26.29 42.37
C TYR B 343 33.10 -25.81 43.81
N SER B 344 32.67 -24.57 44.00
CA SER B 344 32.62 -24.01 45.34
C SER B 344 31.51 -24.66 46.16
N PHE B 345 30.32 -24.76 45.56
CA PHE B 345 29.21 -25.44 46.22
C PHE B 345 29.55 -26.89 46.51
N GLN B 346 30.13 -27.59 45.53
CA GLN B 346 30.42 -29.01 45.72
C GLN B 346 31.42 -29.22 46.83
N SER B 347 32.47 -28.39 46.87
CA SER B 347 33.47 -28.46 47.93
C SER B 347 32.82 -28.33 49.31
N ASP B 348 31.95 -27.34 49.46
CA ASP B 348 31.30 -27.11 50.74
C ASP B 348 30.13 -28.06 50.98
N LYS B 349 29.97 -29.10 50.15
CA LYS B 349 28.88 -30.07 50.28
C LYS B 349 27.52 -29.40 50.44
N VAL B 350 27.28 -28.39 49.59
CA VAL B 350 25.97 -27.77 49.45
C VAL B 350 25.39 -28.20 48.09
N THR B 351 24.13 -28.62 48.09
CA THR B 351 23.54 -29.18 46.88
C THR B 351 23.52 -28.15 45.75
N ILE B 352 23.88 -28.62 44.56
CA ILE B 352 23.82 -27.80 43.35
C ILE B 352 23.80 -28.78 42.17
N VAL B 353 23.28 -28.32 41.03
CA VAL B 353 23.24 -29.14 39.82
C VAL B 353 23.74 -28.33 38.63
N ASP B 354 24.63 -28.93 37.83
CA ASP B 354 25.11 -28.24 36.65
C ASP B 354 24.08 -28.34 35.54
N HIS B 355 24.20 -27.47 34.55
CA HIS B 355 23.16 -27.38 33.54
C HIS B 355 23.14 -28.60 32.64
N HIS B 356 24.25 -29.30 32.51
CA HIS B 356 24.25 -30.58 31.81
C HIS B 356 23.46 -31.63 32.59
N SER B 357 23.79 -31.80 33.87
CA SER B 357 23.09 -32.81 34.65
C SER B 357 21.58 -32.54 34.69
N ALA B 358 21.20 -31.27 34.90
CA ALA B 358 19.78 -30.93 34.99
C ALA B 358 19.04 -31.17 33.67
N THR B 359 19.62 -30.80 32.53
CA THR B 359 18.87 -30.98 31.29
C THR B 359 18.68 -32.46 30.97
N GLU B 360 19.73 -33.27 31.18
CA GLU B 360 19.61 -34.70 30.97
C GLU B 360 18.49 -35.30 31.84
N SER B 361 18.46 -34.95 33.12
CA SER B 361 17.40 -35.46 33.98
CA SER B 361 17.40 -35.49 33.96
C SER B 361 16.04 -34.99 33.49
N PHE B 362 15.96 -33.74 33.02
CA PHE B 362 14.68 -33.26 32.51
C PHE B 362 14.20 -34.07 31.31
N ILE B 363 15.11 -34.49 30.41
CA ILE B 363 14.67 -35.30 29.29
C ILE B 363 14.15 -36.64 29.78
N LYS B 364 14.85 -37.27 30.74
CA LYS B 364 14.34 -38.49 31.33
C LYS B 364 12.98 -38.27 31.98
N HIS B 365 12.84 -37.17 32.73
CA HIS B 365 11.55 -36.85 33.35
C HIS B 365 10.47 -36.62 32.29
N MET B 366 10.78 -35.83 31.27
CA MET B 366 9.81 -35.55 30.21
C MET B 366 9.31 -36.84 29.56
N GLU B 367 10.22 -37.76 29.23
CA GLU B 367 9.77 -39.00 28.60
C GLU B 367 8.92 -39.84 29.54
N ASN B 368 9.30 -39.89 30.81
CA ASN B 368 8.50 -40.63 31.78
C ASN B 368 7.14 -39.97 31.99
N GLU B 369 7.09 -38.63 31.98
CA GLU B 369 5.79 -37.94 32.06
C GLU B 369 4.90 -38.23 30.85
N TYR B 370 5.48 -38.29 29.63
CA TYR B 370 4.67 -38.69 28.48
C TYR B 370 4.11 -40.09 28.64
N ARG B 371 4.85 -41.00 29.29
CA ARG B 371 4.39 -42.39 29.38
C ARG B 371 3.28 -42.54 30.41
N CYS B 372 3.48 -42.02 31.62
CA CYS B 372 2.48 -42.23 32.66
C CYS B 372 1.37 -41.19 32.60
N ARG B 373 1.66 -39.98 32.13
CA ARG B 373 0.70 -38.89 32.21
C ARG B 373 0.14 -38.45 30.86
N GLY B 374 0.77 -38.82 29.77
CA GLY B 374 0.27 -38.40 28.49
C GLY B 374 0.81 -37.07 28.03
N GLY B 375 1.76 -36.49 28.76
CA GLY B 375 2.46 -35.33 28.28
C GLY B 375 3.15 -34.59 29.41
N CYS B 376 3.82 -33.54 29.02
CA CYS B 376 4.55 -32.70 29.94
C CYS B 376 4.74 -31.32 29.33
N PRO B 377 3.96 -30.32 29.74
CA PRO B 377 4.13 -28.98 29.17
C PRO B 377 5.49 -28.39 29.55
N ALA B 378 6.15 -27.77 28.57
CA ALA B 378 7.53 -27.32 28.71
C ALA B 378 7.77 -26.07 27.86
N ASP B 379 8.43 -25.09 28.47
CA ASP B 379 8.70 -23.80 27.84
C ASP B 379 10.17 -23.82 27.42
N TRP B 380 10.40 -24.22 26.16
CA TRP B 380 11.76 -24.40 25.64
C TRP B 380 12.60 -23.15 25.87
N VAL B 381 12.03 -21.97 25.64
CA VAL B 381 12.66 -20.67 25.90
C VAL B 381 13.20 -20.60 27.33
N TRP B 382 12.60 -21.35 28.25
CA TRP B 382 13.03 -21.35 29.65
C TRP B 382 13.74 -22.61 30.07
N ILE B 383 13.48 -23.74 29.41
CA ILE B 383 14.19 -24.97 29.74
C ILE B 383 15.63 -24.90 29.25
N VAL B 384 15.86 -24.28 28.09
CA VAL B 384 17.25 -24.24 27.60
C VAL B 384 18.09 -23.37 28.51
N PRO B 385 19.23 -23.86 29.00
CA PRO B 385 20.05 -23.08 29.94
C PRO B 385 20.57 -21.80 29.29
N PRO B 386 20.93 -20.79 30.09
CA PRO B 386 21.35 -19.49 29.52
C PRO B 386 22.72 -19.52 28.84
N MET B 387 23.44 -20.63 28.85
CA MET B 387 24.70 -20.75 28.15
C MET B 387 24.80 -22.16 27.58
N SER B 388 25.70 -22.33 26.60
CA SER B 388 26.01 -23.63 26.00
C SER B 388 24.75 -24.38 25.59
N GLY B 389 23.78 -23.64 25.06
CA GLY B 389 22.45 -24.19 24.87
C GLY B 389 22.42 -25.44 24.00
N SER B 390 23.09 -25.39 22.84
CA SER B 390 22.94 -26.48 21.87
C SER B 390 23.69 -27.75 22.23
N ILE B 391 24.68 -27.68 23.13
CA ILE B 391 25.35 -28.87 23.62
C ILE B 391 24.65 -29.47 24.86
N THR B 392 23.47 -29.00 25.19
CA THR B 392 22.66 -29.71 26.18
C THR B 392 21.48 -30.38 25.49
N PRO B 393 20.97 -31.51 26.01
CA PRO B 393 20.00 -32.30 25.25
C PRO B 393 18.64 -31.67 25.06
N VAL B 394 18.24 -30.65 25.83
CA VAL B 394 16.91 -30.08 25.64
C VAL B 394 16.85 -29.21 24.39
N PHE B 395 17.99 -28.74 23.92
CA PHE B 395 18.02 -27.81 22.80
C PHE B 395 17.40 -28.41 21.55
N HIS B 396 17.59 -29.71 21.32
CA HIS B 396 17.05 -30.41 20.16
C HIS B 396 15.74 -31.12 20.45
N GLN B 397 15.21 -30.94 21.66
CA GLN B 397 13.96 -31.56 22.09
C GLN B 397 12.81 -30.63 21.78
N GLU B 398 11.88 -31.09 20.94
CA GLU B 398 10.64 -30.35 20.78
C GLU B 398 9.79 -30.44 22.06
N MET B 399 9.00 -29.39 22.30
CA MET B 399 8.28 -29.25 23.56
C MET B 399 6.97 -28.53 23.28
N LEU B 400 5.89 -29.04 23.86
CA LEU B 400 4.59 -28.36 23.78
C LEU B 400 4.34 -27.58 25.07
N ASN B 401 3.87 -26.35 24.92
CA ASN B 401 3.60 -25.47 26.05
C ASN B 401 2.10 -25.25 26.19
N TYR B 402 1.58 -25.55 27.38
CA TYR B 402 0.18 -25.31 27.73
C TYR B 402 0.08 -25.18 29.24
N ARG B 403 -0.99 -24.54 29.68
CA ARG B 403 -1.16 -24.17 31.09
C ARG B 403 -2.09 -25.18 31.76
N LEU B 404 -1.52 -26.06 32.57
CA LEU B 404 -2.33 -26.89 33.45
C LEU B 404 -2.49 -26.23 34.79
N THR B 405 -3.63 -26.47 35.42
CA THR B 405 -3.86 -26.08 36.79
C THR B 405 -4.01 -27.33 37.67
N PRO B 406 -3.55 -27.28 38.93
CA PRO B 406 -2.93 -26.16 39.66
C PRO B 406 -1.68 -25.61 38.99
N SER B 407 -1.36 -24.35 39.30
CA SER B 407 -0.22 -23.68 38.68
C SER B 407 0.35 -22.65 39.62
N PHE B 408 1.60 -22.27 39.36
CA PHE B 408 2.19 -21.05 39.88
C PHE B 408 2.04 -19.96 38.83
N GLU B 409 1.65 -18.77 39.26
CA GLU B 409 1.40 -17.64 38.40
C GLU B 409 2.17 -16.44 38.93
N TYR B 410 2.55 -15.56 38.00
CA TYR B 410 3.04 -14.27 38.40
C TYR B 410 1.91 -13.45 39.00
N GLN B 411 2.26 -12.50 39.83
CA GLN B 411 1.28 -11.59 40.41
C GLN B 411 1.93 -10.23 40.58
N PRO B 412 1.15 -9.15 40.60
CA PRO B 412 1.74 -7.81 40.69
C PRO B 412 2.59 -7.64 41.93
N ASP B 413 3.57 -6.74 41.83
CA ASP B 413 4.40 -6.40 42.97
C ASP B 413 3.58 -5.67 44.01
N PRO B 414 3.66 -6.04 45.30
CA PRO B 414 2.65 -5.56 46.26
C PRO B 414 2.72 -4.08 46.54
N TRP B 415 3.87 -3.44 46.32
CA TRP B 415 3.94 -2.01 46.52
C TRP B 415 3.27 -1.20 45.41
N ASN B 416 2.86 -1.85 44.31
CA ASN B 416 2.11 -1.14 43.29
C ASN B 416 0.61 -1.17 43.54
N THR B 417 0.12 -2.10 44.37
CA THR B 417 -1.30 -2.23 44.63
C THR B 417 -1.71 -2.03 46.08
N HIS B 418 -0.78 -2.16 47.04
CA HIS B 418 -1.12 -2.07 48.45
C HIS B 418 -1.57 -0.66 48.83
N VAL B 419 -2.72 -0.57 49.48
CA VAL B 419 -3.22 0.70 49.99
C VAL B 419 -2.80 0.79 51.45
N TRP B 420 -1.95 1.78 51.75
CA TRP B 420 -1.23 1.82 53.01
C TRP B 420 -2.17 2.18 54.17
N LYS B 421 -2.08 1.37 55.24
CA LYS B 421 -3.02 1.49 56.35
C LYS B 421 -2.70 2.70 57.22
N LEU B 422 -1.52 2.71 57.82
CA LEU B 422 -1.23 3.64 58.91
C LEU B 422 -0.80 5.00 58.39
N VAL B 423 -1.30 6.05 59.03
CA VAL B 423 -1.01 7.44 58.65
C VAL B 423 0.31 7.89 59.26
N PHE C 4 8.86 24.08 -16.41
CA PHE C 4 7.72 24.99 -16.42
C PHE C 4 6.83 24.70 -17.62
N LEU C 5 5.55 25.04 -17.51
CA LEU C 5 4.60 24.83 -18.60
C LEU C 5 3.72 26.06 -18.73
N LYS C 6 3.68 26.63 -19.93
CA LYS C 6 2.91 27.83 -20.19
C LYS C 6 1.49 27.49 -20.59
N VAL C 7 0.54 28.28 -20.10
CA VAL C 7 -0.83 28.23 -20.56
C VAL C 7 -1.15 29.60 -21.13
N LYS C 8 -2.00 29.61 -22.14
CA LYS C 8 -2.21 30.82 -22.91
C LYS C 8 -3.71 31.07 -23.05
N ASN C 9 -4.08 32.34 -23.00
CA ASN C 9 -5.46 32.73 -23.25
C ASN C 9 -5.50 33.28 -24.66
N TRP C 10 -6.25 32.61 -25.54
CA TRP C 10 -6.23 32.99 -26.95
C TRP C 10 -7.10 34.20 -27.27
N GLU C 11 -7.85 34.71 -26.29
CA GLU C 11 -8.49 36.02 -26.46
C GLU C 11 -7.56 37.16 -26.06
N THR C 12 -7.05 37.11 -24.83
CA THR C 12 -6.25 38.20 -24.25
C THR C 12 -4.76 38.03 -24.48
N GLU C 13 -4.32 36.88 -24.99
CA GLU C 13 -2.91 36.54 -25.18
C GLU C 13 -2.12 36.47 -23.88
N VAL C 14 -2.80 36.62 -22.73
CA VAL C 14 -2.14 36.41 -21.45
C VAL C 14 -1.59 35.00 -21.38
N VAL C 15 -0.32 34.88 -21.00
CA VAL C 15 0.36 33.61 -20.83
C VAL C 15 0.71 33.46 -19.36
N LEU C 16 0.30 32.34 -18.77
CA LEU C 16 0.71 32.03 -17.40
C LEU C 16 1.67 30.84 -17.43
N THR C 17 2.57 30.80 -16.45
CA THR C 17 3.62 29.79 -16.40
C THR C 17 3.44 28.95 -15.13
N ASP C 18 3.16 27.66 -15.31
CA ASP C 18 2.75 26.76 -14.25
C ASP C 18 3.93 25.94 -13.76
N THR C 19 4.26 26.07 -12.48
CA THR C 19 5.22 25.20 -11.81
C THR C 19 4.60 24.34 -10.73
N LEU C 20 3.35 24.59 -10.36
CA LEU C 20 2.71 23.85 -9.26
C LEU C 20 2.47 22.39 -9.64
N HIS C 21 2.42 22.09 -10.93
CA HIS C 21 2.19 20.72 -11.36
C HIS C 21 3.33 19.79 -10.98
N LEU C 22 4.51 20.35 -10.70
CA LEU C 22 5.64 19.54 -10.26
C LEU C 22 5.41 18.92 -8.90
N LYS C 23 4.41 19.37 -8.14
CA LYS C 23 4.04 18.75 -6.89
C LYS C 23 2.87 17.80 -7.02
N SER C 24 2.68 17.22 -8.20
CA SER C 24 1.57 16.32 -8.46
C SER C 24 1.96 14.89 -8.12
N THR C 25 1.06 14.17 -7.46
CA THR C 25 1.34 12.79 -7.05
C THR C 25 0.51 11.75 -7.77
N LEU C 26 -0.78 12.01 -7.98
CA LEU C 26 -1.66 11.00 -8.54
C LEU C 26 -1.70 11.06 -10.07
N GLU C 27 -1.94 9.90 -10.68
CA GLU C 27 -1.99 9.80 -12.13
C GLU C 27 -3.30 10.39 -12.64
N THR C 28 -3.22 11.12 -13.77
CA THR C 28 -4.43 11.64 -14.39
C THR C 28 -5.16 10.58 -15.19
N GLY C 29 -4.43 9.58 -15.67
CA GLY C 29 -4.95 8.58 -16.58
C GLY C 29 -4.39 8.72 -17.97
N CYS C 30 -3.85 9.89 -18.29
CA CYS C 30 -3.28 10.19 -19.60
C CYS C 30 -1.89 9.57 -19.74
N THR C 31 -1.47 9.40 -21.00
CA THR C 31 -0.12 8.97 -21.29
C THR C 31 0.44 9.86 -22.39
N GLU C 32 1.67 9.56 -22.82
CA GLU C 32 2.22 10.23 -24.00
C GLU C 32 1.30 10.02 -25.20
N TYR C 33 0.62 8.88 -25.26
CA TYR C 33 -0.08 8.43 -26.46
C TYR C 33 -1.60 8.50 -26.39
N ILE C 34 -2.19 8.57 -25.21
CA ILE C 34 -3.63 8.68 -25.07
C ILE C 34 -3.95 9.74 -24.02
N CYS C 35 -4.97 10.55 -24.30
CA CYS C 35 -5.48 11.54 -23.36
C CYS C 35 -6.87 11.12 -22.93
N MET C 36 -7.09 11.10 -21.61
CA MET C 36 -8.36 10.70 -21.03
C MET C 36 -9.12 11.88 -20.42
N GLY C 37 -8.89 13.08 -20.96
CA GLY C 37 -9.46 14.28 -20.37
C GLY C 37 -10.98 14.35 -20.33
N SER C 38 -11.67 13.43 -21.00
CA SER C 38 -13.13 13.39 -21.03
C SER C 38 -13.66 12.07 -20.49
N ILE C 39 -12.81 11.30 -19.83
CA ILE C 39 -13.25 10.18 -19.02
C ILE C 39 -13.73 10.70 -17.66
N MET C 40 -14.89 10.23 -17.25
CA MET C 40 -15.46 10.65 -15.97
C MET C 40 -14.54 10.27 -14.81
N HIS C 41 -14.14 9.00 -14.74
CA HIS C 41 -13.19 8.51 -13.75
C HIS C 41 -12.02 7.89 -14.51
N PRO C 42 -11.04 8.71 -14.93
CA PRO C 42 -9.95 8.17 -15.76
C PRO C 42 -8.96 7.28 -15.02
N SER C 43 -8.85 7.39 -13.70
CA SER C 43 -7.80 6.68 -12.98
C SER C 43 -8.36 6.03 -11.71
N GLN C 44 -7.70 4.96 -11.29
CA GLN C 44 -7.91 4.34 -9.99
C GLN C 44 -6.69 4.47 -9.09
N HIS C 45 -5.69 5.24 -9.51
CA HIS C 45 -4.50 5.50 -8.70
C HIS C 45 -4.91 6.16 -7.40
N ALA C 46 -4.94 5.37 -6.33
CA ALA C 46 -5.20 5.82 -4.98
C ALA C 46 -3.88 5.92 -4.22
N ARG C 47 -3.84 6.81 -3.23
CA ARG C 47 -2.60 6.99 -2.48
C ARG C 47 -2.36 5.89 -1.45
N ARG C 48 -3.31 4.99 -1.21
CA ARG C 48 -3.17 3.95 -0.20
C ARG C 48 -3.88 2.70 -0.66
N PRO C 49 -3.48 1.51 -0.15
CA PRO C 49 -4.17 0.27 -0.54
C PRO C 49 -5.61 0.18 -0.03
N GLU C 50 -6.25 -0.98 -0.27
CA GLU C 50 -7.71 -1.04 -0.34
C GLU C 50 -8.40 -0.78 0.99
N ASP C 51 -7.76 -1.10 2.12
CA ASP C 51 -8.30 -0.62 3.39
C ASP C 51 -7.20 -0.39 4.43
N VAL C 52 -7.27 -1.08 5.57
CA VAL C 52 -6.37 -0.82 6.69
C VAL C 52 -4.92 -1.10 6.27
N ALA C 53 -4.19 -0.01 6.01
CA ALA C 53 -2.83 -0.04 5.49
C ALA C 53 -1.81 -0.20 6.62
N THR C 54 -0.66 -0.76 6.26
CA THR C 54 0.46 -0.85 7.18
C THR C 54 1.04 0.53 7.44
N LYS C 55 2.01 0.61 8.37
CA LYS C 55 2.56 1.90 8.72
C LYS C 55 3.38 2.50 7.58
N ASP C 56 4.17 1.68 6.89
CA ASP C 56 5.00 2.17 5.79
C ASP C 56 4.18 2.64 4.59
N GLN C 57 2.86 2.40 4.59
CA GLN C 57 1.95 3.01 3.62
C GLN C 57 1.24 4.23 4.16
N LEU C 58 0.92 4.29 5.47
CA LEU C 58 0.18 5.43 6.01
C LEU C 58 1.07 6.57 6.48
N PHE C 59 2.17 6.28 7.17
CA PHE C 59 3.03 7.37 7.66
C PHE C 59 3.57 8.26 6.54
N PRO C 60 4.12 7.74 5.43
CA PRO C 60 4.69 8.65 4.41
C PRO C 60 3.68 9.67 3.92
N LEU C 61 2.40 9.28 3.82
CA LEU C 61 1.36 10.21 3.40
C LEU C 61 1.06 11.23 4.49
N ALA C 62 1.00 10.76 5.75
CA ALA C 62 0.79 11.66 6.88
C ALA C 62 1.89 12.71 6.94
N LYS C 63 3.15 12.28 6.86
CA LYS C 63 4.26 13.22 6.98
C LYS C 63 4.25 14.24 5.84
N GLU C 64 3.89 13.80 4.63
CA GLU C 64 3.83 14.75 3.52
C GLU C 64 2.78 15.82 3.79
N PHE C 65 1.62 15.43 4.32
CA PHE C 65 0.58 16.41 4.58
C PHE C 65 0.96 17.35 5.71
N ILE C 66 1.51 16.81 6.79
CA ILE C 66 1.91 17.67 7.92
C ILE C 66 3.04 18.58 7.50
N ASP C 67 4.01 18.05 6.75
CA ASP C 67 5.07 18.87 6.15
C ASP C 67 4.48 20.04 5.40
N GLN C 68 3.53 19.76 4.50
CA GLN C 68 2.88 20.81 3.73
C GLN C 68 2.15 21.79 4.63
N TYR C 69 1.51 21.30 5.69
CA TYR C 69 0.76 22.21 6.55
C TYR C 69 1.69 23.11 7.38
N TYR C 70 2.77 22.54 7.92
CA TYR C 70 3.68 23.39 8.67
C TYR C 70 4.44 24.33 7.75
N SER C 71 4.73 23.90 6.53
CA SER C 71 5.31 24.81 5.55
C SER C 71 4.37 25.99 5.28
N SER C 72 3.07 25.70 5.17
CA SER C 72 2.11 26.74 4.82
C SER C 72 2.09 27.88 5.84
N ILE C 73 2.53 27.64 7.07
CA ILE C 73 2.53 28.70 8.09
C ILE C 73 3.95 29.06 8.48
N LYS C 74 4.91 28.85 7.57
CA LYS C 74 6.32 29.23 7.77
C LYS C 74 6.89 28.63 9.07
N ARG C 75 6.54 27.38 9.34
CA ARG C 75 6.96 26.68 10.55
C ARG C 75 7.61 25.33 10.23
N PHE C 76 8.19 25.18 9.05
CA PHE C 76 8.82 23.92 8.68
C PHE C 76 10.03 23.64 9.57
N GLY C 77 10.09 22.43 10.12
CA GLY C 77 11.16 22.06 11.02
C GLY C 77 11.06 22.63 12.42
N SER C 78 10.02 23.42 12.69
CA SER C 78 9.80 24.00 14.01
C SER C 78 9.64 22.89 15.05
N LYS C 79 9.79 23.28 16.32
CA LYS C 79 9.55 22.35 17.41
C LYS C 79 8.17 21.70 17.29
N ALA C 80 7.15 22.50 16.97
CA ALA C 80 5.80 21.93 16.85
C ALA C 80 5.69 20.95 15.68
N HIS C 81 6.42 21.21 14.59
CA HIS C 81 6.43 20.29 13.44
C HIS C 81 7.06 18.95 13.81
N MET C 82 8.28 18.99 14.36
CA MET C 82 8.97 17.75 14.68
C MET C 82 8.20 16.95 15.72
N GLU C 83 7.67 17.62 16.74
CA GLU C 83 6.84 16.95 17.74
C GLU C 83 5.64 16.30 17.07
N ARG C 84 4.99 17.04 16.16
CA ARG C 84 3.80 16.53 15.48
C ARG C 84 4.11 15.22 14.73
N LEU C 85 5.19 15.20 13.96
CA LEU C 85 5.57 13.99 13.24
C LEU C 85 5.68 12.79 14.19
N GLU C 86 6.35 12.97 15.33
CA GLU C 86 6.51 11.87 16.27
C GLU C 86 5.19 11.49 16.93
N GLU C 87 4.29 12.47 17.13
CA GLU C 87 2.95 12.17 17.63
C GLU C 87 2.16 11.34 16.61
N VAL C 88 2.24 11.70 15.32
CA VAL C 88 1.58 10.89 14.30
C VAL C 88 2.16 9.49 14.26
N ASN C 89 3.48 9.36 14.46
CA ASN C 89 4.11 8.05 14.53
C ASN C 89 3.50 7.18 15.62
N LYS C 90 3.44 7.68 16.85
CA LYS C 90 2.95 6.88 17.97
C LYS C 90 1.49 6.49 17.78
N GLU C 91 0.66 7.45 17.34
CA GLU C 91 -0.73 7.17 17.02
C GLU C 91 -0.85 6.00 16.05
N ILE C 92 -0.04 6.02 14.99
CA ILE C 92 -0.09 4.93 14.01
C ILE C 92 0.39 3.64 14.65
N ASP C 93 1.57 3.68 15.27
CA ASP C 93 2.08 2.51 16.00
C ASP C 93 1.03 1.90 16.94
N THR C 94 0.17 2.72 17.54
CA THR C 94 -0.73 2.22 18.58
C THR C 94 -2.18 2.04 18.14
N THR C 95 -2.65 2.75 17.10
CA THR C 95 -4.01 2.62 16.61
C THR C 95 -4.12 2.26 15.13
N SER C 96 -3.00 2.10 14.43
CA SER C 96 -2.94 1.90 12.98
C SER C 96 -3.51 3.07 12.19
N THR C 97 -3.67 4.24 12.80
CA THR C 97 -4.14 5.44 12.10
C THR C 97 -3.65 6.67 12.90
N TYR C 98 -4.24 7.83 12.65
CA TYR C 98 -3.93 9.03 13.42
C TYR C 98 -5.04 10.04 13.22
N GLN C 99 -5.06 11.06 14.06
CA GLN C 99 -6.15 12.03 14.10
C GLN C 99 -5.62 13.43 13.80
N LEU C 100 -6.39 14.16 13.00
CA LEU C 100 -6.01 15.51 12.62
C LEU C 100 -6.33 16.51 13.74
N LYS C 101 -5.44 17.47 13.93
CA LYS C 101 -5.74 18.63 14.74
C LYS C 101 -6.78 19.50 14.05
N ASP C 102 -7.49 20.30 14.87
CA ASP C 102 -8.52 21.19 14.32
C ASP C 102 -7.95 22.07 13.20
N THR C 103 -6.82 22.73 13.46
CA THR C 103 -6.14 23.52 12.43
C THR C 103 -5.83 22.67 11.19
N GLU C 104 -5.28 21.47 11.42
CA GLU C 104 -4.99 20.55 10.33
C GLU C 104 -6.24 20.19 9.53
N LEU C 105 -7.35 19.89 10.23
CA LEU C 105 -8.58 19.53 9.53
C LEU C 105 -9.09 20.70 8.68
N ILE C 106 -9.08 21.91 9.24
CA ILE C 106 -9.60 23.05 8.49
C ILE C 106 -8.76 23.32 7.24
N TYR C 107 -7.44 23.19 7.34
CA TYR C 107 -6.56 23.48 6.23
C TYR C 107 -6.74 22.46 5.11
N GLY C 108 -6.85 21.18 5.48
CA GLY C 108 -7.13 20.13 4.51
C GLY C 108 -8.42 20.35 3.75
N ALA C 109 -9.53 20.59 4.45
CA ALA C 109 -10.78 20.84 3.75
C ALA C 109 -10.64 22.00 2.77
N LYS C 110 -10.15 23.14 3.24
CA LYS C 110 -10.09 24.31 2.37
C LYS C 110 -9.21 24.04 1.16
N HIS C 111 -8.11 23.32 1.36
CA HIS C 111 -7.18 23.05 0.29
C HIS C 111 -7.68 21.94 -0.64
N ALA C 112 -8.44 20.98 -0.11
CA ALA C 112 -9.17 20.08 -0.98
C ALA C 112 -10.08 20.83 -1.94
N TRP C 113 -10.78 21.86 -1.44
CA TRP C 113 -11.58 22.69 -2.33
C TRP C 113 -10.70 23.48 -3.31
N ARG C 114 -9.64 24.11 -2.81
CA ARG C 114 -8.76 24.87 -3.67
C ARG C 114 -8.17 24.00 -4.79
N ASN C 115 -8.07 22.69 -4.55
CA ASN C 115 -7.47 21.75 -5.49
C ASN C 115 -8.49 21.07 -6.40
N ALA C 116 -9.77 21.37 -6.25
CA ALA C 116 -10.81 20.72 -7.05
C ALA C 116 -10.73 21.23 -8.49
N SER C 117 -10.03 20.48 -9.33
CA SER C 117 -9.77 20.98 -10.68
CA SER C 117 -9.77 20.92 -10.71
C SER C 117 -11.06 21.22 -11.48
N ARG C 118 -12.16 20.57 -11.11
CA ARG C 118 -13.42 20.71 -11.83
C ARG C 118 -14.27 21.89 -11.37
N CYS C 119 -13.83 22.69 -10.41
CA CYS C 119 -14.72 23.62 -9.74
C CYS C 119 -14.46 25.04 -10.20
N VAL C 120 -15.48 25.66 -10.82
CA VAL C 120 -15.37 27.05 -11.25
C VAL C 120 -15.52 28.04 -10.11
N GLY C 121 -16.13 27.62 -8.99
CA GLY C 121 -16.38 28.51 -7.87
C GLY C 121 -15.24 28.69 -6.89
N ARG C 122 -14.03 28.25 -7.23
CA ARG C 122 -12.93 28.17 -6.28
C ARG C 122 -12.29 29.51 -5.91
N ILE C 123 -12.80 30.65 -6.37
CA ILE C 123 -12.19 31.89 -5.94
C ILE C 123 -12.44 32.11 -4.45
N GLN C 124 -13.44 31.41 -3.91
CA GLN C 124 -13.92 31.48 -2.54
C GLN C 124 -13.30 30.42 -1.63
N TRP C 125 -12.27 29.70 -2.09
CA TRP C 125 -11.85 28.47 -1.45
C TRP C 125 -11.50 28.66 0.02
N SER C 126 -10.86 29.79 0.38
CA SER C 126 -10.43 29.95 1.76
C SER C 126 -11.53 30.45 2.68
N LYS C 127 -12.70 30.79 2.14
CA LYS C 127 -13.85 31.21 2.92
C LYS C 127 -14.81 30.05 3.15
N LEU C 128 -14.29 28.92 3.61
CA LEU C 128 -15.09 27.73 3.86
C LEU C 128 -15.33 27.59 5.36
N GLN C 129 -16.58 27.39 5.75
CA GLN C 129 -16.92 27.10 7.14
C GLN C 129 -16.85 25.59 7.36
N VAL C 130 -15.96 25.17 8.26
CA VAL C 130 -15.73 23.76 8.54
C VAL C 130 -16.41 23.42 9.85
N PHE C 131 -17.29 22.42 9.81
CA PHE C 131 -17.95 21.85 10.99
C PHE C 131 -17.36 20.47 11.25
N ASP C 132 -16.69 20.34 12.40
CA ASP C 132 -16.10 19.07 12.84
C ASP C 132 -17.19 18.22 13.46
N ALA C 133 -17.44 17.05 12.89
CA ALA C 133 -18.39 16.07 13.39
C ALA C 133 -17.73 14.73 13.57
N ARG C 134 -16.43 14.76 13.86
CA ARG C 134 -15.73 13.51 14.10
C ARG C 134 -16.11 12.85 15.42
N ASP C 135 -16.92 13.51 16.26
CA ASP C 135 -17.38 12.89 17.50
C ASP C 135 -18.71 12.16 17.33
N CYS C 136 -19.27 12.22 16.12
CA CYS C 136 -20.55 11.60 15.82
C CYS C 136 -20.46 10.08 15.88
N THR C 137 -21.51 9.43 16.41
CA THR C 137 -21.50 7.96 16.48
C THR C 137 -22.75 7.29 15.93
N THR C 138 -23.84 8.00 15.65
CA THR C 138 -25.05 7.36 15.15
C THR C 138 -25.63 8.15 13.98
N ALA C 139 -26.59 7.50 13.30
CA ALA C 139 -27.29 8.15 12.19
C ALA C 139 -28.08 9.35 12.68
N HIS C 140 -28.71 9.24 13.85
CA HIS C 140 -29.38 10.40 14.45
C HIS C 140 -28.41 11.57 14.60
N GLY C 141 -27.23 11.33 15.16
CA GLY C 141 -26.28 12.40 15.29
C GLY C 141 -25.85 12.94 13.94
N MET C 142 -25.70 12.06 12.95
CA MET C 142 -25.46 12.52 11.60
C MET C 142 -26.57 13.45 11.15
N PHE C 143 -27.82 13.05 11.40
CA PHE C 143 -28.96 13.85 10.97
C PHE C 143 -28.98 15.19 11.67
N ASN C 144 -28.53 15.22 12.93
CA ASN C 144 -28.42 16.47 13.67
C ASN C 144 -27.34 17.37 13.05
N TYR C 145 -26.19 16.79 12.73
CA TYR C 145 -25.12 17.59 12.15
C TYR C 145 -25.52 18.16 10.80
N ILE C 146 -26.16 17.33 9.96
CA ILE C 146 -26.56 17.76 8.63
C ILE C 146 -27.60 18.86 8.72
N CYS C 147 -28.54 18.75 9.69
CA CYS C 147 -29.58 19.76 9.82
C CYS C 147 -28.98 21.11 10.17
N ASN C 148 -27.98 21.12 11.06
CA ASN C 148 -27.37 22.39 11.43
C ASN C 148 -26.56 22.99 10.26
N HIS C 149 -25.78 22.14 9.57
CA HIS C 149 -25.14 22.53 8.32
C HIS C 149 -26.10 23.22 7.37
N VAL C 150 -27.24 22.56 7.08
CA VAL C 150 -28.19 23.08 6.11
C VAL C 150 -28.72 24.43 6.54
N LYS C 151 -28.90 24.60 7.87
CA LYS C 151 -29.42 25.87 8.36
C LYS C 151 -28.37 26.97 8.23
N TYR C 152 -27.16 26.70 8.72
CA TYR C 152 -26.08 27.68 8.62
C TYR C 152 -25.85 28.11 7.16
N ALA C 153 -25.73 27.13 6.27
CA ALA C 153 -25.39 27.40 4.87
C ALA C 153 -26.52 28.14 4.14
N THR C 154 -27.77 27.77 4.40
CA THR C 154 -28.88 28.46 3.75
C THR C 154 -28.96 29.92 4.17
N ASN C 155 -28.79 30.19 5.47
CA ASN C 155 -28.69 31.54 6.06
C ASN C 155 -29.79 32.49 5.55
N LYS C 156 -31.03 31.98 5.50
CA LYS C 156 -32.17 32.73 4.97
C LYS C 156 -31.93 33.24 3.56
N GLY C 157 -31.18 32.46 2.75
CA GLY C 157 -30.92 32.79 1.37
C GLY C 157 -29.59 33.45 1.08
N ASN C 158 -28.97 34.06 2.10
CA ASN C 158 -27.61 34.60 1.98
C ASN C 158 -26.64 33.43 2.13
N LEU C 159 -26.53 32.63 1.08
CA LEU C 159 -25.86 31.34 1.18
C LEU C 159 -24.39 31.49 1.57
N ARG C 160 -23.92 30.52 2.35
CA ARG C 160 -22.56 30.47 2.87
C ARG C 160 -22.01 29.08 2.61
N SER C 161 -20.74 28.99 2.24
CA SER C 161 -20.12 27.69 1.97
CA SER C 161 -20.13 27.69 1.97
C SER C 161 -19.79 26.98 3.28
N ALA C 162 -20.06 25.67 3.32
CA ALA C 162 -19.80 24.90 4.53
C ALA C 162 -19.51 23.46 4.17
N ILE C 163 -18.75 22.80 5.03
CA ILE C 163 -18.53 21.35 4.97
C ILE C 163 -18.63 20.79 6.38
N THR C 164 -19.37 19.68 6.52
CA THR C 164 -19.44 18.92 7.76
C THR C 164 -18.67 17.62 7.60
N ILE C 165 -17.72 17.36 8.51
CA ILE C 165 -16.80 16.24 8.38
C ILE C 165 -17.08 15.20 9.47
N PHE C 166 -17.58 14.03 9.04
CA PHE C 166 -17.90 12.91 9.92
C PHE C 166 -16.66 12.03 10.11
N PRO C 167 -16.71 11.06 11.04
CA PRO C 167 -15.49 10.29 11.35
C PRO C 167 -14.87 9.62 10.14
N GLN C 168 -13.54 9.55 10.15
CA GLN C 168 -12.80 8.99 9.05
C GLN C 168 -13.00 7.47 8.95
N ARG C 169 -12.68 6.93 7.77
CA ARG C 169 -12.73 5.49 7.57
C ARG C 169 -11.71 4.80 8.44
N THR C 170 -12.06 3.63 8.98
CA THR C 170 -11.10 2.85 9.76
C THR C 170 -10.78 1.59 9.00
N ASP C 171 -11.55 0.50 9.16
CA ASP C 171 -11.22 -0.73 8.46
C ASP C 171 -11.91 -0.86 7.12
N GLY C 172 -12.90 -0.01 6.84
CA GLY C 172 -13.60 -0.04 5.57
C GLY C 172 -14.99 -0.60 5.65
N LYS C 173 -15.36 -1.27 6.75
CA LYS C 173 -16.73 -1.72 6.97
C LYS C 173 -17.35 -1.05 8.20
N HIS C 174 -16.71 -0.02 8.76
CA HIS C 174 -17.32 0.86 9.72
C HIS C 174 -17.50 2.26 9.15
N ASP C 175 -17.78 2.34 7.85
CA ASP C 175 -17.83 3.62 7.16
C ASP C 175 -18.98 4.48 7.65
N PHE C 176 -18.75 5.78 7.69
CA PHE C 176 -19.81 6.78 7.70
C PHE C 176 -20.13 7.19 6.27
N ARG C 177 -21.42 7.16 5.91
CA ARG C 177 -21.86 7.49 4.56
C ARG C 177 -23.16 8.27 4.59
N VAL C 178 -23.22 9.33 3.78
CA VAL C 178 -24.49 9.90 3.34
C VAL C 178 -24.83 9.23 2.02
N TRP C 179 -25.90 8.43 1.99
CA TRP C 179 -26.24 7.70 0.77
C TRP C 179 -26.82 8.60 -0.32
N ASN C 180 -27.43 9.72 0.06
CA ASN C 180 -27.84 10.71 -0.92
C ASN C 180 -26.62 11.25 -1.65
N SER C 181 -26.78 11.52 -2.96
CA SER C 181 -25.73 12.20 -3.71
C SER C 181 -25.66 13.69 -3.34
N GLN C 182 -26.80 14.35 -3.17
CA GLN C 182 -26.87 15.66 -2.55
C GLN C 182 -27.87 15.65 -1.38
N LEU C 183 -27.66 16.56 -0.44
CA LEU C 183 -28.52 16.61 0.74
C LEU C 183 -29.96 16.89 0.38
N ILE C 184 -30.18 17.77 -0.60
CA ILE C 184 -31.52 18.09 -1.09
C ILE C 184 -31.58 17.73 -2.57
N ARG C 185 -32.46 16.78 -2.92
CA ARG C 185 -32.75 16.41 -4.30
C ARG C 185 -34.19 15.91 -4.38
N TYR C 186 -34.79 16.06 -5.55
CA TYR C 186 -36.19 15.71 -5.74
C TYR C 186 -36.31 14.25 -6.19
N ALA C 187 -37.43 13.63 -5.81
CA ALA C 187 -37.64 12.22 -6.07
C ALA C 187 -37.90 11.96 -7.56
N GLY C 188 -37.60 10.75 -7.98
CA GLY C 188 -37.93 10.31 -9.32
C GLY C 188 -38.78 9.06 -9.27
N TYR C 189 -39.99 9.13 -9.80
CA TYR C 189 -40.91 8.01 -9.74
C TYR C 189 -40.97 7.31 -11.09
N LYS C 190 -40.99 5.98 -11.04
CA LYS C 190 -41.03 5.12 -12.23
C LYS C 190 -42.48 4.82 -12.52
N GLN C 191 -43.03 5.48 -13.54
CA GLN C 191 -44.43 5.34 -13.86
C GLN C 191 -44.72 3.96 -14.47
N PRO C 192 -45.94 3.45 -14.32
CA PRO C 192 -46.27 2.15 -14.92
C PRO C 192 -46.09 2.12 -16.43
N ASP C 193 -46.43 3.21 -17.12
CA ASP C 193 -46.26 3.30 -18.57
C ASP C 193 -44.81 3.55 -19.00
N GLY C 194 -43.85 3.30 -18.11
CA GLY C 194 -42.45 3.49 -18.44
C GLY C 194 -42.01 4.93 -18.58
N SER C 195 -42.89 5.89 -18.33
CA SER C 195 -42.47 7.30 -18.27
C SER C 195 -41.89 7.59 -16.89
N THR C 196 -41.51 8.85 -16.65
CA THR C 196 -40.90 9.21 -15.39
C THR C 196 -41.59 10.45 -14.82
N LEU C 197 -41.90 10.38 -13.52
CA LEU C 197 -42.52 11.48 -12.80
C LEU C 197 -41.52 12.05 -11.81
N GLY C 198 -41.32 13.35 -11.87
CA GLY C 198 -40.41 14.03 -10.96
C GLY C 198 -39.07 14.33 -11.62
N ASP C 199 -37.99 13.94 -10.97
CA ASP C 199 -36.65 14.20 -11.47
C ASP C 199 -36.03 12.88 -11.89
N PRO C 200 -35.81 12.66 -13.20
CA PRO C 200 -35.33 11.34 -13.65
C PRO C 200 -33.95 10.98 -13.13
N ALA C 201 -33.14 11.95 -12.73
CA ALA C 201 -31.79 11.65 -12.27
C ALA C 201 -31.79 10.87 -10.97
N ASN C 202 -32.85 10.98 -10.17
CA ASN C 202 -32.88 10.36 -8.84
C ASN C 202 -33.82 9.16 -8.78
N VAL C 203 -34.07 8.49 -9.91
CA VAL C 203 -35.01 7.38 -9.93
C VAL C 203 -34.46 6.20 -9.11
N GLN C 204 -33.19 5.85 -9.32
CA GLN C 204 -32.66 4.68 -8.62
C GLN C 204 -32.64 4.93 -7.12
N PHE C 205 -32.16 6.10 -6.69
CA PHE C 205 -32.08 6.39 -5.26
C PHE C 205 -33.46 6.46 -4.62
N THR C 206 -34.40 7.15 -5.29
CA THR C 206 -35.77 7.22 -4.80
C THR C 206 -36.34 5.82 -4.61
N GLU C 207 -35.99 4.89 -5.50
CA GLU C 207 -36.47 3.53 -5.36
C GLU C 207 -35.86 2.88 -4.12
N ILE C 208 -34.61 3.20 -3.79
CA ILE C 208 -33.98 2.65 -2.61
C ILE C 208 -34.65 3.18 -1.35
N CYS C 209 -35.02 4.46 -1.34
CA CYS C 209 -35.71 5.01 -0.17
C CYS C 209 -37.03 4.32 0.05
N ILE C 210 -37.78 4.12 -1.03
CA ILE C 210 -39.05 3.39 -0.96
C ILE C 210 -38.82 1.99 -0.43
N GLN C 211 -37.87 1.27 -1.04
CA GLN C 211 -37.49 -0.06 -0.58
C GLN C 211 -37.08 -0.06 0.89
N GLN C 212 -36.50 1.03 1.37
CA GLN C 212 -36.13 1.17 2.77
C GLN C 212 -37.31 1.49 3.67
N GLY C 213 -38.51 1.62 3.11
CA GLY C 213 -39.70 1.90 3.88
C GLY C 213 -40.15 3.34 3.87
N TRP C 214 -39.44 4.23 3.18
CA TRP C 214 -39.92 5.58 3.00
C TRP C 214 -41.25 5.56 2.26
N LYS C 215 -42.19 6.39 2.72
CA LYS C 215 -43.50 6.48 2.11
C LYS C 215 -43.52 7.67 1.16
N PRO C 216 -43.43 7.45 -0.14
CA PRO C 216 -43.30 8.56 -1.07
C PRO C 216 -44.63 9.27 -1.22
N PRO C 217 -44.65 10.59 -1.02
CA PRO C 217 -45.88 11.35 -1.29
C PRO C 217 -46.29 11.32 -2.74
N ARG C 218 -45.34 11.06 -3.65
CA ARG C 218 -45.60 10.97 -5.09
C ARG C 218 -46.28 12.23 -5.62
N GLY C 219 -45.88 13.38 -5.08
CA GLY C 219 -46.08 14.66 -5.74
C GLY C 219 -45.15 14.75 -6.93
N ARG C 220 -44.70 15.97 -7.23
CA ARG C 220 -43.68 16.13 -8.27
C ARG C 220 -42.38 16.71 -7.76
N PHE C 221 -42.40 17.64 -6.79
CA PHE C 221 -41.17 18.13 -6.20
C PHE C 221 -41.01 17.60 -4.77
N ASP C 222 -40.97 16.27 -4.65
CA ASP C 222 -40.88 15.63 -3.34
C ASP C 222 -39.43 15.63 -2.89
N VAL C 223 -39.14 16.38 -1.82
CA VAL C 223 -37.80 16.33 -1.26
C VAL C 223 -37.55 14.92 -0.76
N LEU C 224 -36.44 14.33 -1.19
CA LEU C 224 -36.07 12.98 -0.80
C LEU C 224 -35.62 12.99 0.67
N PRO C 225 -35.74 11.87 1.36
CA PRO C 225 -35.23 11.78 2.73
C PRO C 225 -33.73 11.61 2.73
N LEU C 226 -33.15 11.77 3.91
CA LEU C 226 -31.73 11.46 4.12
C LEU C 226 -31.62 9.98 4.49
N LEU C 227 -30.71 9.28 3.81
CA LEU C 227 -30.35 7.90 4.12
C LEU C 227 -28.94 7.93 4.69
N LEU C 228 -28.82 7.75 6.00
CA LEU C 228 -27.59 8.05 6.72
C LEU C 228 -27.04 6.79 7.36
N GLN C 229 -25.73 6.59 7.23
CA GLN C 229 -25.05 5.39 7.68
C GLN C 229 -23.91 5.78 8.62
N ALA C 230 -23.89 5.15 9.79
CA ALA C 230 -22.95 5.48 10.85
C ALA C 230 -22.23 4.22 11.29
N ASN C 231 -20.90 4.27 11.30
CA ASN C 231 -20.04 3.18 11.77
C ASN C 231 -20.39 1.86 11.08
N GLY C 232 -20.79 1.95 9.81
CA GLY C 232 -21.00 0.79 8.98
C GLY C 232 -22.32 0.07 9.18
N ASN C 233 -23.22 0.61 10.01
CA ASN C 233 -24.48 -0.07 10.24
C ASN C 233 -25.41 0.12 9.03
N ASP C 234 -26.55 -0.55 9.10
CA ASP C 234 -27.62 -0.30 8.14
C ASP C 234 -27.99 1.18 8.15
N PRO C 235 -28.27 1.77 6.99
CA PRO C 235 -28.65 3.19 6.95
C PRO C 235 -30.06 3.42 7.47
N GLU C 236 -30.33 4.66 7.85
CA GLU C 236 -31.58 5.02 8.50
C GLU C 236 -32.18 6.24 7.81
N LEU C 237 -33.51 6.23 7.67
CA LEU C 237 -34.22 7.32 7.00
C LEU C 237 -34.52 8.46 7.97
N PHE C 238 -34.37 9.70 7.48
CA PHE C 238 -34.76 10.90 8.21
C PHE C 238 -35.36 11.90 7.25
N GLN C 239 -36.34 12.67 7.72
CA GLN C 239 -36.99 13.70 6.91
C GLN C 239 -36.47 15.06 7.36
N ILE C 240 -35.71 15.72 6.49
CA ILE C 240 -35.25 17.09 6.73
C ILE C 240 -36.46 17.97 6.99
N PRO C 241 -36.48 18.77 8.05
CA PRO C 241 -37.60 19.66 8.29
C PRO C 241 -37.79 20.61 7.13
N PRO C 242 -38.99 20.66 6.55
CA PRO C 242 -39.21 21.49 5.36
C PRO C 242 -38.81 22.94 5.55
N GLU C 243 -39.03 23.50 6.74
CA GLU C 243 -38.62 24.87 7.04
C GLU C 243 -37.13 25.09 6.87
N LEU C 244 -36.34 24.01 6.81
CA LEU C 244 -34.92 24.09 6.53
C LEU C 244 -34.58 24.01 5.05
N VAL C 245 -35.53 23.68 4.17
CA VAL C 245 -35.27 23.46 2.75
C VAL C 245 -35.76 24.69 1.99
N LEU C 246 -34.87 25.65 1.78
CA LEU C 246 -35.22 26.85 1.03
C LEU C 246 -35.43 26.50 -0.45
N GLU C 247 -36.58 26.90 -0.99
CA GLU C 247 -36.97 26.66 -2.37
C GLU C 247 -37.38 27.96 -3.04
N VAL C 248 -37.05 28.09 -4.32
CA VAL C 248 -37.28 29.30 -5.12
C VAL C 248 -38.32 28.95 -6.18
N PRO C 249 -39.52 29.52 -6.14
CA PRO C 249 -40.45 29.39 -7.26
C PRO C 249 -39.85 29.99 -8.53
N ILE C 250 -39.96 29.26 -9.64
CA ILE C 250 -39.40 29.70 -10.90
C ILE C 250 -40.46 30.42 -11.71
N ARG C 251 -40.26 31.73 -11.92
CA ARG C 251 -41.06 32.54 -12.81
C ARG C 251 -40.14 33.22 -13.82
N HIS C 252 -40.74 33.82 -14.83
CA HIS C 252 -40.00 34.44 -15.92
C HIS C 252 -40.32 35.92 -16.00
N PRO C 253 -39.33 36.80 -16.07
CA PRO C 253 -39.59 38.24 -16.00
C PRO C 253 -40.40 38.80 -17.16
N LYS C 254 -40.49 38.10 -18.29
CA LYS C 254 -41.29 38.56 -19.41
C LYS C 254 -42.52 37.67 -19.62
N PHE C 255 -42.30 36.38 -19.74
CA PHE C 255 -43.40 35.42 -19.96
C PHE C 255 -44.17 35.26 -18.67
N GLU C 256 -45.40 35.78 -18.64
CA GLU C 256 -46.24 35.57 -17.47
C GLU C 256 -46.70 34.14 -17.35
N TRP C 257 -46.78 33.41 -18.47
CA TRP C 257 -47.27 32.04 -18.46
C TRP C 257 -46.30 31.08 -17.80
N PHE C 258 -45.06 31.51 -17.55
CA PHE C 258 -44.01 30.58 -17.14
C PHE C 258 -44.28 30.05 -15.74
N LYS C 259 -44.62 30.94 -14.81
CA LYS C 259 -44.87 30.51 -13.43
C LYS C 259 -45.98 29.48 -13.36
N ASP C 260 -46.90 29.47 -14.33
CA ASP C 260 -47.97 28.47 -14.37
C ASP C 260 -47.49 27.10 -14.82
N LEU C 261 -46.17 26.92 -15.02
CA LEU C 261 -45.57 25.59 -15.12
C LEU C 261 -45.42 24.92 -13.76
N GLY C 262 -45.74 25.63 -12.66
CA GLY C 262 -45.64 25.09 -11.32
C GLY C 262 -44.25 24.57 -11.01
N LEU C 263 -43.23 25.37 -11.32
CA LEU C 263 -41.85 24.94 -11.19
C LEU C 263 -41.19 25.67 -10.03
N LYS C 264 -40.34 24.92 -9.33
CA LYS C 264 -39.53 25.44 -8.26
C LYS C 264 -38.28 24.59 -8.18
N TRP C 265 -37.23 25.16 -7.61
CA TRP C 265 -36.02 24.43 -7.30
C TRP C 265 -35.59 24.79 -5.90
N TYR C 266 -34.68 23.99 -5.35
CA TYR C 266 -34.15 24.27 -4.03
C TYR C 266 -32.95 25.20 -4.15
N GLY C 267 -32.67 25.90 -3.07
CA GLY C 267 -31.62 26.91 -3.07
C GLY C 267 -30.24 26.40 -2.74
N LEU C 268 -30.12 25.27 -2.04
CA LEU C 268 -28.82 24.85 -1.50
C LEU C 268 -28.27 23.63 -2.24
N PRO C 269 -27.15 23.76 -2.97
CA PRO C 269 -26.52 22.57 -3.54
C PRO C 269 -25.51 22.02 -2.56
N ALA C 270 -25.60 20.74 -2.23
CA ALA C 270 -24.78 20.20 -1.15
C ALA C 270 -24.34 18.78 -1.52
N VAL C 271 -23.18 18.66 -2.15
CA VAL C 271 -22.71 17.34 -2.60
C VAL C 271 -22.39 16.50 -1.36
N SER C 272 -22.90 15.27 -1.32
CA SER C 272 -22.76 14.45 -0.11
C SER C 272 -22.26 13.04 -0.34
N ASN C 273 -21.96 12.65 -1.57
CA ASN C 273 -21.49 11.30 -1.86
C ASN C 273 -20.02 11.26 -2.24
N MET C 274 -19.24 12.30 -1.95
CA MET C 274 -17.82 12.30 -2.27
C MET C 274 -16.98 12.02 -1.02
N LEU C 275 -15.75 11.62 -1.27
CA LEU C 275 -14.78 11.31 -0.23
C LEU C 275 -13.75 12.43 -0.19
N LEU C 276 -13.36 12.84 1.02
CA LEU C 276 -12.34 13.85 1.23
C LEU C 276 -11.12 13.16 1.80
N GLU C 277 -9.96 13.42 1.19
CA GLU C 277 -8.73 12.71 1.49
C GLU C 277 -7.69 13.72 1.95
N ILE C 278 -7.19 13.54 3.18
CA ILE C 278 -6.22 14.44 3.78
C ILE C 278 -5.16 13.57 4.44
N GLY C 279 -3.93 13.65 3.92
CA GLY C 279 -2.80 12.86 4.40
C GLY C 279 -3.10 11.41 4.69
N GLY C 280 -3.61 10.68 3.70
CA GLY C 280 -3.90 9.28 3.91
C GLY C 280 -5.17 8.98 4.68
N LEU C 281 -5.78 9.98 5.33
CA LEU C 281 -7.06 9.77 5.98
C LEU C 281 -8.19 9.99 4.98
N GLU C 282 -9.20 9.11 5.04
CA GLU C 282 -10.33 9.16 4.12
C GLU C 282 -11.61 9.45 4.88
N PHE C 283 -12.14 10.66 4.71
CA PHE C 283 -13.44 11.01 5.28
C PHE C 283 -14.51 10.73 4.23
N SER C 284 -15.16 9.57 4.37
CA SER C 284 -16.14 9.02 3.44
C SER C 284 -17.47 9.73 3.50
N ALA C 285 -17.66 10.63 4.45
CA ALA C 285 -18.90 11.37 4.61
C ALA C 285 -18.51 12.78 5.04
N CYS C 286 -18.64 13.72 4.11
CA CYS C 286 -18.18 15.10 4.17
C CYS C 286 -19.04 16.00 3.32
N PRO C 287 -20.36 16.07 3.57
CA PRO C 287 -21.20 16.92 2.72
C PRO C 287 -20.74 18.37 2.75
N PHE C 288 -20.65 18.95 1.55
CA PHE C 288 -20.23 20.35 1.38
C PHE C 288 -21.22 21.07 0.48
N SER C 289 -21.38 22.36 0.71
CA SER C 289 -22.38 23.14 0.02
C SER C 289 -21.83 24.51 -0.29
N GLY C 290 -22.36 25.11 -1.34
CA GLY C 290 -22.02 26.48 -1.69
C GLY C 290 -23.27 27.16 -2.16
N TRP C 291 -23.21 27.83 -3.30
CA TRP C 291 -24.39 28.29 -4.00
C TRP C 291 -24.32 27.88 -5.48
N TYR C 292 -25.44 28.00 -6.16
CA TYR C 292 -25.60 27.47 -7.50
C TYR C 292 -25.06 28.44 -8.56
N MET C 293 -24.44 27.88 -9.59
CA MET C 293 -24.41 28.55 -10.89
C MET C 293 -25.76 28.28 -11.54
N GLY C 294 -26.36 29.33 -12.12
CA GLY C 294 -27.68 29.18 -12.69
C GLY C 294 -27.81 27.98 -13.63
N THR C 295 -26.77 27.75 -14.45
CA THR C 295 -26.84 26.66 -15.42
C THR C 295 -26.93 25.29 -14.76
N GLU C 296 -26.47 25.15 -13.51
CA GLU C 296 -26.47 23.84 -12.86
C GLU C 296 -27.88 23.34 -12.60
N ILE C 297 -28.83 24.24 -12.34
CA ILE C 297 -30.17 23.84 -11.96
C ILE C 297 -30.83 23.06 -13.09
N GLY C 298 -31.04 21.76 -12.86
CA GLY C 298 -31.50 20.83 -13.87
C GLY C 298 -33.00 20.69 -13.95
N VAL C 299 -33.73 21.73 -13.52
CA VAL C 299 -35.16 21.84 -13.72
C VAL C 299 -35.55 21.65 -15.18
N ARG C 300 -34.55 21.70 -16.08
CA ARG C 300 -34.74 21.50 -17.50
C ARG C 300 -35.23 20.10 -17.83
N ASP C 301 -34.48 19.07 -17.40
CA ASP C 301 -34.83 17.67 -17.66
C ASP C 301 -36.05 17.24 -16.86
N TYR C 302 -36.49 18.07 -15.92
CA TYR C 302 -37.56 17.75 -14.99
C TYR C 302 -38.88 17.46 -15.72
N CYS C 303 -39.66 16.55 -15.14
CA CYS C 303 -40.93 16.12 -15.72
C CYS C 303 -42.07 16.43 -14.75
N ASP C 304 -42.77 17.55 -15.00
CA ASP C 304 -44.01 17.87 -14.32
C ASP C 304 -45.23 17.31 -15.06
N ASN C 305 -45.05 16.88 -16.31
CA ASN C 305 -46.01 16.19 -17.14
C ASN C 305 -45.64 14.70 -17.20
N SER C 306 -46.00 14.01 -18.30
CA SER C 306 -45.82 12.57 -18.41
C SER C 306 -45.26 12.11 -19.75
N ARG C 307 -44.98 13.03 -20.69
CA ARG C 307 -44.39 12.66 -21.98
C ARG C 307 -43.53 13.81 -22.52
N TYR C 308 -44.05 15.03 -22.42
CA TYR C 308 -43.27 16.23 -22.73
C TYR C 308 -42.63 16.75 -21.44
N ASN C 309 -41.32 16.97 -21.48
CA ASN C 309 -40.59 17.47 -20.33
C ASN C 309 -40.50 18.99 -20.40
N ILE C 310 -39.89 19.60 -19.38
CA ILE C 310 -39.97 21.05 -19.21
C ILE C 310 -39.33 21.79 -20.38
N LEU C 311 -38.22 21.28 -20.91
CA LEU C 311 -37.58 21.94 -22.04
C LEU C 311 -38.50 22.00 -23.24
N GLU C 312 -39.32 20.97 -23.43
CA GLU C 312 -40.28 20.93 -24.54
C GLU C 312 -41.54 21.72 -24.20
N GLU C 313 -42.00 21.65 -22.95
CA GLU C 313 -43.14 22.46 -22.53
C GLU C 313 -42.88 23.94 -22.76
N VAL C 314 -41.69 24.42 -22.34
CA VAL C 314 -41.29 25.80 -22.61
C VAL C 314 -41.34 26.08 -24.10
N ALA C 315 -40.88 25.14 -24.92
CA ALA C 315 -40.88 25.35 -26.37
C ALA C 315 -42.30 25.46 -26.90
N LYS C 316 -43.20 24.57 -26.46
CA LYS C 316 -44.60 24.65 -26.87
C LYS C 316 -45.18 26.02 -26.56
N LYS C 317 -45.02 26.49 -25.32
CA LYS C 317 -45.59 27.78 -24.94
C LYS C 317 -44.91 28.95 -25.65
N MET C 318 -43.68 28.77 -26.15
CA MET C 318 -43.02 29.81 -26.91
C MET C 318 -43.43 29.81 -28.37
N ASN C 319 -44.20 28.82 -28.81
CA ASN C 319 -44.63 28.68 -30.20
C ASN C 319 -43.42 28.56 -31.12
N LEU C 320 -42.51 27.67 -30.72
CA LEU C 320 -41.33 27.36 -31.52
C LEU C 320 -41.65 26.20 -32.42
N ASP C 321 -41.21 26.31 -33.68
CA ASP C 321 -41.17 25.17 -34.58
C ASP C 321 -40.29 24.09 -33.98
N MET C 322 -40.86 22.95 -33.62
CA MET C 322 -40.08 21.82 -33.10
C MET C 322 -40.00 20.69 -34.11
N ARG C 323 -40.33 20.94 -35.38
CA ARG C 323 -40.24 19.90 -36.41
C ARG C 323 -38.79 19.44 -36.60
N LYS C 324 -37.88 20.38 -36.82
CA LYS C 324 -36.49 20.10 -37.15
C LYS C 324 -35.57 20.77 -36.14
N THR C 325 -34.32 20.30 -36.07
CA THR C 325 -33.36 20.86 -35.13
C THR C 325 -32.82 22.22 -35.59
N SER C 326 -32.82 22.49 -36.89
CA SER C 326 -32.19 23.69 -37.42
C SER C 326 -32.89 24.96 -36.97
N SER C 327 -34.05 24.84 -36.33
CA SER C 327 -34.70 26.02 -35.77
C SER C 327 -34.08 26.42 -34.44
N LEU C 328 -33.34 25.52 -33.81
CA LEU C 328 -32.62 25.79 -32.57
C LEU C 328 -33.59 26.00 -31.42
N TRP C 329 -34.78 25.39 -31.55
CA TRP C 329 -35.81 25.55 -30.53
C TRP C 329 -35.33 25.06 -29.17
N LYS C 330 -34.49 24.02 -29.14
CA LYS C 330 -33.88 23.61 -27.87
C LYS C 330 -33.00 24.73 -27.32
N ASP C 331 -32.19 25.35 -28.20
CA ASP C 331 -31.31 26.44 -27.76
C ASP C 331 -32.11 27.62 -27.25
N GLN C 332 -33.17 28.00 -27.98
CA GLN C 332 -33.95 29.18 -27.63
C GLN C 332 -34.67 28.98 -26.30
N ALA C 333 -35.39 27.87 -26.16
CA ALA C 333 -36.05 27.55 -24.89
C ALA C 333 -35.05 27.47 -23.76
N LEU C 334 -33.88 26.87 -24.02
CA LEU C 334 -32.89 26.71 -22.96
C LEU C 334 -32.45 28.06 -22.39
N VAL C 335 -32.32 29.08 -23.25
CA VAL C 335 -31.92 30.39 -22.75
C VAL C 335 -32.98 30.96 -21.81
N GLU C 336 -34.25 30.86 -22.19
CA GLU C 336 -35.33 31.43 -21.39
C GLU C 336 -35.39 30.77 -20.00
N ILE C 337 -35.32 29.44 -19.97
CA ILE C 337 -35.30 28.72 -18.70
C ILE C 337 -34.21 29.27 -17.79
N ASN C 338 -32.99 29.42 -18.34
CA ASN C 338 -31.89 29.97 -17.56
C ASN C 338 -32.13 31.43 -17.16
N ILE C 339 -32.79 32.20 -18.04
CA ILE C 339 -33.18 33.55 -17.66
C ILE C 339 -34.16 33.52 -16.48
N ALA C 340 -35.09 32.57 -16.50
CA ALA C 340 -36.14 32.52 -15.49
C ALA C 340 -35.57 32.10 -14.14
N VAL C 341 -34.62 31.17 -14.15
CA VAL C 341 -34.04 30.68 -12.91
C VAL C 341 -33.25 31.80 -12.22
N LEU C 342 -32.38 32.49 -12.97
CA LEU C 342 -31.62 33.59 -12.39
C LEU C 342 -32.53 34.71 -11.89
N TYR C 343 -33.54 35.06 -12.68
CA TYR C 343 -34.48 36.11 -12.27
C TYR C 343 -35.16 35.78 -10.94
N SER C 344 -35.51 34.50 -10.73
CA SER C 344 -36.27 34.10 -9.56
C SER C 344 -35.39 34.06 -8.30
N PHE C 345 -34.25 33.36 -8.38
CA PHE C 345 -33.32 33.33 -7.27
C PHE C 345 -32.94 34.74 -6.82
N GLN C 346 -32.78 35.66 -7.77
CA GLN C 346 -32.44 37.04 -7.43
C GLN C 346 -33.64 37.78 -6.85
N SER C 347 -34.83 37.51 -7.37
CA SER C 347 -36.01 38.21 -6.84
C SER C 347 -36.30 37.77 -5.41
N ASP C 348 -35.95 36.54 -5.06
CA ASP C 348 -36.11 36.05 -3.71
C ASP C 348 -34.84 36.25 -2.88
N LYS C 349 -33.84 36.95 -3.43
CA LYS C 349 -32.62 37.27 -2.70
C LYS C 349 -31.93 36.01 -2.16
N VAL C 350 -31.99 34.95 -2.97
CA VAL C 350 -31.29 33.70 -2.70
C VAL C 350 -30.05 33.64 -3.59
N THR C 351 -28.88 33.46 -2.98
CA THR C 351 -27.61 33.61 -3.68
C THR C 351 -27.53 32.73 -4.92
N ILE C 352 -27.12 33.34 -6.04
CA ILE C 352 -26.92 32.61 -7.30
C ILE C 352 -25.97 33.42 -8.17
N VAL C 353 -25.28 32.74 -9.08
CA VAL C 353 -24.32 33.36 -9.99
C VAL C 353 -24.61 32.90 -11.42
N ASP C 354 -24.73 33.86 -12.34
CA ASP C 354 -24.79 33.52 -13.75
C ASP C 354 -23.44 32.99 -14.22
N HIS C 355 -23.44 32.36 -15.40
CA HIS C 355 -22.22 31.70 -15.85
C HIS C 355 -21.19 32.67 -16.39
N HIS C 356 -21.60 33.88 -16.80
CA HIS C 356 -20.62 34.88 -17.22
C HIS C 356 -19.84 35.40 -16.03
N SER C 357 -20.55 35.74 -14.95
CA SER C 357 -19.91 36.20 -13.72
CA SER C 357 -19.90 36.20 -13.72
C SER C 357 -18.94 35.14 -13.18
N ALA C 358 -19.42 33.90 -13.08
CA ALA C 358 -18.62 32.84 -12.48
C ALA C 358 -17.36 32.55 -13.30
N THR C 359 -17.47 32.53 -14.63
CA THR C 359 -16.28 32.25 -15.42
C THR C 359 -15.28 33.40 -15.34
N GLU C 360 -15.77 34.65 -15.41
CA GLU C 360 -14.88 35.81 -15.22
C GLU C 360 -14.21 35.76 -13.84
N SER C 361 -14.95 35.33 -12.81
CA SER C 361 -14.35 35.13 -11.49
C SER C 361 -13.21 34.14 -11.58
N PHE C 362 -13.43 33.02 -12.26
CA PHE C 362 -12.44 31.96 -12.27
C PHE C 362 -11.17 32.37 -13.01
N ILE C 363 -11.31 33.18 -14.06
CA ILE C 363 -10.12 33.68 -14.75
C ILE C 363 -9.31 34.55 -13.79
N LYS C 364 -9.98 35.39 -13.01
CA LYS C 364 -9.28 36.14 -11.97
C LYS C 364 -8.61 35.19 -10.98
N HIS C 365 -9.31 34.11 -10.60
CA HIS C 365 -8.75 33.15 -9.66
C HIS C 365 -7.50 32.48 -10.23
N MET C 366 -7.55 32.06 -11.50
CA MET C 366 -6.38 31.50 -12.14
C MET C 366 -5.19 32.45 -12.06
N GLU C 367 -5.40 33.73 -12.41
CA GLU C 367 -4.33 34.73 -12.31
C GLU C 367 -3.75 34.75 -10.89
N ASN C 368 -4.62 34.89 -9.89
CA ASN C 368 -4.15 34.96 -8.51
C ASN C 368 -3.34 33.73 -8.14
N GLU C 369 -3.88 32.54 -8.44
CA GLU C 369 -3.19 31.29 -8.14
C GLU C 369 -1.85 31.17 -8.86
N TYR C 370 -1.77 31.64 -10.11
CA TYR C 370 -0.49 31.61 -10.80
C TYR C 370 0.48 32.60 -10.17
N ARG C 371 0.00 33.83 -9.91
CA ARG C 371 0.87 34.87 -9.37
C ARG C 371 1.48 34.50 -8.02
N CYS C 372 0.76 33.74 -7.19
CA CYS C 372 1.25 33.42 -5.85
C CYS C 372 1.55 31.94 -5.60
N ARG C 373 0.95 31.02 -6.34
CA ARG C 373 1.13 29.59 -6.09
C ARG C 373 1.87 28.88 -7.23
N GLY C 374 2.18 29.58 -8.33
CA GLY C 374 2.77 28.97 -9.49
C GLY C 374 1.86 28.05 -10.28
N GLY C 375 0.56 28.29 -10.27
CA GLY C 375 -0.35 27.47 -11.05
C GLY C 375 -1.65 27.23 -10.31
N CYS C 376 -2.61 26.68 -11.06
CA CYS C 376 -3.95 26.30 -10.63
C CYS C 376 -4.44 25.14 -11.50
N PRO C 377 -4.66 23.95 -10.92
CA PRO C 377 -5.18 22.82 -11.71
C PRO C 377 -6.63 23.07 -12.13
N ALA C 378 -6.93 22.80 -13.40
CA ALA C 378 -8.21 23.19 -13.97
C ALA C 378 -8.60 22.25 -15.11
N ASP C 379 -9.83 21.74 -15.03
CA ASP C 379 -10.38 20.76 -15.97
C ASP C 379 -11.30 21.51 -16.94
N TRP C 380 -10.77 21.84 -18.13
CA TRP C 380 -11.52 22.64 -19.10
C TRP C 380 -12.89 22.05 -19.37
N VAL C 381 -12.96 20.73 -19.53
CA VAL C 381 -14.20 20.02 -19.85
C VAL C 381 -15.30 20.31 -18.83
N TRP C 382 -14.94 20.53 -17.57
CA TRP C 382 -15.91 20.83 -16.53
C TRP C 382 -15.99 22.31 -16.16
N ILE C 383 -14.95 23.11 -16.45
CA ILE C 383 -15.00 24.54 -16.15
C ILE C 383 -15.84 25.28 -17.17
N VAL C 384 -15.76 24.88 -18.45
CA VAL C 384 -16.59 25.55 -19.46
C VAL C 384 -18.05 25.22 -19.20
N PRO C 385 -18.93 26.22 -19.12
CA PRO C 385 -20.32 25.95 -18.73
C PRO C 385 -21.09 25.27 -19.83
N PRO C 386 -22.16 24.54 -19.48
CA PRO C 386 -22.87 23.70 -20.46
C PRO C 386 -23.69 24.45 -21.48
N MET C 387 -23.73 25.78 -21.45
CA MET C 387 -24.31 26.55 -22.53
C MET C 387 -23.45 27.79 -22.77
N SER C 388 -23.50 28.29 -24.00
CA SER C 388 -22.85 29.55 -24.37
C SER C 388 -21.35 29.51 -24.08
N GLY C 389 -20.74 28.35 -24.29
CA GLY C 389 -19.32 28.19 -24.01
C GLY C 389 -18.42 29.25 -24.62
N SER C 390 -18.52 29.48 -25.93
CA SER C 390 -17.52 30.32 -26.58
C SER C 390 -17.63 31.80 -26.19
N ILE C 391 -18.77 32.24 -25.67
CA ILE C 391 -18.91 33.63 -25.25
C ILE C 391 -18.59 33.81 -23.76
N THR C 392 -17.98 32.81 -23.10
CA THR C 392 -17.43 32.95 -21.76
C THR C 392 -15.90 33.00 -21.82
N PRO C 393 -15.24 33.67 -20.88
CA PRO C 393 -13.78 33.85 -20.98
C PRO C 393 -12.97 32.59 -20.75
N VAL C 394 -13.58 31.50 -20.27
CA VAL C 394 -12.81 30.29 -20.01
C VAL C 394 -12.70 29.42 -21.25
N PHE C 395 -13.63 29.57 -22.19
CA PHE C 395 -13.56 28.81 -23.44
C PHE C 395 -12.22 28.93 -24.14
N HIS C 396 -11.68 30.16 -24.23
CA HIS C 396 -10.42 30.43 -24.92
C HIS C 396 -9.20 30.39 -23.99
N GLN C 397 -9.38 29.96 -22.74
CA GLN C 397 -8.29 29.85 -21.79
C GLN C 397 -7.77 28.42 -21.80
N GLU C 398 -6.47 28.26 -22.09
CA GLU C 398 -5.83 26.96 -21.90
C GLU C 398 -5.74 26.64 -20.40
N MET C 399 -5.75 25.34 -20.08
CA MET C 399 -5.69 24.90 -18.69
C MET C 399 -4.78 23.68 -18.58
N LEU C 400 -4.03 23.62 -17.49
CA LEU C 400 -3.32 22.41 -17.10
C LEU C 400 -4.12 21.71 -16.01
N ASN C 401 -4.38 20.42 -16.21
CA ASN C 401 -5.05 19.60 -15.22
C ASN C 401 -4.08 18.60 -14.60
N TYR C 402 -4.11 18.53 -13.26
CA TYR C 402 -3.25 17.65 -12.48
C TYR C 402 -3.86 17.52 -11.08
N ARG C 403 -3.60 16.39 -10.42
CA ARG C 403 -4.22 16.05 -9.14
C ARG C 403 -3.26 16.44 -8.02
N LEU C 404 -3.66 17.41 -7.22
CA LEU C 404 -2.97 17.74 -5.97
C LEU C 404 -3.74 17.13 -4.80
N THR C 405 -3.04 16.93 -3.68
CA THR C 405 -3.64 16.50 -2.43
C THR C 405 -3.45 17.60 -1.38
N PRO C 406 -4.44 17.79 -0.46
CA PRO C 406 -5.68 17.06 -0.28
C PRO C 406 -6.67 17.27 -1.41
N SER C 407 -7.63 16.35 -1.54
CA SER C 407 -8.52 16.37 -2.68
C SER C 407 -9.86 15.74 -2.31
N PHE C 408 -10.86 16.06 -3.11
CA PHE C 408 -12.12 15.35 -3.12
C PHE C 408 -12.05 14.25 -4.18
N GLU C 409 -12.46 13.05 -3.79
CA GLU C 409 -12.42 11.88 -4.65
C GLU C 409 -13.83 11.31 -4.79
N TYR C 410 -14.06 10.59 -5.87
CA TYR C 410 -15.27 9.79 -6.01
C TYR C 410 -15.13 8.50 -5.21
N GLN C 411 -16.27 7.85 -4.96
CA GLN C 411 -16.28 6.63 -4.19
C GLN C 411 -17.50 5.82 -4.60
N PRO C 412 -17.44 4.49 -4.48
CA PRO C 412 -18.59 3.69 -4.91
C PRO C 412 -19.84 4.05 -4.15
N ASP C 413 -20.98 3.97 -4.82
CA ASP C 413 -22.24 4.08 -4.13
C ASP C 413 -22.28 3.02 -3.04
N PRO C 414 -22.67 3.37 -1.81
CA PRO C 414 -22.57 2.40 -0.71
C PRO C 414 -23.42 1.15 -0.90
N TRP C 415 -24.46 1.18 -1.73
CA TRP C 415 -25.30 0.00 -1.86
C TRP C 415 -24.68 -1.08 -2.74
N ASN C 416 -23.68 -0.76 -3.56
CA ASN C 416 -22.94 -1.84 -4.23
C ASN C 416 -22.12 -2.63 -3.22
N THR C 417 -21.48 -1.94 -2.28
CA THR C 417 -20.48 -2.52 -1.41
C THR C 417 -21.01 -3.01 -0.06
N HIS C 418 -22.18 -2.53 0.37
CA HIS C 418 -22.66 -2.80 1.72
C HIS C 418 -23.28 -4.18 1.83
N VAL C 419 -22.99 -4.88 2.93
CA VAL C 419 -23.73 -6.08 3.33
C VAL C 419 -24.51 -5.75 4.60
N TRP C 420 -25.79 -6.09 4.60
CA TRP C 420 -26.75 -5.58 5.57
C TRP C 420 -26.68 -6.35 6.89
N LYS C 421 -27.48 -5.89 7.85
CA LYS C 421 -27.63 -6.58 9.14
C LYS C 421 -28.89 -7.46 9.12
N ARG D 3 -5.98 -6.10 -23.66
CA ARG D 3 -5.58 -4.69 -23.78
C ARG D 3 -6.68 -3.84 -24.42
N PHE D 4 -7.56 -3.29 -23.58
CA PHE D 4 -8.76 -2.59 -24.02
C PHE D 4 -8.95 -1.34 -23.18
N LEU D 5 -9.75 -0.40 -23.70
CA LEU D 5 -10.15 0.80 -22.98
C LEU D 5 -11.62 1.07 -23.24
N LYS D 6 -12.34 1.44 -22.18
CA LYS D 6 -13.77 1.65 -22.26
C LYS D 6 -14.07 3.14 -22.33
N VAL D 7 -15.07 3.50 -23.12
CA VAL D 7 -15.69 4.81 -23.07
C VAL D 7 -17.18 4.62 -22.81
N LYS D 8 -17.74 5.47 -21.96
CA LYS D 8 -19.13 5.37 -21.54
C LYS D 8 -19.89 6.59 -22.05
N ASN D 9 -21.11 6.38 -22.49
CA ASN D 9 -22.04 7.49 -22.69
C ASN D 9 -22.91 7.55 -21.44
N TRP D 10 -22.85 8.68 -20.74
CA TRP D 10 -23.53 8.81 -19.46
C TRP D 10 -25.01 9.14 -19.61
N GLU D 11 -25.46 9.49 -20.81
CA GLU D 11 -26.85 9.73 -21.14
C GLU D 11 -27.57 8.45 -21.58
N THR D 12 -26.90 7.61 -22.38
CA THR D 12 -27.47 6.38 -22.93
C THR D 12 -27.04 5.09 -22.24
N GLU D 13 -25.91 5.10 -21.52
CA GLU D 13 -25.25 3.96 -20.88
C GLU D 13 -24.46 3.09 -21.88
N VAL D 14 -24.52 3.37 -23.20
CA VAL D 14 -23.73 2.60 -24.17
C VAL D 14 -22.27 2.62 -23.75
N VAL D 15 -21.61 1.46 -23.85
CA VAL D 15 -20.18 1.35 -23.58
C VAL D 15 -19.48 0.75 -24.80
N LEU D 16 -18.57 1.51 -25.39
CA LEU D 16 -17.73 1.07 -26.50
C LEU D 16 -16.34 0.69 -26.01
N THR D 17 -15.69 -0.24 -26.73
CA THR D 17 -14.38 -0.76 -26.36
C THR D 17 -13.37 -0.38 -27.44
N ASP D 18 -12.32 0.32 -27.02
CA ASP D 18 -11.34 0.91 -27.93
C ASP D 18 -10.08 0.06 -27.92
N THR D 19 -9.83 -0.66 -29.02
CA THR D 19 -8.53 -1.27 -29.24
C THR D 19 -7.66 -0.48 -30.20
N LEU D 20 -8.24 0.47 -30.95
CA LEU D 20 -7.48 1.19 -31.97
C LEU D 20 -6.36 2.03 -31.37
N HIS D 21 -6.51 2.46 -30.11
CA HIS D 21 -5.53 3.36 -29.52
C HIS D 21 -4.14 2.74 -29.45
N LEU D 22 -4.06 1.41 -29.48
CA LEU D 22 -2.76 0.73 -29.43
C LEU D 22 -1.91 0.97 -30.66
N LYS D 23 -2.47 1.53 -31.72
CA LYS D 23 -1.72 1.85 -32.93
C LYS D 23 -1.40 3.33 -33.05
N SER D 24 -1.43 4.09 -31.95
CA SER D 24 -1.16 5.52 -32.04
C SER D 24 0.35 5.76 -32.03
N THR D 25 0.73 6.93 -32.56
CA THR D 25 2.11 7.14 -32.99
C THR D 25 2.91 8.01 -32.03
N LEU D 26 2.56 9.30 -31.95
CA LEU D 26 3.40 10.24 -31.22
C LEU D 26 2.60 10.96 -30.15
N GLU D 27 3.16 12.06 -29.64
CA GLU D 27 2.69 12.73 -28.45
C GLU D 27 1.24 13.18 -28.55
N THR D 28 0.52 13.07 -27.44
CA THR D 28 -0.70 13.86 -27.22
C THR D 28 -0.41 15.20 -26.58
N GLY D 29 0.78 15.37 -26.00
CA GLY D 29 1.06 16.47 -25.13
C GLY D 29 0.94 16.10 -23.65
N CYS D 30 0.05 15.17 -23.33
CA CYS D 30 -0.16 14.81 -21.94
C CYS D 30 0.96 13.91 -21.44
N THR D 31 1.20 13.98 -20.14
CA THR D 31 2.08 13.07 -19.43
C THR D 31 1.23 12.26 -18.48
N GLU D 32 1.87 11.35 -17.75
CA GLU D 32 1.12 10.51 -16.83
C GLU D 32 0.59 11.32 -15.64
N TYR D 33 1.13 12.52 -15.40
CA TYR D 33 0.75 13.31 -14.23
C TYR D 33 0.19 14.67 -14.58
N ILE D 34 0.10 15.01 -15.86
CA ILE D 34 -0.51 16.25 -16.32
C ILE D 34 -1.34 15.94 -17.55
N CYS D 35 -2.54 16.52 -17.64
CA CYS D 35 -3.34 16.47 -18.85
C CYS D 35 -3.31 17.83 -19.55
N MET D 36 -3.12 17.81 -20.87
CA MET D 36 -3.07 19.01 -21.71
C MET D 36 -4.18 19.04 -22.74
N GLY D 37 -5.31 18.40 -22.42
CA GLY D 37 -6.46 18.33 -23.32
C GLY D 37 -6.92 19.67 -23.87
N SER D 38 -6.67 20.78 -23.17
CA SER D 38 -7.10 22.09 -23.63
C SER D 38 -5.94 23.00 -24.04
N ILE D 39 -4.75 22.45 -24.22
CA ILE D 39 -3.66 23.18 -24.86
C ILE D 39 -3.81 23.07 -26.36
N MET D 40 -3.73 24.22 -27.05
CA MET D 40 -3.91 24.25 -28.51
C MET D 40 -2.74 23.56 -29.22
N HIS D 41 -1.51 24.04 -29.02
CA HIS D 41 -0.30 23.47 -29.62
C HIS D 41 0.54 22.85 -28.51
N PRO D 42 0.41 21.54 -28.25
CA PRO D 42 1.22 20.93 -27.19
C PRO D 42 2.52 20.35 -27.72
N SER D 43 3.57 21.16 -27.76
CA SER D 43 4.87 20.74 -28.25
C SER D 43 5.94 21.80 -27.97
N VAL D 52 12.84 17.97 -40.46
CA VAL D 52 13.00 17.66 -41.89
C VAL D 52 13.66 16.29 -42.05
N ALA D 53 12.84 15.30 -42.39
CA ALA D 53 13.17 13.90 -42.12
C ALA D 53 14.44 13.47 -42.82
N THR D 54 15.21 12.63 -42.12
CA THR D 54 16.42 12.00 -42.65
C THR D 54 16.07 10.65 -43.28
N LYS D 55 17.05 10.07 -43.97
CA LYS D 55 16.87 8.75 -44.58
C LYS D 55 16.42 7.72 -43.54
N ASP D 56 17.23 7.53 -42.49
CA ASP D 56 16.92 6.51 -41.50
C ASP D 56 15.61 6.80 -40.76
N GLN D 57 15.27 8.07 -40.56
CA GLN D 57 13.99 8.41 -39.98
C GLN D 57 12.83 8.02 -40.90
N LEU D 58 13.02 8.16 -42.22
CA LEU D 58 11.88 8.09 -43.14
C LEU D 58 11.42 6.66 -43.40
N PHE D 59 12.33 5.68 -43.46
CA PHE D 59 11.84 4.37 -43.87
C PHE D 59 10.88 3.71 -42.87
N PRO D 60 11.16 3.71 -41.56
CA PRO D 60 10.15 3.17 -40.63
C PRO D 60 8.79 3.82 -40.81
N LEU D 61 8.75 5.12 -41.05
CA LEU D 61 7.47 5.77 -41.29
C LEU D 61 6.85 5.29 -42.58
N ALA D 62 7.66 5.11 -43.63
CA ALA D 62 7.14 4.65 -44.91
C ALA D 62 6.65 3.22 -44.81
N LYS D 63 7.47 2.32 -44.27
CA LYS D 63 7.02 0.95 -44.03
C LYS D 63 5.71 0.93 -43.26
N GLU D 64 5.60 1.77 -42.23
CA GLU D 64 4.38 1.80 -41.41
C GLU D 64 3.17 2.07 -42.29
N PHE D 65 3.23 3.14 -43.08
CA PHE D 65 2.10 3.53 -43.90
C PHE D 65 1.78 2.47 -44.94
N ILE D 66 2.80 1.97 -45.64
CA ILE D 66 2.55 0.99 -46.69
C ILE D 66 1.94 -0.28 -46.12
N ASP D 67 2.51 -0.80 -45.03
CA ASP D 67 1.91 -1.92 -44.30
C ASP D 67 0.44 -1.62 -44.01
N GLN D 68 0.15 -0.39 -43.61
CA GLN D 68 -1.22 -0.02 -43.26
C GLN D 68 -2.11 -0.07 -44.50
N TYR D 69 -1.63 0.49 -45.60
CA TYR D 69 -2.46 0.58 -46.80
C TYR D 69 -2.71 -0.80 -47.40
N TYR D 70 -1.68 -1.66 -47.42
CA TYR D 70 -1.88 -3.01 -47.92
C TYR D 70 -2.71 -3.86 -46.99
N SER D 71 -2.89 -3.42 -45.74
CA SER D 71 -3.80 -4.11 -44.84
C SER D 71 -5.25 -3.75 -45.16
N SER D 72 -5.50 -2.46 -45.39
CA SER D 72 -6.85 -1.99 -45.69
C SER D 72 -7.42 -2.64 -46.94
N ILE D 73 -6.58 -3.07 -47.86
CA ILE D 73 -7.03 -3.65 -49.12
C ILE D 73 -6.84 -5.16 -49.12
N LYS D 74 -6.61 -5.74 -47.94
CA LYS D 74 -6.53 -7.19 -47.75
C LYS D 74 -5.47 -7.80 -48.66
N ARG D 75 -4.31 -7.15 -48.69
CA ARG D 75 -3.18 -7.60 -49.49
C ARG D 75 -1.88 -7.62 -48.69
N PHE D 76 -1.97 -7.57 -47.36
CA PHE D 76 -0.78 -7.55 -46.52
C PHE D 76 0.05 -8.82 -46.75
N GLY D 77 1.36 -8.64 -46.82
CA GLY D 77 2.27 -9.73 -47.06
C GLY D 77 2.31 -10.24 -48.47
N SER D 78 1.50 -9.70 -49.37
CA SER D 78 1.44 -10.19 -50.73
C SER D 78 2.69 -9.81 -51.51
N LYS D 79 2.78 -10.36 -52.73
CA LYS D 79 3.86 -10.00 -53.64
C LYS D 79 3.81 -8.52 -53.99
N ALA D 80 2.60 -8.00 -54.25
CA ALA D 80 2.47 -6.58 -54.55
C ALA D 80 2.83 -5.72 -53.35
N HIS D 81 2.57 -6.22 -52.14
CA HIS D 81 3.00 -5.53 -50.94
C HIS D 81 4.52 -5.55 -50.79
N MET D 82 5.10 -6.74 -50.90
CA MET D 82 6.55 -6.86 -50.70
C MET D 82 7.34 -6.07 -51.73
N GLU D 83 6.79 -5.92 -52.94
CA GLU D 83 7.50 -5.19 -53.99
C GLU D 83 7.44 -3.70 -53.77
N ARG D 84 6.26 -3.18 -53.38
CA ARG D 84 6.16 -1.76 -53.05
C ARG D 84 7.13 -1.38 -51.95
N LEU D 85 7.20 -2.20 -50.89
CA LEU D 85 8.13 -1.92 -49.81
C LEU D 85 9.56 -1.86 -50.31
N GLU D 86 9.93 -2.78 -51.22
CA GLU D 86 11.25 -2.74 -51.84
C GLU D 86 11.40 -1.51 -52.73
N GLU D 87 10.34 -1.17 -53.48
CA GLU D 87 10.41 0.00 -54.34
C GLU D 87 10.53 1.29 -53.53
N VAL D 88 9.91 1.35 -52.35
CA VAL D 88 9.99 2.56 -51.54
C VAL D 88 11.38 2.69 -50.95
N ASN D 89 11.97 1.56 -50.53
CA ASN D 89 13.30 1.56 -49.94
C ASN D 89 14.34 2.10 -50.90
N LYS D 90 14.39 1.55 -52.12
CA LYS D 90 15.32 2.04 -53.14
C LYS D 90 15.20 3.54 -53.32
N GLU D 91 13.97 4.04 -53.38
CA GLU D 91 13.72 5.46 -53.64
C GLU D 91 14.27 6.32 -52.51
N ILE D 92 13.95 5.97 -51.26
CA ILE D 92 14.53 6.67 -50.11
C ILE D 92 16.05 6.50 -50.12
N ASP D 93 16.52 5.28 -50.37
CA ASP D 93 17.94 4.99 -50.27
C ASP D 93 18.77 5.83 -51.26
N THR D 94 18.20 6.16 -52.42
CA THR D 94 18.90 6.90 -53.47
C THR D 94 18.52 8.36 -53.56
N THR D 95 17.27 8.72 -53.29
CA THR D 95 16.81 10.10 -53.44
C THR D 95 16.42 10.76 -52.14
N SER D 96 16.56 10.07 -51.00
CA SER D 96 16.26 10.58 -49.67
C SER D 96 14.78 10.87 -49.46
N THR D 97 13.92 10.46 -50.39
CA THR D 97 12.48 10.60 -50.26
C THR D 97 11.83 9.62 -51.23
N TYR D 98 10.50 9.60 -51.25
CA TYR D 98 9.79 8.69 -52.15
C TYR D 98 8.45 9.31 -52.53
N GLN D 99 7.78 8.64 -53.46
CA GLN D 99 6.60 9.17 -54.13
C GLN D 99 5.42 8.24 -53.95
N LEU D 100 4.35 8.77 -53.35
CA LEU D 100 3.12 8.00 -53.20
C LEU D 100 2.55 7.64 -54.56
N LYS D 101 2.09 6.38 -54.68
CA LYS D 101 1.19 6.02 -55.76
C LYS D 101 -0.08 6.85 -55.67
N ASP D 102 -0.82 6.88 -56.77
CA ASP D 102 -2.08 7.62 -56.78
C ASP D 102 -3.06 7.01 -55.77
N THR D 103 -3.15 5.67 -55.77
CA THR D 103 -3.99 4.97 -54.81
C THR D 103 -3.64 5.36 -53.38
N GLU D 104 -2.34 5.47 -53.09
CA GLU D 104 -1.91 5.69 -51.72
C GLU D 104 -2.14 7.14 -51.29
N LEU D 105 -2.12 8.07 -52.25
CA LEU D 105 -2.38 9.46 -51.93
C LEU D 105 -3.84 9.66 -51.57
N ILE D 106 -4.75 9.04 -52.33
CA ILE D 106 -6.17 9.09 -51.99
C ILE D 106 -6.43 8.43 -50.63
N TYR D 107 -5.96 7.20 -50.47
CA TYR D 107 -6.12 6.49 -49.19
C TYR D 107 -5.64 7.33 -48.03
N GLY D 108 -4.52 8.03 -48.22
CA GLY D 108 -3.92 8.83 -47.17
C GLY D 108 -4.69 10.09 -46.89
N ALA D 109 -5.09 10.83 -47.93
CA ALA D 109 -5.87 12.03 -47.71
C ALA D 109 -7.15 11.73 -46.92
N LYS D 110 -7.78 10.60 -47.23
CA LYS D 110 -9.04 10.23 -46.61
C LYS D 110 -8.84 9.84 -45.16
N HIS D 111 -7.76 9.14 -44.85
CA HIS D 111 -7.54 8.63 -43.52
C HIS D 111 -6.99 9.69 -42.58
N ALA D 112 -6.26 10.67 -43.11
CA ALA D 112 -5.94 11.85 -42.32
C ALA D 112 -7.20 12.57 -41.86
N TRP D 113 -8.23 12.62 -42.71
CA TRP D 113 -9.51 13.17 -42.28
C TRP D 113 -10.19 12.24 -41.28
N ARG D 114 -10.17 10.94 -41.58
CA ARG D 114 -10.78 9.98 -40.67
C ARG D 114 -10.14 10.04 -39.30
N ASN D 115 -8.86 10.41 -39.24
CA ASN D 115 -8.07 10.41 -38.02
C ASN D 115 -8.08 11.76 -37.30
N ALA D 116 -8.76 12.75 -37.85
CA ALA D 116 -8.80 14.10 -37.30
C ALA D 116 -9.69 14.12 -36.05
N SER D 117 -9.06 13.98 -34.87
CA SER D 117 -9.84 13.85 -33.65
CA SER D 117 -9.82 13.86 -33.63
C SER D 117 -10.70 15.07 -33.39
N ARG D 118 -10.27 16.26 -33.82
CA ARG D 118 -11.05 17.47 -33.56
C ARG D 118 -12.19 17.71 -34.53
N CYS D 119 -12.44 16.83 -35.52
CA CYS D 119 -13.45 17.08 -36.53
C CYS D 119 -14.74 16.33 -36.21
N VAL D 120 -15.84 17.07 -36.06
CA VAL D 120 -17.16 16.48 -35.85
C VAL D 120 -17.80 15.99 -37.14
N GLY D 121 -17.22 16.33 -38.30
CA GLY D 121 -17.87 16.06 -39.55
C GLY D 121 -17.34 14.82 -40.24
N ARG D 122 -16.67 13.96 -39.48
CA ARG D 122 -15.95 12.84 -40.06
C ARG D 122 -16.84 11.70 -40.56
N ILE D 123 -18.15 11.74 -40.32
CA ILE D 123 -19.01 10.70 -40.86
C ILE D 123 -18.90 10.62 -42.38
N GLN D 124 -18.48 11.71 -43.01
CA GLN D 124 -18.41 11.83 -44.47
C GLN D 124 -17.04 11.45 -45.03
N TRP D 125 -16.13 10.96 -44.18
CA TRP D 125 -14.71 10.91 -44.53
C TRP D 125 -14.44 10.13 -45.81
N SER D 126 -15.15 9.02 -46.03
CA SER D 126 -14.86 8.16 -47.16
C SER D 126 -15.26 8.78 -48.50
N LYS D 127 -16.07 9.84 -48.48
CA LYS D 127 -16.51 10.53 -49.70
C LYS D 127 -15.76 11.86 -49.81
N LEU D 128 -14.49 11.76 -50.18
CA LEU D 128 -13.63 12.94 -50.31
C LEU D 128 -13.04 12.92 -51.71
N GLN D 129 -13.06 14.06 -52.38
CA GLN D 129 -12.54 14.15 -53.73
C GLN D 129 -11.10 14.65 -53.66
N VAL D 130 -10.16 13.80 -54.04
CA VAL D 130 -8.74 14.12 -53.94
C VAL D 130 -8.26 14.61 -55.31
N PHE D 131 -7.76 15.82 -55.34
CA PHE D 131 -7.18 16.42 -56.55
C PHE D 131 -5.67 16.37 -56.42
N ASP D 132 -5.04 15.54 -57.25
CA ASP D 132 -3.60 15.40 -57.27
C ASP D 132 -3.00 16.61 -57.97
N ALA D 133 -2.31 17.48 -57.23
CA ALA D 133 -1.64 18.64 -57.81
C ALA D 133 -0.13 18.53 -57.71
N ARG D 134 0.40 17.31 -57.55
CA ARG D 134 1.82 17.16 -57.32
C ARG D 134 2.70 17.46 -58.56
N ASP D 135 2.11 17.75 -59.74
CA ASP D 135 2.87 18.22 -60.89
C ASP D 135 2.94 19.73 -60.97
N CYS D 136 2.26 20.43 -60.07
CA CYS D 136 2.28 21.89 -60.09
C CYS D 136 3.68 22.37 -59.79
N THR D 137 4.09 23.42 -60.51
CA THR D 137 5.42 23.98 -60.32
C THR D 137 5.43 25.47 -60.03
N THR D 138 4.34 26.19 -60.27
CA THR D 138 4.33 27.64 -60.15
C THR D 138 3.07 28.09 -59.42
N ALA D 139 3.08 29.35 -58.99
CA ALA D 139 1.95 29.88 -58.22
C ALA D 139 0.71 30.02 -59.10
N HIS D 140 0.91 30.44 -60.36
CA HIS D 140 -0.15 30.43 -61.35
C HIS D 140 -0.81 29.07 -61.45
N GLY D 141 0.00 28.00 -61.42
CA GLY D 141 -0.56 26.66 -61.42
C GLY D 141 -1.38 26.40 -60.18
N MET D 142 -0.86 26.82 -59.01
CA MET D 142 -1.63 26.70 -57.77
C MET D 142 -2.93 27.50 -57.87
N PHE D 143 -2.90 28.70 -58.46
CA PHE D 143 -4.12 29.47 -58.64
C PHE D 143 -5.13 28.69 -59.49
N ASN D 144 -4.66 28.13 -60.60
CA ASN D 144 -5.52 27.32 -61.47
C ASN D 144 -6.10 26.13 -60.70
N TYR D 145 -5.23 25.30 -60.14
CA TYR D 145 -5.67 24.19 -59.29
C TYR D 145 -6.69 24.62 -58.22
N ILE D 146 -6.48 25.78 -57.59
CA ILE D 146 -7.34 26.15 -56.47
C ILE D 146 -8.70 26.64 -56.97
N CYS D 147 -8.72 27.41 -58.07
CA CYS D 147 -9.99 27.82 -58.67
C CYS D 147 -10.84 26.62 -59.05
N ASN D 148 -10.22 25.57 -59.59
CA ASN D 148 -10.96 24.36 -59.95
C ASN D 148 -11.48 23.64 -58.70
N HIS D 149 -10.71 23.67 -57.61
CA HIS D 149 -11.19 23.15 -56.33
C HIS D 149 -12.45 23.86 -55.92
N VAL D 150 -12.42 25.20 -55.95
CA VAL D 150 -13.53 26.00 -55.46
C VAL D 150 -14.78 25.73 -56.27
N LYS D 151 -14.65 25.74 -57.60
CA LYS D 151 -15.81 25.49 -58.47
C LYS D 151 -16.36 24.09 -58.26
N TYR D 152 -15.48 23.09 -58.16
CA TYR D 152 -15.96 21.72 -57.92
C TYR D 152 -16.64 21.60 -56.57
N ALA D 153 -15.98 22.05 -55.49
CA ALA D 153 -16.56 21.92 -54.15
C ALA D 153 -17.83 22.75 -54.01
N THR D 154 -17.88 23.94 -54.62
CA THR D 154 -19.05 24.80 -54.41
C THR D 154 -20.29 24.21 -55.08
N ASN D 155 -20.14 23.68 -56.30
CA ASN D 155 -21.19 22.92 -57.00
C ASN D 155 -22.54 23.64 -56.98
N LYS D 156 -22.52 24.95 -57.23
CA LYS D 156 -23.71 25.81 -57.19
C LYS D 156 -24.53 25.65 -55.90
N GLY D 157 -23.83 25.47 -54.76
CA GLY D 157 -24.46 25.44 -53.46
C GLY D 157 -24.61 24.07 -52.86
N ASN D 158 -24.54 23.01 -53.67
CA ASN D 158 -24.65 21.64 -53.20
C ASN D 158 -23.23 21.14 -52.93
N LEU D 159 -22.70 21.53 -51.76
CA LEU D 159 -21.27 21.47 -51.50
C LEU D 159 -20.77 20.04 -51.40
N ARG D 160 -19.50 19.86 -51.78
CA ARG D 160 -18.87 18.55 -51.91
C ARG D 160 -17.48 18.65 -51.29
N SER D 161 -17.14 17.68 -50.45
CA SER D 161 -15.81 17.63 -49.84
C SER D 161 -14.73 17.38 -50.88
N ALA D 162 -13.64 18.14 -50.76
CA ALA D 162 -12.53 18.01 -51.69
C ALA D 162 -11.25 18.50 -51.01
N ILE D 163 -10.13 17.89 -51.39
CA ILE D 163 -8.80 18.33 -51.01
C ILE D 163 -7.94 18.35 -52.28
N THR D 164 -7.06 19.32 -52.35
CA THR D 164 -6.10 19.47 -53.45
C THR D 164 -4.72 19.38 -52.83
N ILE D 165 -3.89 18.47 -53.35
CA ILE D 165 -2.61 18.14 -52.72
C ILE D 165 -1.48 18.60 -53.64
N PHE D 166 -0.69 19.56 -53.15
CA PHE D 166 0.44 20.13 -53.87
C PHE D 166 1.71 19.33 -53.58
N PRO D 167 2.82 19.64 -54.25
CA PRO D 167 4.04 18.83 -54.04
C PRO D 167 4.53 18.84 -52.59
N GLN D 168 4.98 17.67 -52.13
CA GLN D 168 5.45 17.49 -50.76
C GLN D 168 6.75 18.24 -50.53
N ARG D 169 7.07 18.40 -49.25
CA ARG D 169 8.31 19.03 -48.86
C ARG D 169 9.49 18.24 -49.41
N THR D 170 10.55 18.95 -49.77
CA THR D 170 11.77 18.29 -50.19
C THR D 170 12.83 18.56 -49.14
N ASP D 171 13.46 19.73 -49.21
CA ASP D 171 14.46 20.14 -48.24
C ASP D 171 13.93 21.17 -47.25
N GLY D 172 12.67 21.59 -47.36
CA GLY D 172 12.16 22.68 -46.56
C GLY D 172 12.43 24.05 -47.12
N LYS D 173 13.45 24.20 -47.96
CA LYS D 173 13.74 25.47 -48.65
C LYS D 173 13.04 25.57 -50.00
N HIS D 174 12.04 24.72 -50.26
CA HIS D 174 11.29 24.76 -51.51
C HIS D 174 9.85 24.34 -51.26
N ASP D 175 9.27 24.86 -50.19
CA ASP D 175 7.91 24.48 -49.81
C ASP D 175 6.89 25.10 -50.75
N PHE D 176 5.79 24.38 -50.95
CA PHE D 176 4.56 24.96 -51.47
C PHE D 176 3.67 25.31 -50.27
N ARG D 177 3.17 26.56 -50.24
CA ARG D 177 2.31 27.03 -49.18
C ARG D 177 1.15 27.83 -49.74
N VAL D 178 -0.05 27.59 -49.22
CA VAL D 178 -1.13 28.57 -49.30
C VAL D 178 -1.03 29.45 -48.06
N TRP D 179 -0.75 30.74 -48.27
CA TRP D 179 -0.55 31.63 -47.13
C TRP D 179 -1.87 32.02 -46.47
N ASN D 180 -2.97 31.93 -47.21
CA ASN D 180 -4.29 32.13 -46.64
C ASN D 180 -4.59 31.01 -45.66
N SER D 181 -5.22 31.35 -44.53
CA SER D 181 -5.61 30.29 -43.59
C SER D 181 -6.83 29.55 -44.09
N GLN D 182 -7.77 30.25 -44.71
CA GLN D 182 -8.81 29.61 -45.51
C GLN D 182 -8.78 30.18 -46.92
N LEU D 183 -9.34 29.41 -47.88
CA LEU D 183 -9.32 29.83 -49.28
C LEU D 183 -10.13 31.09 -49.48
N ILE D 184 -11.28 31.18 -48.82
CA ILE D 184 -12.16 32.34 -48.91
C ILE D 184 -12.29 32.94 -47.51
N ARG D 185 -11.75 34.13 -47.32
CA ARG D 185 -11.97 34.87 -46.08
C ARG D 185 -12.15 36.34 -46.41
N TYR D 186 -12.87 37.04 -45.52
CA TYR D 186 -13.07 38.47 -45.68
C TYR D 186 -11.95 39.25 -45.02
N ALA D 187 -11.67 40.41 -45.59
CA ALA D 187 -10.61 41.27 -45.12
C ALA D 187 -11.06 42.01 -43.85
N GLY D 188 -10.06 42.40 -43.06
CA GLY D 188 -10.29 43.27 -41.91
C GLY D 188 -9.26 44.37 -41.85
N TYR D 189 -9.73 45.59 -41.59
CA TYR D 189 -8.88 46.76 -41.58
C TYR D 189 -8.96 47.46 -40.22
N LYS D 190 -7.85 47.46 -39.48
CA LYS D 190 -7.76 48.31 -38.30
C LYS D 190 -7.70 49.77 -38.76
N GLN D 191 -8.51 50.60 -38.14
CA GLN D 191 -8.81 52.00 -38.40
C GLN D 191 -8.02 52.91 -37.46
N PRO D 192 -7.71 54.11 -37.91
CA PRO D 192 -6.98 55.08 -37.07
C PRO D 192 -7.56 55.24 -35.68
N ASP D 193 -8.89 55.30 -35.57
CA ASP D 193 -9.57 55.49 -34.30
C ASP D 193 -9.69 54.19 -33.48
N GLY D 194 -9.05 53.11 -33.93
CA GLY D 194 -9.05 51.86 -33.20
C GLY D 194 -10.24 50.97 -33.46
N SER D 195 -11.23 51.44 -34.23
CA SER D 195 -12.31 50.57 -34.65
C SER D 195 -11.82 49.58 -35.71
N THR D 196 -12.71 48.71 -36.16
CA THR D 196 -12.36 47.69 -37.13
C THR D 196 -13.42 47.65 -38.22
N LEU D 197 -12.96 47.58 -39.46
CA LEU D 197 -13.83 47.46 -40.61
C LEU D 197 -13.65 46.06 -41.18
N GLY D 198 -14.75 45.35 -41.33
CA GLY D 198 -14.68 43.98 -41.83
C GLY D 198 -14.39 43.00 -40.71
N ASP D 199 -13.68 41.94 -41.06
CA ASP D 199 -13.49 40.82 -40.16
C ASP D 199 -12.25 41.05 -39.31
N PRO D 200 -12.39 41.22 -37.98
CA PRO D 200 -11.21 41.44 -37.14
C PRO D 200 -10.26 40.25 -37.10
N ALA D 201 -10.75 39.05 -37.41
CA ALA D 201 -9.93 37.84 -37.35
C ALA D 201 -8.80 37.84 -38.38
N ASN D 202 -8.88 38.73 -39.38
CA ASN D 202 -8.02 38.64 -40.55
C ASN D 202 -7.23 39.90 -40.78
N VAL D 203 -7.10 40.74 -39.75
CA VAL D 203 -6.43 42.02 -39.89
C VAL D 203 -4.95 41.82 -40.19
N GLN D 204 -4.32 40.84 -39.53
CA GLN D 204 -2.90 40.58 -39.74
C GLN D 204 -2.64 40.17 -41.19
N PHE D 205 -3.41 39.20 -41.71
CA PHE D 205 -3.19 38.72 -43.06
C PHE D 205 -3.60 39.76 -44.10
N THR D 206 -4.56 40.62 -43.77
CA THR D 206 -4.94 41.70 -44.66
C THR D 206 -3.79 42.67 -44.86
N GLU D 207 -3.05 42.98 -43.79
CA GLU D 207 -1.88 43.85 -43.93
C GLU D 207 -0.83 43.22 -44.84
N ILE D 208 -0.54 41.94 -44.62
CA ILE D 208 0.45 41.22 -45.43
C ILE D 208 0.11 41.35 -46.92
N CYS D 209 -1.18 41.18 -47.25
CA CYS D 209 -1.62 41.29 -48.64
C CYS D 209 -1.42 42.70 -49.20
N ILE D 210 -1.87 43.72 -48.46
CA ILE D 210 -1.64 45.10 -48.88
C ILE D 210 -0.15 45.38 -49.04
N GLN D 211 0.66 44.82 -48.13
CA GLN D 211 2.10 44.97 -48.21
C GLN D 211 2.64 44.42 -49.53
N GLN D 212 2.05 43.33 -50.02
CA GLN D 212 2.47 42.66 -51.24
C GLN D 212 1.95 43.33 -52.51
N GLY D 213 1.25 44.46 -52.40
CA GLY D 213 0.75 45.17 -53.56
C GLY D 213 -0.74 45.07 -53.75
N TRP D 214 -1.43 44.22 -52.99
CA TRP D 214 -2.88 44.15 -53.09
C TRP D 214 -3.50 45.52 -52.85
N LYS D 215 -4.43 45.90 -53.74
CA LYS D 215 -5.14 47.16 -53.60
C LYS D 215 -6.49 46.87 -52.96
N PRO D 216 -6.69 47.20 -51.69
CA PRO D 216 -7.91 46.80 -51.00
C PRO D 216 -9.06 47.72 -51.34
N PRO D 217 -10.25 47.17 -51.57
CA PRO D 217 -11.45 48.02 -51.70
C PRO D 217 -11.77 48.80 -50.44
N ARG D 218 -11.31 48.34 -49.28
CA ARG D 218 -11.71 48.90 -47.99
C ARG D 218 -13.23 48.94 -47.88
N GLY D 219 -13.88 47.89 -48.38
CA GLY D 219 -15.28 47.63 -48.11
C GLY D 219 -15.44 46.77 -46.87
N ARG D 220 -16.66 46.29 -46.67
CA ARG D 220 -16.95 45.54 -45.45
C ARG D 220 -16.86 44.04 -45.62
N PHE D 221 -17.06 43.52 -46.84
CA PHE D 221 -16.93 42.09 -47.12
C PHE D 221 -16.03 41.87 -48.32
N ASP D 222 -14.79 42.36 -48.22
CA ASP D 222 -13.80 42.22 -49.27
C ASP D 222 -13.22 40.82 -49.22
N VAL D 223 -13.52 40.00 -50.23
CA VAL D 223 -12.89 38.70 -50.36
C VAL D 223 -11.39 38.89 -50.52
N LEU D 224 -10.61 38.11 -49.79
CA LEU D 224 -9.20 38.40 -49.77
C LEU D 224 -8.50 37.76 -50.97
N PRO D 225 -7.39 38.35 -51.42
CA PRO D 225 -6.61 37.69 -52.47
C PRO D 225 -5.97 36.42 -51.93
N LEU D 226 -5.80 35.44 -52.82
CA LEU D 226 -4.96 34.30 -52.51
C LEU D 226 -3.50 34.72 -52.56
N LEU D 227 -2.67 34.14 -51.68
CA LEU D 227 -1.23 34.41 -51.58
C LEU D 227 -0.55 33.06 -51.68
N LEU D 228 0.03 32.75 -52.85
CA LEU D 228 0.44 31.38 -53.14
C LEU D 228 1.95 31.28 -53.27
N GLN D 229 2.52 30.25 -52.65
CA GLN D 229 3.94 30.05 -52.65
C GLN D 229 4.23 28.69 -53.26
N ALA D 230 5.05 28.68 -54.31
CA ALA D 230 5.48 27.45 -54.95
C ALA D 230 7.00 27.35 -54.92
N ASN D 231 7.50 26.14 -54.66
CA ASN D 231 8.93 25.82 -54.72
C ASN D 231 9.78 26.78 -53.88
N GLY D 232 9.24 27.27 -52.77
CA GLY D 232 9.99 28.16 -51.91
C GLY D 232 10.21 29.56 -52.47
N ASN D 233 9.56 29.91 -53.57
CA ASN D 233 9.64 31.25 -54.12
C ASN D 233 8.78 32.22 -53.30
N ASP D 234 9.00 33.51 -53.52
CA ASP D 234 8.14 34.51 -52.90
C ASP D 234 6.70 34.27 -53.32
N PRO D 235 5.73 34.49 -52.44
CA PRO D 235 4.34 34.19 -52.80
C PRO D 235 3.74 35.26 -53.71
N GLU D 236 2.77 34.83 -54.51
CA GLU D 236 2.16 35.70 -55.52
C GLU D 236 0.67 35.91 -55.26
N LEU D 237 0.20 37.12 -55.58
CA LEU D 237 -1.19 37.52 -55.40
C LEU D 237 -2.03 37.15 -56.61
N PHE D 238 -3.23 36.61 -56.34
CA PHE D 238 -4.23 36.30 -57.36
C PHE D 238 -5.61 36.59 -56.82
N GLN D 239 -6.46 37.21 -57.63
CA GLN D 239 -7.82 37.52 -57.22
C GLN D 239 -8.71 36.39 -57.71
N ILE D 240 -9.26 35.61 -56.77
CA ILE D 240 -10.26 34.59 -57.16
C ILE D 240 -11.35 35.26 -57.99
N PRO D 241 -11.76 34.67 -59.11
CA PRO D 241 -12.88 35.21 -59.86
C PRO D 241 -14.12 35.29 -58.97
N PRO D 242 -14.72 36.48 -58.86
CA PRO D 242 -15.90 36.63 -57.99
C PRO D 242 -17.00 35.62 -58.26
N GLU D 243 -17.21 35.22 -59.53
CA GLU D 243 -18.31 34.32 -59.83
C GLU D 243 -18.10 32.93 -59.25
N LEU D 244 -16.91 32.62 -58.71
CA LEU D 244 -16.66 31.37 -58.01
C LEU D 244 -16.85 31.42 -56.48
N VAL D 245 -17.15 32.59 -55.91
CA VAL D 245 -17.27 32.73 -54.46
C VAL D 245 -18.77 32.79 -54.14
N LEU D 246 -19.36 31.66 -53.80
CA LEU D 246 -20.76 31.64 -53.44
C LEU D 246 -20.92 32.25 -52.07
N GLU D 247 -21.86 33.19 -51.95
CA GLU D 247 -22.11 33.96 -50.75
C GLU D 247 -23.60 33.88 -50.42
N VAL D 248 -23.91 33.87 -49.12
CA VAL D 248 -25.28 33.82 -48.62
C VAL D 248 -25.57 35.10 -47.85
N PRO D 249 -26.54 35.91 -48.27
CA PRO D 249 -26.96 37.05 -47.46
C PRO D 249 -27.71 36.58 -46.22
N ILE D 250 -27.36 37.16 -45.07
CA ILE D 250 -27.88 36.72 -43.78
C ILE D 250 -29.12 37.52 -43.44
N ARG D 251 -30.25 36.84 -43.35
CA ARG D 251 -31.52 37.42 -42.92
C ARG D 251 -32.10 36.52 -41.82
N HIS D 252 -33.16 37.01 -41.19
CA HIS D 252 -33.74 36.25 -40.08
C HIS D 252 -35.19 35.91 -40.37
N PRO D 253 -35.65 34.71 -40.00
CA PRO D 253 -37.00 34.28 -40.39
C PRO D 253 -38.12 35.02 -39.68
N LYS D 254 -37.81 35.79 -38.64
CA LYS D 254 -38.86 36.43 -37.85
C LYS D 254 -38.60 37.92 -37.71
N PHE D 255 -37.33 38.31 -37.73
CA PHE D 255 -36.94 39.70 -37.54
C PHE D 255 -36.67 40.32 -38.92
N GLU D 256 -37.57 41.20 -39.38
CA GLU D 256 -37.35 41.83 -40.68
C GLU D 256 -36.10 42.70 -40.65
N TRP D 257 -35.82 43.35 -39.52
CA TRP D 257 -34.69 44.26 -39.42
C TRP D 257 -33.34 43.57 -39.55
N PHE D 258 -33.29 42.24 -39.52
CA PHE D 258 -32.00 41.57 -39.44
C PHE D 258 -31.25 41.70 -40.77
N LYS D 259 -31.96 41.62 -41.90
CA LYS D 259 -31.31 41.85 -43.18
C LYS D 259 -30.72 43.26 -43.25
N ASP D 260 -31.32 44.21 -42.53
CA ASP D 260 -30.78 45.57 -42.53
C ASP D 260 -29.41 45.66 -41.88
N LEU D 261 -28.99 44.66 -41.11
CA LEU D 261 -27.60 44.64 -40.66
C LEU D 261 -26.62 44.48 -41.81
N GLY D 262 -27.10 44.11 -43.00
CA GLY D 262 -26.29 44.13 -44.21
C GLY D 262 -25.23 43.05 -44.26
N LEU D 263 -25.50 41.89 -43.69
CA LEU D 263 -24.48 40.88 -43.52
C LEU D 263 -24.60 39.78 -44.55
N LYS D 264 -23.49 39.08 -44.74
CA LYS D 264 -23.43 37.92 -45.62
C LYS D 264 -22.22 37.11 -45.21
N TRP D 265 -22.25 35.83 -45.54
CA TRP D 265 -21.09 34.98 -45.33
C TRP D 265 -20.79 34.19 -46.60
N TYR D 266 -19.60 33.62 -46.65
CA TYR D 266 -19.21 32.79 -47.79
C TYR D 266 -19.64 31.34 -47.53
N GLY D 267 -20.04 30.66 -48.60
CA GLY D 267 -20.56 29.32 -48.46
C GLY D 267 -19.53 28.25 -48.22
N LEU D 268 -18.28 28.44 -48.66
CA LEU D 268 -17.38 27.30 -48.73
C LEU D 268 -16.29 27.39 -47.69
N PRO D 269 -16.31 26.59 -46.62
CA PRO D 269 -15.20 26.61 -45.65
C PRO D 269 -14.06 25.75 -46.20
N ALA D 270 -12.88 26.35 -46.32
CA ALA D 270 -11.78 25.69 -47.02
C ALA D 270 -10.48 25.98 -46.29
N VAL D 271 -10.03 25.06 -45.44
CA VAL D 271 -8.84 25.30 -44.62
C VAL D 271 -7.60 25.08 -45.47
N SER D 272 -6.67 26.03 -45.42
CA SER D 272 -5.53 25.99 -46.33
C SER D 272 -4.16 26.14 -45.68
N ASN D 273 -4.08 26.22 -44.35
CA ASN D 273 -2.82 26.44 -43.67
C ASN D 273 -2.26 25.21 -42.95
N MET D 274 -2.91 24.06 -43.05
CA MET D 274 -2.46 22.89 -42.31
C MET D 274 -1.50 22.04 -43.15
N LEU D 275 -0.93 21.02 -42.50
CA LEU D 275 0.04 20.17 -43.15
C LEU D 275 -0.47 18.73 -43.14
N LEU D 276 -0.48 18.09 -44.31
CA LEU D 276 -0.92 16.72 -44.46
C LEU D 276 0.29 15.80 -44.46
N GLU D 277 0.29 14.83 -43.55
CA GLU D 277 1.42 13.93 -43.34
C GLU D 277 0.98 12.51 -43.68
N ILE D 278 1.71 11.88 -44.59
CA ILE D 278 1.39 10.54 -45.07
C ILE D 278 2.70 9.78 -45.22
N GLY D 279 2.89 8.74 -44.42
CA GLY D 279 4.05 7.90 -44.56
C GLY D 279 5.37 8.59 -44.32
N GLY D 280 5.33 9.75 -43.65
CA GLY D 280 6.52 10.52 -43.39
C GLY D 280 6.67 11.70 -44.31
N LEU D 281 5.99 11.67 -45.45
CA LEU D 281 6.01 12.79 -46.38
C LEU D 281 5.15 13.91 -45.82
N GLU D 282 5.58 15.15 -46.08
CA GLU D 282 4.90 16.33 -45.59
C GLU D 282 4.38 17.11 -46.78
N PHE D 283 3.06 17.30 -46.84
CA PHE D 283 2.40 18.09 -47.86
C PHE D 283 2.00 19.43 -47.21
N SER D 284 2.92 20.39 -47.27
CA SER D 284 2.75 21.71 -46.67
C SER D 284 1.64 22.55 -47.30
N ALA D 285 1.10 22.14 -48.44
CA ALA D 285 -0.02 22.86 -49.05
C ALA D 285 -1.04 21.84 -49.51
N CYS D 286 -2.21 21.87 -48.87
CA CYS D 286 -3.19 20.82 -49.05
C CYS D 286 -4.58 21.34 -48.71
N PRO D 287 -5.04 22.42 -49.34
CA PRO D 287 -6.32 23.02 -48.95
C PRO D 287 -7.46 22.02 -49.08
N PHE D 288 -8.31 21.98 -48.05
CA PHE D 288 -9.43 21.05 -48.01
C PHE D 288 -10.68 21.82 -47.61
N SER D 289 -11.82 21.30 -48.04
CA SER D 289 -13.05 22.04 -47.88
C SER D 289 -14.19 21.05 -47.71
N GLY D 290 -15.15 21.42 -46.88
CA GLY D 290 -16.37 20.66 -46.74
C GLY D 290 -17.52 21.64 -46.80
N TRP D 291 -18.39 21.59 -45.81
CA TRP D 291 -19.43 22.59 -45.65
C TRP D 291 -19.47 22.98 -44.19
N TYR D 292 -20.15 24.09 -43.88
CA TYR D 292 -20.12 24.62 -42.53
C TYR D 292 -21.08 23.89 -41.59
N MET D 293 -20.67 23.80 -40.33
CA MET D 293 -21.62 23.73 -39.24
C MET D 293 -21.99 25.17 -38.90
N GLY D 294 -23.26 25.40 -38.60
CA GLY D 294 -23.73 26.78 -38.48
C GLY D 294 -22.95 27.61 -37.48
N THR D 295 -22.55 27.01 -36.35
CA THR D 295 -21.93 27.76 -35.28
C THR D 295 -20.54 28.28 -35.66
N GLU D 296 -19.92 27.74 -36.72
CA GLU D 296 -18.57 28.17 -37.07
C GLU D 296 -18.53 29.52 -37.79
N ILE D 297 -19.69 30.08 -38.16
CA ILE D 297 -19.70 31.27 -39.00
C ILE D 297 -19.60 32.50 -38.09
N GLY D 298 -18.51 33.25 -38.22
CA GLY D 298 -18.17 34.29 -37.28
C GLY D 298 -18.71 35.67 -37.60
N VAL D 299 -19.89 35.75 -38.23
CA VAL D 299 -20.60 37.01 -38.40
C VAL D 299 -20.72 37.74 -37.07
N ARG D 300 -20.71 36.97 -35.97
CA ARG D 300 -20.85 37.51 -34.63
C ARG D 300 -19.84 38.62 -34.36
N ASP D 301 -18.57 38.37 -34.71
CA ASP D 301 -17.46 39.24 -34.34
C ASP D 301 -17.32 40.45 -35.24
N TYR D 302 -18.22 40.63 -36.19
CA TYR D 302 -18.19 41.79 -37.07
C TYR D 302 -18.57 43.05 -36.30
N CYS D 303 -18.40 44.19 -36.97
CA CYS D 303 -18.78 45.49 -36.45
C CYS D 303 -19.75 46.14 -37.42
N ASP D 304 -20.99 46.35 -36.96
CA ASP D 304 -21.99 47.03 -37.78
C ASP D 304 -21.57 48.48 -38.05
N ASN D 305 -21.19 49.19 -36.98
CA ASN D 305 -20.88 50.61 -37.06
C ASN D 305 -19.47 50.89 -36.55
N SER D 306 -19.32 51.97 -35.78
CA SER D 306 -18.03 52.38 -35.24
C SER D 306 -17.80 51.90 -33.80
N ARG D 307 -18.80 51.28 -33.17
CA ARG D 307 -18.69 50.98 -31.74
C ARG D 307 -19.27 49.64 -31.32
N TYR D 308 -20.30 49.11 -31.98
CA TYR D 308 -21.02 47.94 -31.49
C TYR D 308 -20.68 46.69 -32.30
N ASN D 309 -20.73 45.54 -31.61
CA ASN D 309 -20.58 44.23 -32.23
C ASN D 309 -21.81 43.88 -33.05
N ILE D 310 -21.74 42.75 -33.75
CA ILE D 310 -22.96 42.20 -34.32
C ILE D 310 -23.79 41.54 -33.23
N LEU D 311 -23.15 40.82 -32.31
CA LEU D 311 -23.83 40.38 -31.11
C LEU D 311 -24.43 41.57 -30.35
N GLU D 312 -23.64 42.63 -30.20
CA GLU D 312 -24.12 43.82 -29.49
C GLU D 312 -25.24 44.50 -30.25
N GLU D 313 -25.11 44.61 -31.58
CA GLU D 313 -26.13 45.27 -32.37
C GLU D 313 -27.42 44.44 -32.38
N VAL D 314 -27.30 43.11 -32.46
CA VAL D 314 -28.48 42.25 -32.42
C VAL D 314 -29.20 42.41 -31.10
N ALA D 315 -28.45 42.36 -30.00
CA ALA D 315 -29.05 42.57 -28.69
C ALA D 315 -29.71 43.94 -28.59
N LYS D 316 -29.06 44.96 -29.16
CA LYS D 316 -29.62 46.30 -29.12
C LYS D 316 -30.92 46.36 -29.92
N LYS D 317 -30.90 45.86 -31.16
CA LYS D 317 -32.12 45.79 -31.96
C LYS D 317 -33.20 44.94 -31.30
N MET D 318 -32.81 43.99 -30.45
CA MET D 318 -33.78 43.16 -29.75
C MET D 318 -34.32 43.81 -28.48
N ASN D 319 -33.86 45.02 -28.13
CA ASN D 319 -34.30 45.73 -26.92
C ASN D 319 -34.06 44.89 -25.67
N LEU D 320 -32.89 44.27 -25.61
CA LEU D 320 -32.53 43.48 -24.45
C LEU D 320 -31.86 44.36 -23.40
N ASP D 321 -31.94 43.92 -22.15
CA ASP D 321 -31.30 44.65 -21.06
C ASP D 321 -29.83 44.29 -21.04
N MET D 322 -28.99 45.16 -21.60
CA MET D 322 -27.55 44.92 -21.67
C MET D 322 -26.79 45.57 -20.52
N ARG D 323 -27.43 45.74 -19.37
CA ARG D 323 -26.74 46.26 -18.18
C ARG D 323 -26.08 45.11 -17.41
N LYS D 324 -26.90 44.23 -16.83
CA LYS D 324 -26.40 43.07 -16.11
C LYS D 324 -26.18 41.91 -17.07
N THR D 325 -25.07 41.18 -16.89
CA THR D 325 -24.86 39.98 -17.69
C THR D 325 -25.92 38.94 -17.42
N SER D 326 -26.45 38.91 -16.20
CA SER D 326 -27.40 37.91 -15.73
C SER D 326 -28.75 38.00 -16.43
N SER D 327 -28.97 39.01 -17.26
CA SER D 327 -30.12 39.00 -18.16
C SER D 327 -29.95 38.01 -19.30
N LEU D 328 -28.73 37.53 -19.54
CA LEU D 328 -28.39 36.57 -20.61
C LEU D 328 -28.74 37.11 -22.00
N TRP D 329 -28.61 38.43 -22.15
CA TRP D 329 -28.82 39.03 -23.47
C TRP D 329 -27.81 38.50 -24.50
N LYS D 330 -26.59 38.18 -24.06
CA LYS D 330 -25.60 37.64 -24.99
C LYS D 330 -26.00 36.25 -25.48
N ASP D 331 -26.44 35.40 -24.55
CA ASP D 331 -26.94 34.09 -24.93
C ASP D 331 -28.15 34.22 -25.85
N GLN D 332 -29.07 35.13 -25.51
CA GLN D 332 -30.28 35.30 -26.29
C GLN D 332 -29.95 35.74 -27.72
N ALA D 333 -29.11 36.77 -27.85
CA ALA D 333 -28.75 37.27 -29.17
C ALA D 333 -27.94 36.26 -29.96
N LEU D 334 -27.10 35.48 -29.26
CA LEU D 334 -26.30 34.47 -29.94
C LEU D 334 -27.16 33.44 -30.66
N VAL D 335 -28.18 32.90 -29.97
CA VAL D 335 -29.07 31.93 -30.61
C VAL D 335 -29.73 32.52 -31.85
N GLU D 336 -30.27 33.75 -31.72
CA GLU D 336 -30.96 34.36 -32.85
C GLU D 336 -30.02 34.52 -34.04
N ILE D 337 -28.74 34.81 -33.80
CA ILE D 337 -27.76 34.90 -34.88
C ILE D 337 -27.57 33.55 -35.55
N ASN D 338 -27.55 32.48 -34.76
CA ASN D 338 -27.36 31.15 -35.34
C ASN D 338 -28.61 30.65 -36.03
N ILE D 339 -29.80 31.02 -35.53
CA ILE D 339 -31.04 30.78 -36.27
C ILE D 339 -30.95 31.42 -37.65
N ALA D 340 -30.55 32.70 -37.68
CA ALA D 340 -30.43 33.46 -38.92
C ALA D 340 -29.54 32.76 -39.93
N VAL D 341 -28.37 32.30 -39.49
CA VAL D 341 -27.38 31.74 -40.39
C VAL D 341 -27.90 30.45 -41.03
N LEU D 342 -28.49 29.56 -40.22
CA LEU D 342 -29.02 28.30 -40.74
C LEU D 342 -30.17 28.55 -41.72
N TYR D 343 -31.05 29.49 -41.40
CA TYR D 343 -32.19 29.80 -42.25
C TYR D 343 -31.76 30.38 -43.58
N SER D 344 -30.71 31.20 -43.56
CA SER D 344 -30.25 31.85 -44.77
C SER D 344 -29.71 30.82 -45.75
N PHE D 345 -28.72 30.03 -45.30
CA PHE D 345 -28.13 29.02 -46.16
C PHE D 345 -29.19 28.07 -46.70
N GLN D 346 -30.05 27.58 -45.81
CA GLN D 346 -31.10 26.64 -46.22
C GLN D 346 -31.97 27.24 -47.30
N SER D 347 -32.33 28.52 -47.14
CA SER D 347 -33.17 29.21 -48.11
C SER D 347 -32.49 29.27 -49.48
N ASP D 348 -31.25 29.73 -49.51
CA ASP D 348 -30.52 29.78 -50.75
C ASP D 348 -29.99 28.42 -51.18
N LYS D 349 -30.45 27.32 -50.55
CA LYS D 349 -30.02 25.97 -50.92
C LYS D 349 -28.51 25.87 -51.01
N VAL D 350 -27.86 26.24 -49.90
CA VAL D 350 -26.43 26.08 -49.71
C VAL D 350 -26.23 25.15 -48.51
N THR D 351 -25.40 24.13 -48.70
CA THR D 351 -25.29 23.07 -47.69
C THR D 351 -24.79 23.65 -46.38
N ILE D 352 -25.47 23.28 -45.29
CA ILE D 352 -25.06 23.64 -43.95
C ILE D 352 -25.65 22.60 -43.00
N VAL D 353 -25.02 22.45 -41.84
CA VAL D 353 -25.49 21.49 -40.84
C VAL D 353 -25.50 22.19 -39.49
N ASP D 354 -26.59 22.01 -38.75
CA ASP D 354 -26.68 22.64 -37.44
C ASP D 354 -25.95 21.78 -36.42
N HIS D 355 -25.69 22.36 -35.25
CA HIS D 355 -24.83 21.64 -34.30
C HIS D 355 -25.52 20.41 -33.72
N HIS D 356 -26.85 20.37 -33.72
CA HIS D 356 -27.55 19.18 -33.26
C HIS D 356 -27.44 18.05 -34.28
N SER D 357 -27.69 18.34 -35.56
CA SER D 357 -27.56 17.29 -36.57
C SER D 357 -26.14 16.77 -36.62
N ALA D 358 -25.17 17.69 -36.63
CA ALA D 358 -23.76 17.32 -36.72
C ALA D 358 -23.35 16.41 -35.57
N THR D 359 -23.78 16.71 -34.35
CA THR D 359 -23.31 15.94 -33.21
C THR D 359 -24.00 14.57 -33.15
N GLU D 360 -25.29 14.53 -33.47
CA GLU D 360 -25.97 13.24 -33.53
C GLU D 360 -25.31 12.33 -34.56
N SER D 361 -25.00 12.87 -35.74
CA SER D 361 -24.34 12.04 -36.73
CA SER D 361 -24.34 12.04 -36.73
C SER D 361 -22.98 11.58 -36.22
N PHE D 362 -22.23 12.49 -35.57
CA PHE D 362 -20.92 12.11 -35.07
C PHE D 362 -21.01 10.94 -34.08
N ILE D 363 -22.05 10.89 -33.25
CA ILE D 363 -22.21 9.76 -32.33
C ILE D 363 -22.43 8.48 -33.12
N LYS D 364 -23.32 8.52 -34.10
CA LYS D 364 -23.52 7.37 -34.97
C LYS D 364 -22.21 6.96 -35.63
N HIS D 365 -21.51 7.94 -36.23
CA HIS D 365 -20.20 7.68 -36.85
C HIS D 365 -19.24 7.03 -35.87
N MET D 366 -19.15 7.61 -34.66
CA MET D 366 -18.23 7.11 -33.64
C MET D 366 -18.53 5.66 -33.26
N GLU D 367 -19.81 5.34 -33.07
CA GLU D 367 -20.17 3.96 -32.75
C GLU D 367 -19.86 3.03 -33.91
N ASN D 368 -20.19 3.46 -35.13
CA ASN D 368 -19.82 2.66 -36.30
C ASN D 368 -18.31 2.48 -36.39
N GLU D 369 -17.53 3.52 -36.08
CA GLU D 369 -16.08 3.40 -36.07
C GLU D 369 -15.57 2.46 -34.98
N TYR D 370 -16.21 2.45 -33.79
CA TYR D 370 -15.79 1.44 -32.82
C TYR D 370 -16.10 0.02 -33.31
N ARG D 371 -17.18 -0.17 -34.06
CA ARG D 371 -17.51 -1.52 -34.55
C ARG D 371 -16.49 -2.01 -35.57
N CYS D 372 -16.28 -1.25 -36.65
CA CYS D 372 -15.49 -1.74 -37.77
C CYS D 372 -13.99 -1.47 -37.61
N ARG D 373 -13.61 -0.41 -36.91
CA ARG D 373 -12.22 -0.02 -36.78
C ARG D 373 -11.65 -0.22 -35.38
N GLY D 374 -12.48 -0.48 -34.38
CA GLY D 374 -11.96 -0.68 -33.05
C GLY D 374 -11.62 0.59 -32.30
N GLY D 375 -12.25 1.71 -32.66
CA GLY D 375 -12.01 2.97 -31.98
C GLY D 375 -12.14 4.13 -32.94
N CYS D 376 -12.25 5.31 -32.34
CA CYS D 376 -12.32 6.58 -33.05
C CYS D 376 -11.75 7.70 -32.19
N PRO D 377 -10.54 8.17 -32.48
CA PRO D 377 -9.97 9.26 -31.68
C PRO D 377 -10.84 10.51 -31.77
N ALA D 378 -11.09 11.13 -30.61
CA ALA D 378 -12.06 12.21 -30.52
C ALA D 378 -11.65 13.21 -29.44
N ASP D 379 -11.61 14.49 -29.82
CA ASP D 379 -11.13 15.57 -28.96
C ASP D 379 -12.36 16.30 -28.42
N TRP D 380 -12.84 15.85 -27.25
CA TRP D 380 -14.11 16.33 -26.69
C TRP D 380 -14.17 17.86 -26.66
N VAL D 381 -13.06 18.49 -26.26
CA VAL D 381 -12.90 19.94 -26.20
C VAL D 381 -13.24 20.60 -27.53
N TRP D 382 -13.05 19.88 -28.64
CA TRP D 382 -13.35 20.42 -29.95
C TRP D 382 -14.64 19.86 -30.57
N ILE D 383 -15.04 18.64 -30.22
CA ILE D 383 -16.27 18.08 -30.77
C ILE D 383 -17.50 18.77 -30.20
N VAL D 384 -17.45 19.18 -28.93
CA VAL D 384 -18.63 19.85 -28.36
C VAL D 384 -18.80 21.23 -29.00
N PRO D 385 -19.97 21.55 -29.55
CA PRO D 385 -20.14 22.83 -30.24
C PRO D 385 -19.91 24.00 -29.31
N PRO D 386 -19.62 25.19 -29.86
CA PRO D 386 -19.32 26.38 -29.02
C PRO D 386 -20.51 26.95 -28.26
N MET D 387 -21.69 26.34 -28.34
CA MET D 387 -22.88 26.83 -27.68
C MET D 387 -23.79 25.66 -27.42
N SER D 388 -24.67 25.82 -26.41
CA SER D 388 -25.73 24.84 -26.11
C SER D 388 -25.16 23.44 -25.96
N GLY D 389 -23.97 23.34 -25.36
CA GLY D 389 -23.22 22.10 -25.39
C GLY D 389 -23.94 20.92 -24.76
N SER D 390 -24.43 21.08 -23.52
CA SER D 390 -24.96 19.93 -22.79
C SER D 390 -26.26 19.38 -23.38
N ILE D 391 -26.97 20.13 -24.20
CA ILE D 391 -28.16 19.61 -24.86
C ILE D 391 -27.84 19.00 -26.21
N THR D 392 -26.57 18.72 -26.50
CA THR D 392 -26.20 17.93 -27.66
C THR D 392 -25.55 16.62 -27.20
N PRO D 393 -25.70 15.55 -27.98
CA PRO D 393 -25.38 14.21 -27.46
C PRO D 393 -23.90 13.96 -27.21
N VAL D 394 -22.99 14.77 -27.75
CA VAL D 394 -21.57 14.52 -27.55
C VAL D 394 -21.13 14.93 -26.13
N PHE D 395 -21.91 15.78 -25.47
CA PHE D 395 -21.49 16.37 -24.21
C PHE D 395 -21.30 15.29 -23.13
N HIS D 396 -22.19 14.29 -23.10
CA HIS D 396 -22.11 13.18 -22.16
C HIS D 396 -21.43 11.96 -22.74
N GLN D 397 -20.81 12.09 -23.91
CA GLN D 397 -20.08 11.00 -24.54
C GLN D 397 -18.62 11.06 -24.12
N GLU D 398 -18.16 10.04 -23.40
CA GLU D 398 -16.73 9.94 -23.12
C GLU D 398 -15.96 9.70 -24.43
N MET D 399 -14.75 10.25 -24.50
CA MET D 399 -13.96 10.15 -25.72
C MET D 399 -12.49 9.92 -25.36
N LEU D 400 -11.85 9.08 -26.15
CA LEU D 400 -10.42 8.85 -26.05
C LEU D 400 -9.71 9.58 -27.18
N ASN D 401 -8.68 10.35 -26.83
CA ASN D 401 -7.96 11.15 -27.80
C ASN D 401 -6.56 10.60 -27.98
N TYR D 402 -6.22 10.24 -29.21
CA TYR D 402 -4.89 9.82 -29.60
C TYR D 402 -4.66 10.28 -31.03
N ARG D 403 -3.42 10.17 -31.48
CA ARG D 403 -2.98 10.71 -32.76
C ARG D 403 -2.68 9.55 -33.69
N LEU D 404 -3.57 9.31 -34.66
CA LEU D 404 -3.25 8.33 -35.69
C LEU D 404 -2.66 9.05 -36.89
N THR D 405 -1.87 8.31 -37.65
CA THR D 405 -1.35 8.81 -38.91
C THR D 405 -1.77 7.89 -40.06
N PRO D 406 -2.01 8.44 -41.26
CA PRO D 406 -1.89 9.82 -41.75
C PRO D 406 -2.72 10.82 -40.94
N SER D 407 -2.29 12.08 -40.95
CA SER D 407 -2.94 13.09 -40.14
C SER D 407 -2.78 14.46 -40.75
N PHE D 408 -3.68 15.37 -40.38
CA PHE D 408 -3.50 16.79 -40.58
C PHE D 408 -2.83 17.38 -39.35
N GLU D 409 -1.96 18.34 -39.57
CA GLU D 409 -1.13 18.93 -38.53
C GLU D 409 -1.06 20.45 -38.71
N TYR D 410 -0.83 21.13 -37.60
CA TYR D 410 -0.54 22.56 -37.63
C TYR D 410 0.89 22.77 -38.12
N GLN D 411 1.15 23.97 -38.64
CA GLN D 411 2.51 24.31 -39.04
C GLN D 411 2.66 25.81 -38.89
N PRO D 412 3.88 26.28 -38.64
CA PRO D 412 4.08 27.72 -38.52
C PRO D 412 3.55 28.51 -39.72
N ASP D 413 3.08 29.72 -39.44
CA ASP D 413 2.67 30.63 -40.49
C ASP D 413 3.86 30.93 -41.41
N PRO D 414 3.65 30.94 -42.72
CA PRO D 414 4.82 31.02 -43.63
C PRO D 414 5.61 32.30 -43.51
N TRP D 415 5.00 33.41 -43.13
CA TRP D 415 5.77 34.65 -43.04
C TRP D 415 6.76 34.66 -41.88
N ASN D 416 6.57 33.82 -40.87
CA ASN D 416 7.58 33.76 -39.81
C ASN D 416 8.80 32.97 -40.22
N THR D 417 8.65 32.03 -41.16
CA THR D 417 9.75 31.17 -41.58
C THR D 417 10.38 31.59 -42.90
N HIS D 418 9.59 32.15 -43.80
CA HIS D 418 10.04 32.37 -45.17
C HIS D 418 11.16 33.40 -45.20
N VAL D 419 12.04 33.26 -46.20
CA VAL D 419 13.16 34.17 -46.38
C VAL D 419 13.08 34.73 -47.80
N TRP D 420 12.99 36.06 -47.89
CA TRP D 420 12.67 36.74 -49.13
C TRP D 420 13.90 36.98 -49.99
N LYS D 421 13.77 36.72 -51.29
CA LYS D 421 14.85 36.98 -52.25
C LYS D 421 14.52 38.14 -53.20
CHA HEM E . 18.43 -18.97 9.37
CHB HEM E . 22.27 -16.07 9.89
CHC HEM E . 21.80 -14.74 5.23
CHD HEM E . 17.55 -16.98 4.96
C1A HEM E . 19.58 -18.43 9.91
C2A HEM E . 20.34 -18.84 11.11
C3A HEM E . 21.40 -18.02 11.23
C4A HEM E . 21.37 -17.08 10.13
CMA HEM E . 22.48 -18.03 12.33
CAA HEM E . 20.04 -19.99 12.11
CBA HEM E . 20.11 -21.34 11.43
CGA HEM E . 20.93 -22.33 12.22
O1A HEM E . 21.64 -21.91 13.16
O2A HEM E . 20.90 -23.54 11.88
C1B HEM E . 22.52 -15.47 8.67
C2B HEM E . 23.66 -14.64 8.35
C3B HEM E . 23.52 -14.26 7.08
C4B HEM E . 22.30 -14.84 6.53
CMB HEM E . 24.79 -14.25 9.32
CAB HEM E . 24.57 -13.36 6.37
CBB HEM E . 24.32 -12.73 5.22
C1C HEM E . 20.60 -15.23 4.71
C2C HEM E . 20.05 -15.02 3.35
C3C HEM E . 18.88 -15.65 3.30
C4C HEM E . 18.64 -16.25 4.60
CMC HEM E . 20.74 -14.24 2.22
CAC HEM E . 17.86 -15.75 2.14
CBC HEM E . 17.78 -14.85 1.15
C1D HEM E . 17.45 -17.71 6.12
C2D HEM E . 16.33 -18.56 6.44
C3D HEM E . 16.56 -19.10 7.63
C4D HEM E . 17.83 -18.64 8.15
CMD HEM E . 15.10 -18.80 5.55
CAD HEM E . 15.59 -20.09 8.30
CBD HEM E . 16.22 -21.45 8.09
CGD HEM E . 15.30 -22.54 8.56
O1D HEM E . 14.06 -22.30 8.73
O2D HEM E . 15.82 -23.67 8.72
NA HEM E . 20.26 -17.37 9.36
NB HEM E . 21.71 -15.58 7.55
NC HEM E . 19.71 -15.98 5.41
ND HEM E . 18.35 -17.77 7.18
FE HEM E . 19.78 -16.34 7.52
C02 V5D F . 23.85 -18.40 7.00
C03 V5D F . 23.35 -17.83 5.82
C04 V5D F . 22.15 -18.26 5.28
C05 V5D F . 21.44 -19.25 5.92
C06 V5D F . 21.96 -19.82 7.08
C07 V5D F . 21.14 -20.89 7.78
C08 V5D F . 21.62 -22.30 7.47
C09 V5D F . 20.56 -23.26 7.99
C10 V5D F . 20.81 -24.70 7.56
C12 V5D F . 20.31 -26.02 9.50
C13 V5D F . 19.27 -26.79 10.31
C14 V5D F . 17.95 -26.90 9.87
C15 V5D F . 17.03 -27.61 10.62
C16 V5D F . 17.40 -28.20 11.81
C17 V5D F . 18.72 -28.10 12.27
C19 V5D F . 17.96 -29.41 14.29
C20 V5D F . 17.35 -28.46 15.31
C21 V5D F . 16.38 -28.90 16.22
C22 V5D F . 15.82 -28.02 17.15
C23 V5D F . 16.23 -26.69 17.16
C24 V5D F . 15.70 -25.80 18.08
C25 V5D F . 16.15 -24.48 18.05
C26 V5D F . 17.12 -24.09 17.12
C29 V5D F . 17.19 -26.26 16.25
C30 V5D F . 17.75 -27.14 15.33
C31 V5D F . 19.64 -27.39 11.51
N01 V5D F . 25.03 -17.97 7.51
N11 V5D F . 19.80 -25.58 8.18
N27 V5D F . 17.57 -22.82 17.07
N28 V5D F . 17.61 -24.97 16.24
N32 V5D F . 23.14 -19.38 7.59
O18 V5D F . 19.14 -28.74 13.57
C1 GOL G . 3.53 -6.80 4.60
O1 GOL G . 3.15 -8.03 4.02
C2 GOL G . 4.21 -5.88 3.59
O2 GOL G . 5.61 -6.07 3.60
C3 GOL G . 3.88 -4.42 3.89
O3 GOL G . 4.98 -3.58 3.64
C1 GOL H . 20.56 -5.88 -5.67
O1 GOL H . 20.33 -5.64 -4.29
C2 GOL H . 19.27 -6.27 -6.37
O2 GOL H . 19.47 -7.36 -7.25
C3 GOL H . 18.74 -5.07 -7.15
O3 GOL H . 19.54 -3.94 -6.87
ZN ZN I . 3.23 -19.92 20.43
CHA HEM J . 11.85 -22.13 37.07
CHB HEM J . 15.46 -25.12 38.34
CHC HEM J . 12.69 -26.47 42.13
CHD HEM J . 8.90 -23.95 40.54
C1A HEM J . 13.12 -22.69 37.12
C2A HEM J . 14.33 -22.31 36.40
C3A HEM J . 15.31 -23.15 36.75
C4A HEM J . 14.77 -24.09 37.71
CMA HEM J . 16.77 -23.15 36.27
CAA HEM J . 14.47 -21.16 35.38
CBA HEM J . 14.58 -19.84 36.13
CGA HEM J . 15.68 -19.02 35.53
O1A HEM J . 16.32 -19.51 34.59
O2A HEM J . 15.91 -17.87 35.98
C1B HEM J . 15.02 -25.76 39.49
C2B HEM J . 15.76 -26.75 40.27
C3B HEM J . 15.00 -27.12 41.30
C4B HEM J . 13.75 -26.37 41.24
CMB HEM J . 17.18 -27.31 40.00
CAB HEM J . 15.50 -28.17 42.33
CBB HEM J . 14.71 -28.83 43.20
C1C HEM J . 11.44 -25.90 42.05
C2C HEM J . 10.38 -26.05 43.05
C3C HEM J . 9.31 -25.37 42.62
C4C HEM J . 9.68 -24.76 41.35
CMC HEM J . 10.57 -26.90 44.32
CAC HEM J . 7.91 -25.19 43.26
CBC HEM J . 7.50 -25.81 44.40
C1D HEM J . 9.41 -23.21 39.49
C2D HEM J . 8.70 -22.16 38.80
C3D HEM J . 9.50 -21.66 37.86
C4D HEM J . 10.76 -22.37 37.89
CMD HEM J . 7.25 -21.68 39.12
CAD HEM J . 9.13 -20.52 36.89
CBD HEM J . 9.69 -19.21 37.43
CGD HEM J . 9.23 -18.05 36.59
O1D HEM J . 8.37 -18.23 35.69
O2D HEM J . 9.72 -16.92 36.83
NA HEM J . 13.45 -23.76 37.92
NB HEM J . 13.79 -25.56 40.11
NC HEM J . 10.97 -25.10 41.04
ND HEM J . 10.68 -23.32 38.92
FE HEM J . 12.14 -24.67 39.33
C02 V5D K . 15.47 -22.92 41.53
C03 V5D K . 14.58 -23.33 42.51
C04 V5D K . 13.29 -22.80 42.54
C05 V5D K . 12.93 -21.87 41.58
C06 V5D K . 13.85 -21.47 40.62
C07 V5D K . 13.44 -20.45 39.57
C08 V5D K . 13.76 -19.02 39.95
C09 V5D K . 13.10 -18.06 38.96
C10 V5D K . 13.23 -16.62 39.44
C12 V5D K . 13.18 -15.85 37.16
C13 V5D K . 13.08 -14.55 36.38
C14 V5D K . 11.97 -13.73 36.49
C15 V5D K . 11.89 -12.55 35.77
C16 V5D K . 12.94 -12.16 34.94
C17 V5D K . 14.06 -12.98 34.83
C19 V5D K . 14.71 -11.75 32.74
C20 V5D K . 14.52 -12.65 31.54
C21 V5D K . 14.14 -12.12 30.31
C22 V5D K . 13.96 -12.95 29.21
C23 V5D K . 14.17 -14.32 29.34
C24 V5D K . 13.99 -15.16 28.25
C25 V5D K . 14.21 -16.52 28.43
C26 V5D K . 14.60 -17.01 29.68
C29 V5D K . 14.54 -14.85 30.58
C30 V5D K . 14.73 -14.02 31.66
C31 V5D K . 14.13 -14.16 35.54
N01 V5D K . 16.73 -23.42 41.51
N11 V5D K . 12.53 -15.74 38.48
N27 V5D K . 14.81 -18.33 29.85
N28 V5D K . 14.76 -16.17 30.73
N32 V5D K . 15.09 -22.01 40.62
O18 V5D K . 15.21 -12.57 33.92
C1 GOL L . -4.33 -33.16 34.26
O1 GOL L . -5.42 -32.32 34.60
C2 GOL L . -3.93 -34.04 35.45
O2 GOL L . -2.94 -33.40 36.21
C3 GOL L . -3.42 -35.40 34.95
O3 GOL L . -2.49 -35.94 35.88
CHA HEM M . -17.88 21.06 -9.27
CHB HEM M . -19.44 25.63 -9.02
CHC HEM M . -18.64 25.52 -4.21
CHD HEM M . -16.17 21.42 -4.69
C1A HEM M . -18.51 22.25 -9.61
C2A HEM M . -19.29 22.52 -10.81
C3A HEM M . -19.73 23.78 -10.74
C4A HEM M . -19.23 24.36 -9.49
CMA HEM M . -20.57 24.57 -11.78
CAA HEM M . -19.57 21.50 -11.95
CBA HEM M . -21.06 21.23 -11.85
CGA HEM M . -21.60 20.32 -12.92
O1A HEM M . -20.96 20.22 -14.00
O2A HEM M . -22.67 19.72 -12.68
C1B HEM M . -19.43 25.99 -7.68
C2B HEM M . -20.01 27.17 -7.10
C3B HEM M . -19.77 27.15 -5.78
C4B HEM M . -19.05 25.94 -5.47
CMB HEM M . -20.75 28.31 -7.85
CAB HEM M . -20.26 28.27 -4.82
CBB HEM M . -19.57 28.62 -3.72
C1C HEM M . -17.90 24.40 -3.87
C2C HEM M . -17.42 24.02 -2.54
C3C HEM M . -16.75 22.85 -2.70
C4C HEM M . -16.77 22.50 -4.10
CMC HEM M . -17.69 24.80 -1.23
CAC HEM M . -16.00 21.99 -1.64
CBC HEM M . -15.59 22.49 -0.48
C1D HEM M . -16.46 20.94 -5.96
C2D HEM M . -16.03 19.67 -6.50
C3D HEM M . -16.48 19.58 -7.76
C4D HEM M . -17.24 20.79 -8.07
CMD HEM M . -15.19 18.60 -5.78
CAD HEM M . -16.29 18.37 -8.69
CBD HEM M . -17.55 17.53 -8.46
CGD HEM M . -17.60 16.31 -9.32
O1D HEM M . -16.52 15.91 -9.85
O2D HEM M . -18.70 15.71 -9.46
NA HEM M . -18.50 23.39 -8.84
NB HEM M . -18.85 25.26 -6.66
NC HEM M . -17.48 23.46 -4.76
ND HEM M . -17.19 21.60 -6.94
FE HEM M . -17.68 23.55 -6.87
C02 V5D N . -22.13 23.87 -6.68
C03 V5D N . -21.59 23.85 -5.39
C04 V5D N . -20.91 22.72 -4.95
C05 V5D N . -20.80 21.63 -5.79
C06 V5D N . -21.37 21.67 -7.06
C07 V5D N . -21.23 20.49 -8.01
C08 V5D N . -22.46 19.58 -8.05
C09 V5D N . -22.08 18.33 -8.82
C10 V5D N . -23.17 17.26 -8.83
C12 V5D N . -22.87 16.45 -11.09
C13 V5D N . -22.52 15.28 -12.01
C14 V5D N . -21.68 14.27 -11.57
C15 V5D N . -21.36 13.21 -12.41
C16 V5D N . -21.89 13.17 -13.70
C17 V5D N . -22.74 14.17 -14.15
C19 V5D N . -22.56 13.11 -16.41
C20 V5D N . -21.50 13.84 -17.22
C21 V5D N . -20.81 13.21 -18.25
C22 V5D N . -19.84 13.90 -18.98
C23 V5D N . -19.56 15.23 -18.68
C24 V5D N . -18.59 15.93 -19.39
C25 V5D N . -18.35 17.25 -19.04
C26 V5D N . -19.05 17.85 -18.01
C29 V5D N . -20.24 15.86 -17.64
C30 V5D N . -21.21 15.17 -16.92
C31 V5D N . -23.05 15.23 -13.30
N01 V5D N . -22.78 24.96 -7.13
N11 V5D N . -22.73 16.12 -9.66
N27 V5D N . -18.83 19.14 -17.67
N28 V5D N . -19.98 17.15 -17.33
N32 V5D N . -22.01 22.79 -7.47
O18 V5D N . -23.32 14.12 -15.54
C1 GOL O . 1.31 22.32 -2.91
O1 GOL O . 0.77 21.02 -2.79
C2 GOL O . 1.09 23.11 -1.62
O2 GOL O . -0.22 23.65 -1.64
C3 GOL O . 2.13 24.21 -1.49
O3 GOL O . 1.59 25.47 -1.82
C1 GOL P . -13.51 29.58 8.62
O1 GOL P . -12.85 30.09 7.49
C2 GOL P . -13.03 28.17 8.94
O2 GOL P . -14.07 27.31 9.37
C3 GOL P . -11.94 28.27 9.99
O3 GOL P . -11.04 29.28 9.59
ZN ZN Q . -4.89 14.35 -21.20
CHA HEM R . -12.31 20.63 -37.43
CHB HEM R . -16.88 20.32 -39.10
CHC HEM R . -15.04 18.65 -43.29
CHD HEM R . -10.65 18.22 -41.34
C1A HEM R . -13.68 20.83 -37.55
C2A HEM R . -14.53 21.66 -36.70
C3A HEM R . -15.79 21.58 -37.15
C4A HEM R . -15.80 20.70 -38.30
CMA HEM R . -17.02 22.30 -36.53
CAA HEM R . -14.06 22.48 -35.49
CBA HEM R . -13.66 23.88 -35.98
CGA HEM R . -13.91 24.89 -34.90
O1A HEM R . -14.47 24.53 -33.83
O2A HEM R . -13.54 26.07 -35.10
C1B HEM R . -16.80 19.85 -40.41
C2B HEM R . -17.89 19.65 -41.34
C3B HEM R . -17.39 19.18 -42.50
C4B HEM R . -15.96 19.07 -42.34
CMB HEM R . -19.41 19.90 -41.09
CAB HEM R . -18.28 18.87 -43.73
CBB HEM R . -17.95 18.02 -44.71
C1C HEM R . -13.70 18.39 -43.14
C2C HEM R . -12.81 17.89 -44.17
C3C HEM R . -11.58 17.78 -43.63
C4C HEM R . -11.68 18.20 -42.24
CMC HEM R . -13.28 17.59 -45.61
CAC HEM R . -10.25 17.29 -44.24
CBC HEM R . -10.12 16.80 -45.47
C1D HEM R . -10.73 18.88 -40.13
C2D HEM R . -9.59 19.19 -39.27
C3D HEM R . -10.05 19.85 -38.20
C4D HEM R . -11.49 19.99 -38.33
CMD HEM R . -8.12 18.81 -39.56
CAD HEM R . -9.19 20.37 -37.03
CBD HEM R . -8.82 21.82 -37.29
CGD HEM R . -7.93 22.36 -36.20
O1D HEM R . -7.26 21.58 -35.48
O2D HEM R . -7.87 23.61 -36.07
NA HEM R . -14.50 20.28 -38.51
NB HEM R . -15.63 19.48 -41.05
NC HEM R . -12.97 18.55 -41.98
ND HEM R . -11.88 19.38 -39.53
FE HEM R . -13.81 19.09 -40.14
C02 V5D S . -15.47 22.96 -41.81
C03 V5D S . -14.99 22.17 -42.85
C04 V5D S . -13.67 21.75 -42.84
C05 V5D S . -12.83 22.12 -41.80
C06 V5D S . -13.34 22.93 -40.79
C07 V5D S . -12.40 23.30 -39.65
C08 V5D S . -12.12 24.79 -39.56
C09 V5D S . -10.85 25.00 -38.76
C10 V5D S . -10.53 26.47 -38.61
C12 V5D S . -10.25 26.71 -36.21
C13 V5D S . -9.39 27.37 -35.14
C14 V5D S . -8.02 27.15 -35.09
C15 V5D S . -7.24 27.75 -34.12
C16 V5D S . -7.82 28.60 -33.18
C17 V5D S . -9.20 28.83 -33.21
C19 V5D S . -8.99 29.93 -30.94
C20 V5D S . -9.40 28.89 -29.91
C21 V5D S . -8.91 28.94 -28.61
C22 V5D S . -9.29 27.98 -27.67
C23 V5D S . -10.18 26.97 -28.04
C24 V5D S . -10.57 26.01 -27.13
C25 V5D S . -11.47 25.03 -27.54
C26 V5D S . -11.93 25.04 -28.86
C29 V5D S . -10.67 26.93 -29.35
C30 V5D S . -10.28 27.90 -30.27
C31 V5D S . -9.98 28.22 -34.19
N01 V5D S . -16.74 23.39 -41.83
N11 V5D S . -9.56 26.67 -37.52
N27 V5D S . -12.81 24.08 -29.28
N28 V5D S . -11.53 25.97 -29.75
N32 V5D S . -14.64 23.32 -40.81
O18 V5D S . -9.85 29.75 -32.19
C1 GOL T . -4.86 1.38 -38.08
O1 GOL T . -4.05 2.53 -37.97
C2 GOL T . -5.83 1.52 -39.26
O2 GOL T . -5.93 2.85 -39.70
C3 GOL T . -7.21 0.98 -38.87
O3 GOL T . -8.16 1.24 -39.89
#